data_2VCG
#
_entry.id   2VCG
#
_cell.length_a   67.664
_cell.length_b   93.633
_cell.length_c   121.664
_cell.angle_alpha   90.00
_cell.angle_beta   103.99
_cell.angle_gamma   90.00
#
_symmetry.space_group_name_H-M   'P 1 21 1'
#
loop_
_entity.id
_entity.type
_entity.pdbx_description
1 polymer 'HISTONE DEACETYLASE-LIKE AMIDOHYDROLASE'
2 non-polymer 'ZINC ION'
3 non-polymer 'POTASSIUM ION'
4 non-polymer 'methyl 4-bromo-N-[8-(hydroxyamino)-8-oxooctanoyl]-L-phenylalaninate'
5 non-polymer GLYCEROL
6 non-polymer 'CHLORIDE ION'
7 water water
#
_entity_poly.entity_id   1
_entity_poly.type   'polypeptide(L)'
_entity_poly.pdbx_seq_one_letter_code
;MHHHHHHAIGYVWNTLYGWVDTGTGSLAAANLTARMQPISHHLAHPDTKRRFHELVCASGQIEHLTPIAAVAATDADILR
AHSAAHLENMKRVSNLPTGGDTGDGITMMGNGGLEIARLSAGGAVELTRRVATGELSAGYALVNPPGHHAPHNAAMGFCI
FNNTSVAAGYARAVLGMERVAILDWDVHHGNGTQDIWWNDPSVLTISLHQHLCFPPDSGYSTERGAGNGHGYNINVPLPP
GSGNAAYLHAMDQVVLPALRAYRPQLIIVGSGFDASMLDPLARMMVTADGFRQMARRTIDCAADICDGRIVFVQEGGYSP
HYLPFCGLAVIEELTGVRSLPDPYHEFLAGMGGNTLLDAERAAIEEIVPLLADIR
;
_entity_poly.pdbx_strand_id   A,B,C,D
#
loop_
_chem_comp.id
_chem_comp.type
_chem_comp.name
_chem_comp.formula
CL non-polymer 'CHLORIDE ION' 'Cl -1'
GOL non-polymer GLYCEROL 'C3 H8 O3'
K non-polymer 'POTASSIUM ION' 'K 1'
S17 non-polymer 'methyl 4-bromo-N-[8-(hydroxyamino)-8-oxooctanoyl]-L-phenylalaninate' 'C18 H25 Br N2 O5'
ZN non-polymer 'ZINC ION' 'Zn 2'
#
# COMPACT_ATOMS: atom_id res chain seq x y z
N HIS A 7 -45.78 -15.79 40.55
CA HIS A 7 -44.44 -16.42 40.79
C HIS A 7 -43.33 -15.38 40.67
N ALA A 8 -42.30 -15.52 41.49
CA ALA A 8 -41.27 -14.51 41.57
C ALA A 8 -40.28 -14.75 40.44
N ILE A 9 -40.11 -13.74 39.59
CA ILE A 9 -39.22 -13.87 38.45
C ILE A 9 -38.00 -12.98 38.64
N GLY A 10 -36.84 -13.61 38.78
CA GLY A 10 -35.59 -12.93 39.04
C GLY A 10 -35.10 -12.25 37.77
N TYR A 11 -34.38 -11.15 37.95
CA TYR A 11 -33.92 -10.39 36.82
C TYR A 11 -32.59 -9.78 37.21
N VAL A 12 -31.55 -10.07 36.43
CA VAL A 12 -30.24 -9.50 36.69
C VAL A 12 -29.82 -8.54 35.60
N TRP A 13 -29.57 -7.29 36.01
CA TRP A 13 -28.87 -6.34 35.18
C TRP A 13 -27.93 -5.58 36.10
N ASN A 14 -26.66 -5.55 35.73
CA ASN A 14 -25.68 -4.78 36.47
C ASN A 14 -25.23 -3.71 35.50
N THR A 15 -25.14 -2.47 35.99
CA THR A 15 -24.71 -1.33 35.18
C THR A 15 -23.47 -1.62 34.37
N LEU A 16 -22.50 -2.31 34.97
CA LEU A 16 -21.23 -2.60 34.29
C LEU A 16 -21.38 -3.50 33.04
N TYR A 17 -22.45 -4.27 33.00
CA TYR A 17 -22.76 -5.08 31.81
C TYR A 17 -22.83 -4.20 30.58
N GLY A 18 -23.30 -2.97 30.75
CA GLY A 18 -23.38 -1.99 29.67
C GLY A 18 -22.11 -1.18 29.45
N TRP A 19 -21.09 -1.42 30.27
CA TRP A 19 -19.80 -0.72 30.15
C TRP A 19 -18.72 -1.57 29.51
N VAL A 20 -19.05 -2.79 29.11
CA VAL A 20 -18.02 -3.66 28.50
C VAL A 20 -17.51 -2.92 27.26
N ASP A 21 -16.19 -2.72 27.24
CA ASP A 21 -15.52 -1.91 26.21
C ASP A 21 -15.26 -2.77 24.98
N THR A 22 -15.89 -2.39 23.88
CA THR A 22 -15.82 -3.16 22.64
C THR A 22 -14.94 -2.45 21.61
N GLY A 23 -14.17 -1.46 22.07
CA GLY A 23 -13.17 -0.77 21.25
C GLY A 23 -13.73 0.08 20.13
N THR A 24 -12.92 0.26 19.09
CA THR A 24 -13.26 1.15 17.96
C THR A 24 -13.33 0.40 16.62
N GLY A 25 -13.22 -0.93 16.69
CA GLY A 25 -13.37 -1.77 15.51
C GLY A 25 -14.80 -2.23 15.31
N SER A 26 -15.03 -2.84 14.16
CA SER A 26 -16.35 -3.41 13.85
C SER A 26 -16.54 -4.77 14.51
N LEU A 27 -15.49 -5.58 14.48
CA LEU A 27 -15.50 -6.95 14.99
C LEU A 27 -14.09 -7.29 15.41
N ALA A 28 -13.20 -7.36 14.41
CA ALA A 28 -11.78 -7.16 14.62
C ALA A 28 -11.61 -5.68 14.92
N ALA A 29 -10.43 -5.28 15.39
CA ALA A 29 -10.18 -3.87 15.66
C ALA A 29 -10.17 -3.09 14.34
N ALA A 30 -10.39 -1.78 14.44
CA ALA A 30 -9.99 -0.86 13.39
C ALA A 30 -8.58 -1.28 12.99
N ASN A 31 -8.34 -1.40 11.70
CA ASN A 31 -7.06 -1.86 11.18
C ASN A 31 -6.72 -0.94 10.01
N LEU A 32 -5.80 -0.01 10.24
CA LEU A 32 -5.52 0.99 9.21
C LEU A 32 -4.96 0.40 7.91
N THR A 33 -4.09 -0.59 8.01
CA THR A 33 -3.47 -1.12 6.79
C THR A 33 -4.50 -1.93 5.99
N ALA A 34 -5.45 -2.57 6.69
CA ALA A 34 -6.57 -3.26 6.04
C ALA A 34 -7.60 -2.26 5.52
N ARG A 35 -7.45 -1.00 5.92
CA ARG A 35 -8.40 0.08 5.62
C ARG A 35 -9.78 -0.20 6.21
N MET A 36 -9.77 -0.71 7.43
CA MET A 36 -10.98 -0.92 8.21
C MET A 36 -11.11 0.30 9.08
N GLN A 37 -11.95 1.20 8.58
CA GLN A 37 -12.17 2.48 9.22
C GLN A 37 -12.70 2.28 10.63
N PRO A 38 -12.17 3.06 11.61
CA PRO A 38 -12.72 2.99 12.96
C PRO A 38 -14.23 3.25 12.92
N ILE A 39 -14.95 2.61 13.83
CA ILE A 39 -16.39 2.84 13.96
C ILE A 39 -16.71 2.96 15.45
N SER A 40 -17.68 3.81 15.79
CA SER A 40 -18.01 4.02 17.22
C SER A 40 -18.94 2.94 17.77
N HIS A 41 -19.70 2.28 16.90
CA HIS A 41 -20.48 1.13 17.35
C HIS A 41 -19.99 -0.20 16.79
N HIS A 42 -19.14 -0.85 17.58
CA HIS A 42 -18.68 -2.20 17.33
C HIS A 42 -19.91 -3.08 17.15
N LEU A 43 -19.77 -4.20 16.44
CA LEU A 43 -20.85 -5.18 16.36
C LEU A 43 -21.36 -5.59 17.75
N ALA A 44 -20.41 -5.90 18.62
CA ALA A 44 -20.68 -6.41 19.97
C ALA A 44 -20.93 -5.30 21.01
N HIS A 45 -21.15 -4.07 20.54
CA HIS A 45 -21.34 -2.94 21.44
C HIS A 45 -22.41 -3.24 22.50
N PRO A 46 -22.11 -2.97 23.78
CA PRO A 46 -23.01 -3.26 24.89
C PRO A 46 -24.37 -2.56 24.82
N ASP A 47 -24.52 -1.58 23.92
CA ASP A 47 -25.79 -0.83 23.77
C ASP A 47 -26.99 -1.71 23.47
N THR A 48 -26.78 -2.74 22.64
CA THR A 48 -27.86 -3.61 22.24
C THR A 48 -28.48 -4.26 23.47
N LYS A 49 -27.62 -4.77 24.35
CA LYS A 49 -28.10 -5.39 25.57
C LYS A 49 -28.64 -4.34 26.56
N ARG A 50 -28.03 -3.17 26.58
N ARG A 50 -28.04 -3.16 26.60
CA ARG A 50 -28.51 -2.08 27.42
CA ARG A 50 -28.59 -2.11 27.47
C ARG A 50 -29.94 -1.67 27.01
C ARG A 50 -29.97 -1.67 27.03
N ARG A 51 -30.18 -1.55 25.70
CA ARG A 51 -31.50 -1.22 25.18
C ARG A 51 -32.57 -2.27 25.57
N PHE A 52 -32.17 -3.53 25.59
CA PHE A 52 -33.01 -4.61 26.13
C PHE A 52 -33.36 -4.33 27.59
N HIS A 53 -32.35 -4.09 28.41
CA HIS A 53 -32.61 -3.73 29.81
C HIS A 53 -33.54 -2.54 29.90
N GLU A 54 -33.25 -1.50 29.13
CA GLU A 54 -34.04 -0.28 29.23
C GLU A 54 -35.48 -0.52 28.80
N LEU A 55 -35.67 -1.42 27.84
CA LEU A 55 -37.02 -1.81 27.44
C LEU A 55 -37.76 -2.60 28.53
N VAL A 56 -37.04 -3.48 29.21
CA VAL A 56 -37.59 -4.19 30.35
C VAL A 56 -38.15 -3.18 31.35
N CYS A 57 -37.42 -2.09 31.54
CA CYS A 57 -37.82 -1.04 32.46
C CYS A 57 -38.93 -0.17 31.92
N ALA A 58 -38.69 0.45 30.76
CA ALA A 58 -39.66 1.37 30.15
C ALA A 58 -41.00 0.71 29.81
N SER A 59 -41.00 -0.61 29.53
CA SER A 59 -42.22 -1.37 29.28
C SER A 59 -43.04 -1.59 30.56
N GLY A 60 -42.39 -1.46 31.71
CA GLY A 60 -43.00 -1.73 33.00
C GLY A 60 -42.85 -3.18 33.41
N GLN A 61 -42.19 -3.99 32.58
CA GLN A 61 -41.91 -5.38 32.95
C GLN A 61 -41.15 -5.45 34.26
N ILE A 62 -40.23 -4.52 34.44
CA ILE A 62 -39.40 -4.48 35.65
C ILE A 62 -40.24 -4.47 36.93
N GLU A 63 -41.44 -3.91 36.87
CA GLU A 63 -42.33 -3.93 38.04
C GLU A 63 -42.85 -5.35 38.38
N HIS A 64 -42.81 -6.26 37.40
CA HIS A 64 -43.25 -7.64 37.63
C HIS A 64 -42.07 -8.55 37.89
N LEU A 65 -40.88 -7.95 37.89
CA LEU A 65 -39.65 -8.68 38.10
C LEU A 65 -39.06 -8.43 39.49
N THR A 66 -38.31 -9.40 39.97
CA THR A 66 -37.58 -9.27 41.22
C THR A 66 -36.12 -9.02 40.85
N PRO A 67 -35.68 -7.76 40.94
CA PRO A 67 -34.27 -7.49 40.64
C PRO A 67 -33.32 -8.24 41.57
N ILE A 68 -32.35 -8.93 40.99
CA ILE A 68 -31.40 -9.72 41.73
C ILE A 68 -30.03 -9.15 41.43
N ALA A 69 -29.30 -8.74 42.48
CA ALA A 69 -27.96 -8.22 42.26
C ALA A 69 -27.00 -9.33 41.82
N ALA A 70 -26.20 -9.04 40.80
CA ALA A 70 -25.13 -9.95 40.46
C ALA A 70 -24.15 -9.97 41.64
N VAL A 71 -23.56 -11.13 41.88
CA VAL A 71 -22.44 -11.27 42.82
C VAL A 71 -21.29 -11.75 41.96
N ALA A 72 -20.10 -11.20 42.17
CA ALA A 72 -18.93 -11.58 41.38
C ALA A 72 -18.68 -13.09 41.46
N ALA A 73 -18.60 -13.76 40.32
CA ALA A 73 -18.26 -15.17 40.33
C ALA A 73 -16.85 -15.29 40.93
N THR A 74 -16.73 -16.13 41.94
CA THR A 74 -15.45 -16.36 42.59
C THR A 74 -14.60 -17.27 41.73
N ASP A 75 -13.32 -17.35 42.07
CA ASP A 75 -12.42 -18.30 41.44
C ASP A 75 -12.98 -19.73 41.50
N ALA A 76 -13.49 -20.11 42.67
CA ALA A 76 -14.12 -21.44 42.82
C ALA A 76 -15.22 -21.64 41.79
N ASP A 77 -16.10 -20.64 41.65
CA ASP A 77 -17.18 -20.69 40.66
C ASP A 77 -16.69 -20.92 39.26
N ILE A 78 -15.71 -20.10 38.86
CA ILE A 78 -15.17 -20.12 37.51
C ILE A 78 -14.50 -21.45 37.21
N LEU A 79 -13.78 -21.97 38.20
CA LEU A 79 -13.03 -23.22 38.05
C LEU A 79 -13.93 -24.45 37.88
N ARG A 80 -15.22 -24.32 38.18
CA ARG A 80 -16.18 -25.40 37.93
C ARG A 80 -16.50 -25.57 36.44
N ALA A 81 -16.17 -24.55 35.65
CA ALA A 81 -16.39 -24.61 34.21
C ALA A 81 -15.08 -24.45 33.43
N HIS A 82 -14.10 -23.78 34.03
CA HIS A 82 -12.86 -23.45 33.34
C HIS A 82 -11.58 -23.97 34.01
N SER A 83 -10.55 -24.16 33.19
CA SER A 83 -9.23 -24.54 33.69
C SER A 83 -8.65 -23.42 34.54
N ALA A 84 -7.74 -23.79 35.43
CA ALA A 84 -7.00 -22.84 36.23
C ALA A 84 -6.17 -21.93 35.33
N ALA A 85 -5.65 -22.49 34.24
CA ALA A 85 -4.81 -21.73 33.31
C ALA A 85 -5.61 -20.59 32.67
N HIS A 86 -6.86 -20.86 32.29
CA HIS A 86 -7.71 -19.85 31.68
C HIS A 86 -7.99 -18.75 32.68
N LEU A 87 -8.42 -19.14 33.88
CA LEU A 87 -8.69 -18.17 34.93
C LEU A 87 -7.46 -17.30 35.17
N GLU A 88 -6.28 -17.92 35.29
CA GLU A 88 -5.03 -17.16 35.49
C GLU A 88 -4.78 -16.18 34.37
N ASN A 89 -4.92 -16.67 33.14
CA ASN A 89 -4.77 -15.87 31.95
C ASN A 89 -5.70 -14.66 31.91
N MET A 90 -6.95 -14.85 32.35
CA MET A 90 -7.89 -13.74 32.37
C MET A 90 -7.48 -12.73 33.44
N LYS A 91 -6.98 -13.22 34.58
CA LYS A 91 -6.40 -12.33 35.59
C LYS A 91 -5.23 -11.56 34.98
N ARG A 92 -4.33 -12.28 34.32
CA ARG A 92 -3.17 -11.68 33.68
C ARG A 92 -3.56 -10.56 32.72
N VAL A 93 -4.49 -10.85 31.82
CA VAL A 93 -4.94 -9.91 30.78
C VAL A 93 -5.62 -8.69 31.40
N SER A 94 -6.51 -8.93 32.37
CA SER A 94 -7.20 -7.83 33.03
C SER A 94 -6.24 -6.94 33.85
N ASN A 95 -5.17 -7.55 34.37
CA ASN A 95 -4.16 -6.80 35.12
C ASN A 95 -3.25 -5.94 34.24
N LEU A 96 -3.14 -6.26 32.96
CA LEU A 96 -2.39 -5.43 32.01
C LEU A 96 -2.87 -3.98 32.03
N PRO A 97 -1.92 -3.02 31.89
CA PRO A 97 -2.16 -1.58 32.06
C PRO A 97 -3.41 -1.07 31.35
N THR A 98 -3.61 -1.52 30.11
CA THR A 98 -4.78 -1.16 29.32
C THR A 98 -5.50 -2.42 28.83
N GLY A 99 -5.41 -3.49 29.61
CA GLY A 99 -5.98 -4.79 29.23
C GLY A 99 -5.32 -5.34 27.99
N GLY A 100 -6.07 -6.13 27.23
CA GLY A 100 -5.54 -6.67 25.97
C GLY A 100 -6.27 -7.86 25.39
N ASP A 101 -5.57 -8.55 24.50
CA ASP A 101 -6.04 -9.73 23.79
C ASP A 101 -6.19 -10.91 24.75
N THR A 102 -7.38 -11.49 24.82
CA THR A 102 -7.59 -12.65 25.69
C THR A 102 -7.10 -13.95 25.06
N GLY A 103 -6.66 -13.88 23.81
CA GLY A 103 -6.10 -15.05 23.13
C GLY A 103 -6.44 -15.20 21.66
N ASP A 104 -7.60 -14.70 21.26
CA ASP A 104 -8.08 -14.95 19.89
C ASP A 104 -7.91 -13.74 18.96
N GLY A 105 -7.34 -12.67 19.49
CA GLY A 105 -7.09 -11.46 18.70
C GLY A 105 -8.32 -10.59 18.51
N ILE A 106 -9.46 -11.07 19.00
CA ILE A 106 -10.74 -10.41 18.83
C ILE A 106 -11.35 -10.05 20.18
N THR A 107 -11.34 -11.04 21.08
CA THR A 107 -11.99 -10.91 22.37
C THR A 107 -11.06 -10.15 23.32
N MET A 108 -11.42 -8.92 23.59
CA MET A 108 -10.58 -8.01 24.35
C MET A 108 -11.10 -7.85 25.76
N MET A 109 -10.18 -7.66 26.69
CA MET A 109 -10.58 -7.27 28.02
C MET A 109 -9.74 -6.05 28.37
N GLY A 110 -10.40 -5.01 28.87
CA GLY A 110 -9.71 -3.80 29.32
C GLY A 110 -9.14 -4.01 30.71
N ASN A 111 -8.33 -3.07 31.17
CA ASN A 111 -7.76 -3.18 32.52
C ASN A 111 -8.90 -3.25 33.53
N GLY A 112 -8.85 -4.26 34.39
CA GLY A 112 -9.89 -4.49 35.38
C GLY A 112 -11.18 -5.03 34.78
N GLY A 113 -11.14 -5.45 33.53
CA GLY A 113 -12.33 -5.99 32.85
C GLY A 113 -12.78 -7.32 33.42
N LEU A 114 -11.89 -8.00 34.14
CA LEU A 114 -12.24 -9.23 34.81
C LEU A 114 -13.43 -9.01 35.75
N GLU A 115 -13.48 -7.85 36.40
CA GLU A 115 -14.60 -7.48 37.24
C GLU A 115 -15.93 -7.72 36.53
N ILE A 116 -16.05 -7.25 35.30
CA ILE A 116 -17.30 -7.39 34.58
C ILE A 116 -17.57 -8.85 34.22
N ALA A 117 -16.54 -9.54 33.74
CA ALA A 117 -16.61 -10.97 33.47
C ALA A 117 -17.08 -11.77 34.70
N ARG A 118 -16.54 -11.46 35.87
CA ARG A 118 -17.00 -12.09 37.11
C ARG A 118 -18.47 -11.78 37.40
N LEU A 119 -18.89 -10.53 37.17
CA LEU A 119 -20.27 -10.13 37.46
C LEU A 119 -21.25 -10.76 36.49
N SER A 120 -20.80 -10.96 35.26
CA SER A 120 -21.60 -11.61 34.23
C SER A 120 -21.86 -13.09 34.60
N ALA A 121 -20.80 -13.86 34.81
CA ALA A 121 -20.92 -15.24 35.26
C ALA A 121 -21.67 -15.34 36.59
N GLY A 122 -21.34 -14.43 37.50
CA GLY A 122 -21.91 -14.40 38.84
C GLY A 122 -23.38 -14.03 38.85
N GLY A 123 -23.82 -13.23 37.88
CA GLY A 123 -25.23 -12.93 37.65
C GLY A 123 -26.01 -14.21 37.35
N ALA A 124 -25.48 -15.02 36.44
CA ALA A 124 -26.06 -16.34 36.13
C ALA A 124 -26.08 -17.25 37.35
N VAL A 125 -24.99 -17.23 38.11
CA VAL A 125 -24.90 -18.06 39.33
C VAL A 125 -25.92 -17.64 40.40
N GLU A 126 -25.96 -16.34 40.72
CA GLU A 126 -26.89 -15.82 41.72
C GLU A 126 -28.34 -16.07 41.38
N LEU A 127 -28.68 -15.96 40.11
CA LEU A 127 -30.04 -16.22 39.70
C LEU A 127 -30.32 -17.69 39.85
N THR A 128 -29.37 -18.51 39.40
CA THR A 128 -29.48 -19.97 39.52
C THR A 128 -29.64 -20.40 40.97
N ARG A 129 -28.80 -19.85 41.83
CA ARG A 129 -28.88 -20.10 43.26
C ARG A 129 -30.31 -19.85 43.79
N ARG A 130 -30.82 -18.65 43.53
CA ARG A 130 -32.12 -18.23 44.06
C ARG A 130 -33.33 -18.95 43.46
N VAL A 131 -33.23 -19.37 42.21
CA VAL A 131 -34.27 -20.17 41.57
C VAL A 131 -34.27 -21.59 42.16
N ALA A 132 -33.07 -22.12 42.42
CA ALA A 132 -32.91 -23.45 43.04
C ALA A 132 -33.36 -23.53 44.50
N THR A 133 -33.20 -22.46 45.28
CA THR A 133 -33.73 -22.42 46.65
C THR A 133 -35.25 -22.37 46.68
N GLY A 134 -35.86 -22.07 45.54
CA GLY A 134 -37.30 -21.89 45.47
C GLY A 134 -37.69 -20.46 45.84
N GLU A 135 -36.69 -19.64 46.14
CA GLU A 135 -36.93 -18.23 46.38
C GLU A 135 -37.61 -17.59 45.16
N LEU A 136 -37.09 -17.92 43.97
CA LEU A 136 -37.70 -17.49 42.71
C LEU A 136 -38.10 -18.71 41.92
N SER A 137 -39.10 -18.57 41.06
CA SER A 137 -39.55 -19.68 40.25
C SER A 137 -38.70 -19.83 39.00
N ALA A 138 -38.22 -18.69 38.51
CA ALA A 138 -37.47 -18.61 37.26
C ALA A 138 -36.78 -17.26 37.19
N GLY A 139 -36.00 -17.04 36.12
CA GLY A 139 -35.38 -15.72 35.97
C GLY A 139 -34.68 -15.48 34.65
N TYR A 140 -34.33 -14.22 34.43
CA TYR A 140 -33.55 -13.84 33.25
C TYR A 140 -32.33 -13.06 33.73
N ALA A 141 -31.14 -13.55 33.39
CA ALA A 141 -29.94 -12.85 33.80
C ALA A 141 -29.45 -12.18 32.53
N LEU A 142 -29.64 -10.86 32.46
CA LEU A 142 -29.27 -10.10 31.26
C LEU A 142 -27.79 -9.72 31.29
N VAL A 143 -26.93 -10.73 31.16
CA VAL A 143 -25.54 -10.55 31.44
C VAL A 143 -24.78 -10.12 30.20
N ASN A 144 -23.58 -9.61 30.45
CA ASN A 144 -22.65 -9.24 29.41
C ASN A 144 -21.32 -9.05 30.10
N PRO A 145 -20.22 -9.61 29.56
CA PRO A 145 -20.04 -10.30 28.27
C PRO A 145 -20.74 -11.65 28.21
N PRO A 146 -21.00 -12.17 26.98
CA PRO A 146 -21.62 -13.48 26.83
C PRO A 146 -20.67 -14.64 27.16
N GLY A 147 -21.15 -15.86 26.99
CA GLY A 147 -20.41 -17.02 27.51
C GLY A 147 -20.17 -18.20 26.60
N HIS A 148 -21.12 -18.50 25.73
CA HIS A 148 -21.21 -19.87 25.19
C HIS A 148 -20.03 -20.31 24.30
N HIS A 149 -19.25 -19.36 23.81
CA HIS A 149 -18.04 -19.68 23.04
C HIS A 149 -16.82 -20.01 23.89
N ALA A 150 -16.79 -19.53 25.13
CA ALA A 150 -15.67 -19.83 26.03
C ALA A 150 -15.65 -21.32 26.37
N PRO A 151 -14.65 -22.05 25.86
CA PRO A 151 -14.47 -23.46 26.19
C PRO A 151 -13.77 -23.57 27.54
N HIS A 152 -13.48 -24.80 27.96
CA HIS A 152 -12.86 -25.03 29.25
C HIS A 152 -11.60 -24.19 29.41
N ASN A 153 -10.78 -24.14 28.36
CA ASN A 153 -9.45 -23.57 28.51
C ASN A 153 -9.20 -22.29 27.71
N ALA A 154 -10.26 -21.53 27.38
CA ALA A 154 -10.06 -20.29 26.62
C ALA A 154 -11.24 -19.30 26.69
N ALA A 155 -10.94 -18.05 26.32
CA ALA A 155 -11.94 -17.05 25.97
C ALA A 155 -12.05 -17.12 24.45
N MET A 156 -13.20 -16.75 23.91
CA MET A 156 -13.42 -16.82 22.47
C MET A 156 -14.70 -16.09 22.12
N GLY A 157 -14.73 -15.43 20.96
CA GLY A 157 -15.99 -14.96 20.38
C GLY A 157 -16.76 -14.05 21.32
N PHE A 158 -16.04 -13.08 21.89
CA PHE A 158 -16.56 -12.09 22.85
C PHE A 158 -16.78 -12.67 24.24
N CYS A 159 -16.58 -13.98 24.40
CA CYS A 159 -16.86 -14.66 25.66
C CYS A 159 -15.60 -14.88 26.47
N ILE A 160 -15.62 -14.38 27.71
CA ILE A 160 -14.50 -14.52 28.63
C ILE A 160 -14.65 -15.79 29.46
N PHE A 161 -15.81 -15.92 30.11
CA PHE A 161 -16.20 -17.13 30.83
C PHE A 161 -17.52 -17.64 30.30
N ASN A 162 -17.72 -18.94 30.40
CA ASN A 162 -18.94 -19.56 29.95
C ASN A 162 -19.96 -19.45 31.09
N ASN A 163 -20.71 -18.35 31.08
CA ASN A 163 -21.67 -18.05 32.13
C ASN A 163 -22.62 -19.19 32.49
N THR A 164 -23.21 -19.81 31.47
CA THR A 164 -24.20 -20.83 31.71
C THR A 164 -23.53 -22.07 32.27
N SER A 165 -22.31 -22.38 31.82
CA SER A 165 -21.56 -23.50 32.35
C SER A 165 -21.10 -23.26 33.78
N VAL A 166 -20.68 -22.04 34.08
CA VAL A 166 -20.40 -21.67 35.47
C VAL A 166 -21.63 -21.88 36.36
N ALA A 167 -22.80 -21.43 35.90
CA ALA A 167 -24.06 -21.66 36.62
C ALA A 167 -24.41 -23.14 36.76
N ALA A 168 -24.34 -23.90 35.66
CA ALA A 168 -24.57 -25.35 35.67
C ALA A 168 -23.64 -26.06 36.66
N GLY A 169 -22.35 -25.72 36.59
CA GLY A 169 -21.32 -26.28 37.49
C GLY A 169 -21.58 -25.94 38.93
N TYR A 170 -22.16 -24.76 39.17
CA TYR A 170 -22.59 -24.37 40.49
C TYR A 170 -23.79 -25.20 40.96
N ALA A 171 -24.79 -25.36 40.09
CA ALA A 171 -25.98 -26.15 40.41
C ALA A 171 -25.64 -27.62 40.67
N ARG A 172 -24.64 -28.12 39.95
CA ARG A 172 -24.10 -29.47 40.11
C ARG A 172 -23.35 -29.63 41.42
N ALA A 173 -22.31 -28.80 41.60
CA ALA A 173 -21.39 -28.96 42.72
C ALA A 173 -21.95 -28.43 44.04
N VAL A 174 -22.55 -27.25 44.00
CA VAL A 174 -22.97 -26.62 45.24
C VAL A 174 -24.39 -27.02 45.62
N LEU A 175 -25.28 -27.02 44.64
CA LEU A 175 -26.67 -27.28 44.92
C LEU A 175 -27.01 -28.77 44.84
N GLY A 176 -26.04 -29.56 44.38
CA GLY A 176 -26.16 -31.03 44.44
C GLY A 176 -27.11 -31.60 43.42
N MET A 177 -27.40 -30.83 42.37
CA MET A 177 -28.27 -31.34 41.32
C MET A 177 -27.48 -32.36 40.53
N GLU A 178 -28.15 -33.43 40.10
CA GLU A 178 -27.45 -34.49 39.41
C GLU A 178 -27.38 -34.24 37.90
N ARG A 179 -28.41 -33.59 37.38
CA ARG A 179 -28.52 -33.32 35.95
C ARG A 179 -28.95 -31.88 35.71
N VAL A 180 -28.26 -31.21 34.80
CA VAL A 180 -28.59 -29.85 34.40
C VAL A 180 -28.54 -29.85 32.88
N ALA A 181 -29.49 -29.16 32.26
CA ALA A 181 -29.48 -28.99 30.81
C ALA A 181 -29.21 -27.53 30.45
N ILE A 182 -28.35 -27.32 29.45
CA ILE A 182 -28.16 -25.99 28.88
C ILE A 182 -28.68 -25.98 27.45
N LEU A 183 -29.77 -25.27 27.25
CA LEU A 183 -30.35 -25.09 25.92
C LEU A 183 -29.88 -23.76 25.38
N ASP A 184 -29.13 -23.79 24.29
CA ASP A 184 -28.52 -22.59 23.77
C ASP A 184 -29.14 -22.27 22.40
N TRP A 185 -29.94 -21.19 22.33
CA TRP A 185 -30.55 -20.82 21.06
C TRP A 185 -30.00 -19.51 20.46
N ASP A 186 -28.93 -19.00 21.04
CA ASP A 186 -28.11 -18.02 20.35
C ASP A 186 -27.85 -18.66 18.98
N VAL A 187 -27.86 -17.86 17.93
CA VAL A 187 -27.73 -18.38 16.56
C VAL A 187 -26.39 -19.05 16.26
N HIS A 188 -25.38 -18.76 17.07
CA HIS A 188 -24.05 -19.31 16.86
C HIS A 188 -23.88 -20.57 17.69
N HIS A 189 -22.97 -21.44 17.25
CA HIS A 189 -22.76 -22.71 17.95
C HIS A 189 -22.13 -22.47 19.32
N GLY A 190 -22.74 -23.06 20.36
CA GLY A 190 -22.17 -23.01 21.69
C GLY A 190 -21.02 -23.99 21.84
N ASN A 191 -19.96 -23.77 21.07
CA ASN A 191 -18.79 -24.66 21.06
C ASN A 191 -18.17 -24.74 22.44
N GLY A 192 -18.27 -23.62 23.17
CA GLY A 192 -17.60 -23.52 24.45
C GLY A 192 -18.28 -24.43 25.45
N THR A 193 -19.60 -24.33 25.50
CA THR A 193 -20.41 -25.13 26.39
C THR A 193 -20.27 -26.62 26.04
N GLN A 194 -20.28 -26.90 24.74
CA GLN A 194 -20.08 -28.25 24.24
C GLN A 194 -18.72 -28.81 24.74
N ASP A 195 -17.67 -28.02 24.62
CA ASP A 195 -16.35 -28.42 25.09
C ASP A 195 -16.33 -28.74 26.61
N ILE A 196 -16.93 -27.86 27.40
CA ILE A 196 -16.84 -27.95 28.86
C ILE A 196 -17.45 -29.23 29.36
N TRP A 197 -18.59 -29.59 28.77
CA TRP A 197 -19.39 -30.69 29.25
C TRP A 197 -19.26 -31.93 28.37
N TRP A 198 -18.30 -31.90 27.45
CA TRP A 198 -18.08 -32.94 26.45
C TRP A 198 -18.11 -34.38 26.99
N ASN A 199 -17.41 -34.62 28.08
CA ASN A 199 -17.24 -35.96 28.62
C ASN A 199 -18.22 -36.24 29.76
N ASP A 200 -19.14 -35.30 29.98
CA ASP A 200 -19.90 -35.27 31.23
C ASP A 200 -21.40 -35.42 30.98
N PRO A 201 -21.98 -36.58 31.33
CA PRO A 201 -23.42 -36.81 31.10
C PRO A 201 -24.34 -36.08 32.07
N SER A 202 -23.78 -35.44 33.09
CA SER A 202 -24.58 -34.76 34.11
C SER A 202 -24.99 -33.34 33.68
N VAL A 203 -24.44 -32.88 32.55
CA VAL A 203 -24.89 -31.65 31.90
C VAL A 203 -25.19 -31.95 30.42
N LEU A 204 -26.46 -31.93 30.06
CA LEU A 204 -26.91 -32.04 28.69
C LEU A 204 -26.78 -30.67 28.02
N THR A 205 -26.04 -30.62 26.94
CA THR A 205 -25.81 -29.38 26.22
C THR A 205 -26.45 -29.49 24.85
N ILE A 206 -27.36 -28.57 24.58
CA ILE A 206 -28.08 -28.53 23.33
C ILE A 206 -27.81 -27.19 22.70
N SER A 207 -27.41 -27.18 21.43
CA SER A 207 -27.24 -25.94 20.71
C SER A 207 -28.08 -25.96 19.43
N LEU A 208 -28.96 -24.96 19.28
CA LEU A 208 -29.56 -24.64 17.97
C LEU A 208 -28.68 -23.55 17.39
N HIS A 209 -28.29 -23.68 16.11
CA HIS A 209 -27.44 -22.66 15.50
C HIS A 209 -27.50 -22.72 14.00
N GLN A 210 -27.26 -21.58 13.37
CA GLN A 210 -27.02 -21.58 11.94
C GLN A 210 -25.71 -22.34 11.65
N HIS A 211 -25.82 -23.32 10.76
CA HIS A 211 -24.75 -24.24 10.47
C HIS A 211 -23.52 -23.47 10.00
N LEU A 212 -22.41 -23.63 10.72
CA LEU A 212 -21.12 -23.04 10.35
C LEU A 212 -21.14 -21.51 10.31
N CYS A 213 -21.98 -20.88 11.14
CA CYS A 213 -22.06 -19.41 11.16
C CYS A 213 -20.86 -18.91 11.95
N PHE A 214 -20.80 -19.31 13.22
CA PHE A 214 -19.61 -19.12 14.04
C PHE A 214 -19.72 -20.07 15.25
N PRO A 215 -18.60 -20.72 15.63
CA PRO A 215 -17.29 -20.73 14.95
C PRO A 215 -17.28 -21.50 13.65
N PRO A 216 -16.21 -21.32 12.84
CA PRO A 216 -16.11 -22.09 11.61
C PRO A 216 -15.84 -23.54 11.98
N ASP A 217 -16.29 -24.47 11.14
CA ASP A 217 -15.96 -25.89 11.31
C ASP A 217 -16.37 -26.44 12.69
N SER A 218 -17.58 -26.09 13.13
CA SER A 218 -18.01 -26.36 14.49
C SER A 218 -19.53 -26.51 14.48
N GLY A 219 -20.04 -27.40 15.34
CA GLY A 219 -21.49 -27.53 15.57
C GLY A 219 -22.19 -28.54 14.71
N TYR A 220 -21.41 -29.42 14.06
CA TYR A 220 -22.00 -30.54 13.36
C TYR A 220 -22.76 -31.44 14.32
N SER A 221 -23.84 -32.05 13.85
CA SER A 221 -24.62 -32.98 14.68
C SER A 221 -23.87 -34.25 15.09
N THR A 222 -22.75 -34.53 14.43
CA THR A 222 -21.91 -35.70 14.75
C THR A 222 -21.11 -35.48 16.03
N GLU A 223 -21.14 -34.24 16.53
CA GLU A 223 -20.46 -33.87 17.78
C GLU A 223 -21.39 -34.17 18.94
N ARG A 224 -21.17 -35.31 19.58
CA ARG A 224 -22.16 -35.87 20.48
C ARG A 224 -21.63 -36.10 21.89
N GLY A 225 -20.40 -35.68 22.11
CA GLY A 225 -19.71 -35.90 23.36
C GLY A 225 -18.85 -37.14 23.30
N ALA A 226 -18.19 -37.44 24.40
CA ALA A 226 -17.33 -38.63 24.44
C ALA A 226 -17.48 -39.34 25.76
N GLY A 227 -17.08 -40.60 25.78
CA GLY A 227 -17.12 -41.44 26.97
C GLY A 227 -18.50 -41.47 27.56
N ASN A 228 -18.57 -41.19 28.86
CA ASN A 228 -19.81 -41.17 29.60
C ASN A 228 -20.72 -40.06 29.12
N GLY A 229 -20.11 -39.02 28.56
CA GLY A 229 -20.82 -37.89 27.99
C GLY A 229 -21.34 -38.07 26.58
N HIS A 230 -21.03 -39.22 25.96
CA HIS A 230 -21.56 -39.49 24.64
C HIS A 230 -23.08 -39.61 24.65
N GLY A 231 -23.72 -38.84 23.76
CA GLY A 231 -25.17 -38.78 23.67
C GLY A 231 -25.77 -37.63 24.46
N TYR A 232 -24.91 -36.84 25.09
CA TYR A 232 -25.34 -35.75 25.98
C TYR A 232 -24.88 -34.38 25.48
N ASN A 233 -24.53 -34.34 24.20
CA ASN A 233 -24.39 -33.09 23.48
C ASN A 233 -25.17 -33.22 22.20
N ILE A 234 -26.09 -32.29 21.99
CA ILE A 234 -26.92 -32.28 20.81
C ILE A 234 -26.80 -30.93 20.08
N ASN A 235 -26.25 -31.01 18.87
CA ASN A 235 -26.21 -29.86 17.96
C ASN A 235 -27.32 -29.97 16.95
N VAL A 236 -28.03 -28.87 16.77
CA VAL A 236 -29.06 -28.81 15.75
C VAL A 236 -28.64 -27.68 14.79
N PRO A 237 -27.71 -27.98 13.86
CA PRO A 237 -27.36 -26.98 12.86
C PRO A 237 -28.49 -26.77 11.87
N LEU A 238 -28.87 -25.51 11.67
CA LEU A 238 -29.98 -25.16 10.82
C LEU A 238 -29.50 -24.37 9.62
N PRO A 239 -30.21 -24.46 8.48
CA PRO A 239 -29.79 -23.67 7.31
C PRO A 239 -30.06 -22.17 7.45
N PRO A 240 -29.18 -21.32 6.87
CA PRO A 240 -29.52 -19.90 6.74
C PRO A 240 -30.96 -19.73 6.25
N GLY A 241 -31.66 -18.71 6.72
CA GLY A 241 -33.05 -18.48 6.32
C GLY A 241 -34.09 -19.21 7.16
N SER A 242 -33.65 -20.09 8.07
CA SER A 242 -34.54 -20.74 9.02
C SER A 242 -35.20 -19.69 9.87
N GLY A 243 -36.54 -19.77 9.97
CA GLY A 243 -37.31 -18.81 10.77
C GLY A 243 -38.07 -19.52 11.88
N ASN A 244 -39.20 -18.94 12.25
CA ASN A 244 -39.98 -19.47 13.37
C ASN A 244 -40.40 -20.93 13.18
N ALA A 245 -40.77 -21.30 11.97
CA ALA A 245 -41.26 -22.66 11.73
C ALA A 245 -40.15 -23.68 12.03
N ALA A 246 -38.95 -23.43 11.50
CA ALA A 246 -37.82 -24.34 11.66
C ALA A 246 -37.42 -24.42 13.14
N TYR A 247 -37.29 -23.27 13.80
CA TYR A 247 -36.95 -23.21 15.21
C TYR A 247 -37.94 -23.93 16.12
N LEU A 248 -39.24 -23.77 15.83
CA LEU A 248 -40.27 -24.39 16.68
C LEU A 248 -40.37 -25.88 16.41
N HIS A 249 -40.13 -26.26 15.17
CA HIS A 249 -40.01 -27.65 14.79
C HIS A 249 -38.83 -28.28 15.51
N ALA A 250 -37.69 -27.58 15.52
CA ALA A 250 -36.53 -28.03 16.31
C ALA A 250 -36.89 -28.18 17.80
N MET A 251 -37.58 -27.18 18.35
CA MET A 251 -38.08 -27.30 19.74
C MET A 251 -38.92 -28.56 19.94
N ASP A 252 -39.89 -28.78 19.05
CA ASP A 252 -40.90 -29.78 19.28
C ASP A 252 -40.43 -31.18 18.93
N GLN A 253 -39.54 -31.27 17.94
CA GLN A 253 -39.02 -32.57 17.49
C GLN A 253 -37.79 -33.02 18.24
N VAL A 254 -36.99 -32.06 18.72
CA VAL A 254 -35.68 -32.40 19.29
C VAL A 254 -35.49 -31.90 20.72
N VAL A 255 -35.62 -30.60 20.91
CA VAL A 255 -35.25 -30.00 22.17
C VAL A 255 -36.08 -30.49 23.35
N LEU A 256 -37.40 -30.32 23.24
CA LEU A 256 -38.30 -30.71 24.31
C LEU A 256 -38.32 -32.23 24.55
N PRO A 257 -38.36 -33.04 23.46
CA PRO A 257 -38.11 -34.47 23.72
C PRO A 257 -36.79 -34.74 24.42
N ALA A 258 -35.74 -34.01 24.07
CA ALA A 258 -34.41 -34.22 24.65
C ALA A 258 -34.44 -33.93 26.14
N LEU A 259 -35.04 -32.79 26.49
CA LEU A 259 -35.18 -32.36 27.89
C LEU A 259 -36.03 -33.36 28.67
N ARG A 260 -37.14 -33.77 28.08
CA ARG A 260 -38.04 -34.73 28.74
C ARG A 260 -37.32 -36.06 28.95
N ALA A 261 -36.51 -36.47 27.97
CA ALA A 261 -35.80 -37.74 28.06
C ALA A 261 -34.74 -37.66 29.15
N TYR A 262 -34.09 -36.50 29.23
CA TYR A 262 -32.95 -36.32 30.09
C TYR A 262 -33.33 -36.08 31.55
N ARG A 263 -34.48 -35.45 31.76
CA ARG A 263 -34.95 -35.09 33.09
C ARG A 263 -33.93 -34.25 33.88
N PRO A 264 -33.60 -33.03 33.41
CA PRO A 264 -32.73 -32.18 34.21
C PRO A 264 -33.46 -31.67 35.45
N GLN A 265 -32.72 -31.36 36.51
CA GLN A 265 -33.29 -30.68 37.68
C GLN A 265 -33.43 -29.18 37.44
N LEU A 266 -32.73 -28.70 36.41
CA LEU A 266 -32.64 -27.29 36.07
C LEU A 266 -32.38 -27.16 34.58
N ILE A 267 -33.11 -26.26 33.95
CA ILE A 267 -32.85 -25.92 32.58
C ILE A 267 -32.30 -24.51 32.56
N ILE A 268 -31.10 -24.36 31.99
CA ILE A 268 -30.49 -23.07 31.76
C ILE A 268 -30.57 -22.79 30.26
N VAL A 269 -31.09 -21.62 29.90
CA VAL A 269 -31.17 -21.23 28.50
C VAL A 269 -30.10 -20.20 28.21
N GLY A 270 -29.18 -20.55 27.31
CA GLY A 270 -28.26 -19.61 26.72
C GLY A 270 -29.09 -18.83 25.71
N SER A 271 -29.62 -17.69 26.16
CA SER A 271 -30.60 -16.95 25.39
C SER A 271 -29.99 -15.80 24.59
N GLY A 272 -29.58 -16.09 23.36
CA GLY A 272 -29.20 -15.04 22.42
C GLY A 272 -30.38 -14.76 21.49
N PHE A 273 -30.35 -13.58 20.87
CA PHE A 273 -31.41 -13.19 19.94
C PHE A 273 -30.85 -12.86 18.57
N ASP A 274 -29.67 -13.39 18.31
CA ASP A 274 -29.02 -13.21 17.02
C ASP A 274 -29.57 -14.07 15.89
N ALA A 275 -30.49 -14.99 16.21
CA ALA A 275 -31.30 -15.63 15.18
C ALA A 275 -32.47 -14.76 14.69
N SER A 276 -32.58 -13.55 15.23
CA SER A 276 -33.68 -12.67 14.82
C SER A 276 -33.59 -12.26 13.34
N MET A 277 -34.75 -12.00 12.78
CA MET A 277 -34.91 -11.54 11.40
C MET A 277 -33.98 -10.37 10.98
N LEU A 278 -33.54 -9.57 11.95
CA LEU A 278 -32.86 -8.32 11.66
C LEU A 278 -31.42 -8.32 12.11
N ASP A 279 -30.94 -9.47 12.56
CA ASP A 279 -29.59 -9.52 13.08
C ASP A 279 -28.54 -9.52 11.97
N PRO A 280 -27.52 -8.67 12.07
CA PRO A 280 -26.48 -8.72 11.06
C PRO A 280 -25.59 -9.97 11.15
N LEU A 281 -25.52 -10.65 12.30
CA LEU A 281 -24.49 -11.70 12.51
C LEU A 281 -24.95 -13.14 12.26
N ALA A 282 -26.13 -13.26 11.67
CA ALA A 282 -26.62 -14.53 11.12
C ALA A 282 -27.72 -14.20 10.12
N ARG A 283 -28.25 -15.26 9.50
CA ARG A 283 -29.14 -15.15 8.36
C ARG A 283 -30.48 -15.79 8.71
N MET A 284 -30.84 -15.82 9.99
CA MET A 284 -32.05 -16.50 10.42
C MET A 284 -33.22 -15.53 10.49
N MET A 285 -34.43 -16.06 10.61
CA MET A 285 -35.61 -15.24 10.42
C MET A 285 -36.55 -15.34 11.59
N VAL A 286 -36.00 -15.52 12.78
CA VAL A 286 -36.82 -15.66 13.96
C VAL A 286 -37.34 -14.28 14.31
N THR A 287 -38.61 -14.21 14.67
CA THR A 287 -39.21 -12.96 15.12
C THR A 287 -39.39 -12.99 16.64
N ALA A 288 -39.70 -11.84 17.23
CA ALA A 288 -40.00 -11.79 18.68
C ALA A 288 -41.04 -12.85 19.05
N ASP A 289 -42.02 -13.08 18.17
CA ASP A 289 -43.03 -14.09 18.44
C ASP A 289 -42.44 -15.51 18.42
N GLY A 290 -41.44 -15.73 17.59
CA GLY A 290 -40.73 -16.98 17.56
C GLY A 290 -40.01 -17.22 18.85
N PHE A 291 -39.21 -16.25 19.29
CA PHE A 291 -38.57 -16.35 20.61
C PHE A 291 -39.58 -16.47 21.74
N ARG A 292 -40.69 -15.75 21.64
CA ARG A 292 -41.77 -15.85 22.63
C ARG A 292 -42.22 -17.30 22.76
N GLN A 293 -42.49 -17.93 21.61
CA GLN A 293 -42.94 -19.31 21.59
C GLN A 293 -41.88 -20.30 22.08
N MET A 294 -40.62 -20.01 21.74
CA MET A 294 -39.52 -20.83 22.21
C MET A 294 -39.39 -20.76 23.72
N ALA A 295 -39.48 -19.56 24.28
CA ALA A 295 -39.43 -19.37 25.71
C ALA A 295 -40.63 -20.03 26.38
N ARG A 296 -41.83 -19.81 25.82
CA ARG A 296 -43.07 -20.37 26.37
C ARG A 296 -42.94 -21.90 26.44
N ARG A 297 -42.54 -22.51 25.34
CA ARG A 297 -42.31 -23.97 25.32
C ARG A 297 -41.33 -24.48 26.37
N THR A 298 -40.19 -23.80 26.52
CA THR A 298 -39.16 -24.23 27.45
C THR A 298 -39.62 -24.03 28.90
N ILE A 299 -40.24 -22.89 29.18
CA ILE A 299 -40.76 -22.64 30.54
C ILE A 299 -41.80 -23.69 30.93
N ASP A 300 -42.73 -23.97 30.01
CA ASP A 300 -43.72 -25.01 30.23
C ASP A 300 -43.10 -26.38 30.46
N CYS A 301 -42.08 -26.73 29.66
CA CYS A 301 -41.35 -27.95 29.84
C CYS A 301 -40.74 -27.99 31.24
N ALA A 302 -40.04 -26.93 31.63
CA ALA A 302 -39.51 -26.80 33.00
C ALA A 302 -40.59 -27.00 34.05
N ALA A 303 -41.74 -26.35 33.87
CA ALA A 303 -42.87 -26.53 34.78
C ALA A 303 -43.22 -28.01 34.90
N ASP A 304 -43.27 -28.72 33.78
CA ASP A 304 -43.56 -30.15 33.78
C ASP A 304 -42.53 -31.05 34.39
N ILE A 305 -41.25 -30.78 34.12
CA ILE A 305 -40.23 -31.79 34.39
C ILE A 305 -39.27 -31.47 35.54
N CYS A 306 -39.10 -30.19 35.85
CA CYS A 306 -38.19 -29.82 36.93
C CYS A 306 -38.73 -28.69 37.79
N ASP A 307 -40.01 -28.78 38.14
CA ASP A 307 -40.64 -27.87 39.08
C ASP A 307 -40.50 -26.41 38.65
N GLY A 308 -40.50 -26.18 37.34
CA GLY A 308 -40.43 -24.85 36.79
C GLY A 308 -39.06 -24.19 36.90
N ARG A 309 -38.03 -24.90 37.34
CA ARG A 309 -36.71 -24.30 37.52
C ARG A 309 -36.02 -24.06 36.18
N ILE A 310 -35.99 -22.80 35.78
CA ILE A 310 -35.42 -22.42 34.50
C ILE A 310 -34.80 -21.05 34.67
N VAL A 311 -33.57 -20.93 34.16
CA VAL A 311 -32.80 -19.71 34.25
C VAL A 311 -32.34 -19.35 32.83
N PHE A 312 -32.78 -18.18 32.37
CA PHE A 312 -32.31 -17.65 31.08
C PHE A 312 -31.09 -16.80 31.35
N VAL A 313 -30.12 -16.89 30.44
CA VAL A 313 -28.87 -16.15 30.58
C VAL A 313 -28.57 -15.58 29.20
N GLN A 314 -28.41 -14.26 29.15
CA GLN A 314 -28.16 -13.59 27.89
C GLN A 314 -26.91 -14.08 27.19
N GLU A 315 -27.07 -14.39 25.91
CA GLU A 315 -25.92 -14.63 25.05
C GLU A 315 -25.87 -13.51 24.01
N GLY A 316 -25.85 -13.86 22.73
CA GLY A 316 -25.55 -12.86 21.71
C GLY A 316 -26.80 -12.15 21.21
N GLY A 317 -26.64 -11.39 20.12
CA GLY A 317 -27.75 -10.62 19.55
C GLY A 317 -27.27 -9.21 19.29
N TYR A 318 -27.51 -8.72 18.08
CA TYR A 318 -26.78 -7.55 17.58
C TYR A 318 -27.65 -6.52 16.90
N SER A 319 -28.96 -6.69 16.99
CA SER A 319 -29.88 -5.68 16.45
C SER A 319 -30.32 -4.77 17.59
N PRO A 320 -29.77 -3.54 17.64
CA PRO A 320 -30.21 -2.65 18.72
C PRO A 320 -31.68 -2.29 18.54
N HIS A 321 -32.17 -2.34 17.30
CA HIS A 321 -33.56 -2.01 17.03
C HIS A 321 -34.48 -3.14 17.56
N TYR A 322 -34.17 -4.37 17.16
CA TYR A 322 -35.10 -5.47 17.32
C TYR A 322 -34.83 -6.38 18.50
N LEU A 323 -33.57 -6.53 18.89
CA LEU A 323 -33.24 -7.38 20.06
C LEU A 323 -34.08 -7.06 21.29
N PRO A 324 -34.22 -5.75 21.67
CA PRO A 324 -35.02 -5.46 22.84
C PRO A 324 -36.42 -6.09 22.82
N PHE A 325 -37.09 -6.09 21.68
CA PHE A 325 -38.44 -6.70 21.58
C PHE A 325 -38.43 -8.22 21.59
N CYS A 326 -37.36 -8.81 21.07
CA CYS A 326 -37.17 -10.26 21.15
C CYS A 326 -36.98 -10.66 22.61
N GLY A 327 -36.10 -9.92 23.28
CA GLY A 327 -35.80 -10.16 24.69
C GLY A 327 -37.02 -9.89 25.56
N LEU A 328 -37.72 -8.79 25.27
CA LEU A 328 -38.91 -8.45 26.03
C LEU A 328 -39.94 -9.56 25.97
N ALA A 329 -40.09 -10.13 24.77
CA ALA A 329 -41.03 -11.22 24.54
C ALA A 329 -40.73 -12.39 25.49
N VAL A 330 -39.46 -12.75 25.62
CA VAL A 330 -39.03 -13.76 26.58
C VAL A 330 -39.37 -13.41 28.02
N ILE A 331 -39.07 -12.17 28.41
CA ILE A 331 -39.36 -11.69 29.76
C ILE A 331 -40.87 -11.80 30.05
N GLU A 332 -41.69 -11.39 29.09
CA GLU A 332 -43.14 -11.44 29.23
C GLU A 332 -43.65 -12.87 29.45
N GLU A 333 -43.01 -13.84 28.80
CA GLU A 333 -43.36 -15.24 29.04
C GLU A 333 -43.03 -15.71 30.45
N LEU A 334 -42.00 -15.10 31.02
CA LEU A 334 -41.60 -15.39 32.39
C LEU A 334 -42.61 -14.79 33.37
N THR A 335 -42.94 -13.51 33.19
CA THR A 335 -43.85 -12.79 34.09
C THR A 335 -45.32 -13.12 33.84
N GLY A 336 -45.63 -13.51 32.61
CA GLY A 336 -47.00 -13.67 32.16
C GLY A 336 -47.73 -12.36 32.03
N VAL A 337 -46.99 -11.26 32.00
CA VAL A 337 -47.59 -9.95 31.77
C VAL A 337 -47.21 -9.52 30.37
N ARG A 338 -48.20 -9.46 29.49
CA ARG A 338 -47.96 -9.13 28.08
C ARG A 338 -48.51 -7.75 27.74
N SER A 339 -47.63 -6.74 27.81
CA SER A 339 -48.03 -5.33 27.78
C SER A 339 -47.65 -4.53 26.52
N LEU A 340 -46.89 -5.12 25.60
CA LEU A 340 -46.44 -4.36 24.44
C LEU A 340 -46.45 -5.22 23.19
N PRO A 341 -46.94 -4.66 22.07
CA PRO A 341 -46.81 -5.37 20.80
C PRO A 341 -45.37 -5.34 20.34
N ASP A 342 -44.99 -6.26 19.46
CA ASP A 342 -43.77 -6.12 18.71
C ASP A 342 -44.11 -5.17 17.55
N PRO A 343 -43.55 -3.95 17.59
CA PRO A 343 -43.92 -2.90 16.62
C PRO A 343 -43.37 -3.17 15.21
N TYR A 344 -42.47 -4.14 15.10
CA TYR A 344 -41.92 -4.60 13.82
C TYR A 344 -42.67 -5.77 13.21
N HIS A 345 -43.64 -6.29 13.96
CA HIS A 345 -44.31 -7.52 13.55
C HIS A 345 -44.88 -7.45 12.14
N GLU A 346 -45.59 -6.36 11.85
CA GLU A 346 -46.17 -6.14 10.52
C GLU A 346 -45.10 -6.13 9.43
N PHE A 347 -44.03 -5.38 9.66
CA PHE A 347 -42.94 -5.26 8.70
C PHE A 347 -42.29 -6.61 8.39
N LEU A 348 -42.10 -7.43 9.43
CA LEU A 348 -41.39 -8.72 9.33
C LEU A 348 -42.27 -9.93 8.96
N ALA A 349 -43.55 -9.85 9.31
CA ALA A 349 -44.52 -10.93 9.12
C ALA A 349 -44.65 -11.47 7.71
N GLY A 350 -44.39 -10.66 6.70
CA GLY A 350 -44.53 -11.14 5.33
C GLY A 350 -43.24 -11.64 4.71
N MET A 351 -42.15 -11.56 5.47
CA MET A 351 -40.82 -11.84 4.93
C MET A 351 -40.52 -13.31 4.80
N GLY A 352 -41.28 -14.13 5.53
CA GLY A 352 -41.12 -15.57 5.43
C GLY A 352 -40.59 -16.14 6.71
N GLY A 353 -40.20 -17.41 6.67
CA GLY A 353 -39.64 -18.07 7.83
C GLY A 353 -40.67 -18.86 8.62
N ASN A 354 -41.95 -18.64 8.31
CA ASN A 354 -43.04 -19.27 9.05
C ASN A 354 -43.60 -20.53 8.44
N THR A 355 -42.96 -20.97 7.37
CA THR A 355 -43.28 -22.22 6.71
C THR A 355 -42.06 -23.07 6.92
N LEU A 356 -42.27 -24.30 7.38
CA LEU A 356 -41.15 -25.22 7.59
C LEU A 356 -40.74 -25.73 6.21
N LEU A 357 -39.59 -25.30 5.72
CA LEU A 357 -39.14 -25.74 4.41
C LEU A 357 -38.57 -27.16 4.50
N ASP A 358 -38.57 -27.87 3.38
CA ASP A 358 -38.07 -29.25 3.37
C ASP A 358 -36.64 -29.36 3.88
N ALA A 359 -35.77 -28.42 3.49
CA ALA A 359 -34.38 -28.48 3.92
C ALA A 359 -34.26 -28.24 5.43
N GLU A 360 -35.10 -27.36 5.94
CA GLU A 360 -35.18 -27.12 7.39
C GLU A 360 -35.63 -28.38 8.10
N ARG A 361 -36.74 -28.97 7.62
CA ARG A 361 -37.26 -30.22 8.16
C ARG A 361 -36.20 -31.33 8.14
N ALA A 362 -35.49 -31.45 7.02
CA ALA A 362 -34.50 -32.50 6.86
C ALA A 362 -33.38 -32.29 7.88
N ALA A 363 -32.93 -31.05 8.04
CA ALA A 363 -31.85 -30.76 8.98
C ALA A 363 -32.23 -31.18 10.41
N ILE A 364 -33.49 -30.95 10.77
CA ILE A 364 -33.98 -31.28 12.11
C ILE A 364 -34.16 -32.81 12.25
N GLU A 365 -34.70 -33.45 11.21
CA GLU A 365 -34.92 -34.91 11.27
C GLU A 365 -33.62 -35.69 11.46
N GLU A 366 -32.52 -35.15 10.95
CA GLU A 366 -31.20 -35.74 11.15
C GLU A 366 -30.88 -35.93 12.63
N ILE A 367 -31.46 -35.08 13.48
CA ILE A 367 -31.13 -35.06 14.89
C ILE A 367 -32.01 -36.00 15.72
N VAL A 368 -33.19 -36.32 15.19
CA VAL A 368 -34.19 -37.09 15.95
C VAL A 368 -33.69 -38.48 16.42
N PRO A 369 -32.93 -39.22 15.58
CA PRO A 369 -32.33 -40.48 16.05
C PRO A 369 -31.42 -40.35 17.28
N LEU A 370 -30.82 -39.17 17.48
CA LEU A 370 -29.91 -38.95 18.61
C LEU A 370 -30.63 -38.96 19.95
N LEU A 371 -31.95 -38.70 19.93
CA LEU A 371 -32.74 -38.73 21.15
C LEU A 371 -32.71 -40.10 21.83
N ALA A 372 -32.66 -41.14 21.01
CA ALA A 372 -32.59 -42.52 21.49
C ALA A 372 -31.47 -42.73 22.52
N ASP A 373 -30.37 -42.01 22.37
CA ASP A 373 -29.22 -42.23 23.23
C ASP A 373 -29.22 -41.44 24.55
N ILE A 374 -30.29 -40.68 24.78
CA ILE A 374 -30.45 -39.95 26.04
C ILE A 374 -30.95 -40.90 27.11
N ALA B 8 32.05 35.94 13.44
CA ALA B 8 33.16 36.01 12.41
C ALA B 8 33.53 34.62 11.86
N ILE B 9 33.26 34.40 10.57
CA ILE B 9 33.45 33.08 9.97
C ILE B 9 34.62 33.10 9.00
N GLY B 10 35.67 32.36 9.35
CA GLY B 10 36.86 32.27 8.51
C GLY B 10 36.61 31.49 7.24
N TYR B 11 37.32 31.85 6.18
CA TYR B 11 37.22 31.17 4.92
C TYR B 11 38.60 31.10 4.28
N VAL B 12 39.06 29.88 3.97
CA VAL B 12 40.36 29.70 3.32
C VAL B 12 40.19 29.13 1.93
N TRP B 13 40.69 29.90 0.97
CA TRP B 13 40.88 29.43 -0.40
C TRP B 13 42.16 30.05 -0.89
N ASN B 14 43.05 29.21 -1.37
CA ASN B 14 44.29 29.66 -1.98
C ASN B 14 44.24 29.23 -3.43
N THR B 15 44.66 30.11 -4.33
CA THR B 15 44.64 29.83 -5.78
C THR B 15 45.29 28.50 -6.09
N LEU B 16 46.38 28.21 -5.41
CA LEU B 16 47.11 26.97 -5.67
C LEU B 16 46.31 25.72 -5.38
N TYR B 17 45.32 25.82 -4.48
CA TYR B 17 44.39 24.69 -4.29
C TYR B 17 43.72 24.26 -5.59
N GLY B 18 43.51 25.20 -6.50
CA GLY B 18 42.87 24.86 -7.79
C GLY B 18 43.89 24.38 -8.82
N TRP B 19 45.16 24.39 -8.45
CA TRP B 19 46.24 24.05 -9.38
C TRP B 19 46.83 22.66 -9.15
N VAL B 20 46.25 21.89 -8.24
CA VAL B 20 46.77 20.55 -7.96
C VAL B 20 46.77 19.75 -9.26
N ASP B 21 47.95 19.29 -9.68
CA ASP B 21 48.10 18.53 -10.93
C ASP B 21 47.67 17.09 -10.72
N THR B 22 46.54 16.75 -11.36
CA THR B 22 45.90 15.46 -11.17
C THR B 22 46.13 14.51 -12.36
N GLY B 23 47.00 14.92 -13.28
CA GLY B 23 47.46 14.06 -14.37
C GLY B 23 46.49 13.94 -15.54
N THR B 24 46.57 12.80 -16.22
CA THR B 24 45.76 12.54 -17.41
C THR B 24 45.03 11.20 -17.32
N GLY B 25 45.06 10.61 -16.13
CA GLY B 25 44.31 9.39 -15.87
C GLY B 25 42.91 9.75 -15.40
N SER B 26 42.08 8.73 -15.23
CA SER B 26 40.75 8.88 -14.64
C SER B 26 40.84 8.83 -13.12
N LEU B 27 41.70 7.93 -12.63
CA LEU B 27 41.76 7.55 -11.23
C LEU B 27 43.19 7.10 -10.98
N ALA B 28 43.56 5.95 -11.54
CA ALA B 28 44.96 5.63 -11.76
C ALA B 28 45.36 6.31 -13.06
N ALA B 29 46.66 6.33 -13.34
CA ALA B 29 47.18 6.99 -14.54
C ALA B 29 46.53 6.45 -15.82
N ALA B 30 46.54 7.25 -16.88
CA ALA B 30 46.28 6.76 -18.23
C ALA B 30 47.17 5.54 -18.39
N ASN B 31 46.71 4.53 -19.11
CA ASN B 31 47.42 3.26 -19.13
C ASN B 31 47.18 2.52 -20.43
N LEU B 32 48.12 2.68 -21.35
CA LEU B 32 47.98 2.19 -22.71
C LEU B 32 47.70 0.71 -22.85
N THR B 33 48.48 -0.13 -22.17
CA THR B 33 48.30 -1.57 -22.32
C THR B 33 46.96 -2.05 -21.71
N ALA B 34 46.52 -1.40 -20.64
CA ALA B 34 45.17 -1.61 -20.09
C ALA B 34 44.07 -0.96 -20.96
N ARG B 35 44.51 -0.13 -21.91
CA ARG B 35 43.65 0.61 -22.83
C ARG B 35 42.74 1.55 -22.06
N MET B 36 43.34 2.22 -21.08
CA MET B 36 42.67 3.27 -20.33
C MET B 36 43.02 4.57 -20.99
N GLN B 37 42.10 5.03 -21.83
CA GLN B 37 42.28 6.24 -22.62
C GLN B 37 42.56 7.41 -21.71
N PRO B 38 43.53 8.24 -22.09
CA PRO B 38 43.72 9.44 -21.31
C PRO B 38 42.44 10.28 -21.27
N ILE B 39 42.32 11.11 -20.25
CA ILE B 39 41.15 11.97 -20.14
C ILE B 39 41.51 13.34 -19.56
N SER B 40 40.76 14.37 -19.95
CA SER B 40 41.02 15.77 -19.57
C SER B 40 40.72 16.07 -18.11
N HIS B 41 39.79 15.33 -17.53
CA HIS B 41 39.41 15.57 -16.15
C HIS B 41 39.46 14.27 -15.35
N HIS B 42 40.57 14.11 -14.64
CA HIS B 42 40.70 13.09 -13.61
C HIS B 42 39.53 13.28 -12.65
N LEU B 43 39.01 12.18 -12.10
CA LEU B 43 37.92 12.28 -11.13
C LEU B 43 38.19 13.37 -10.07
N ALA B 44 39.40 13.36 -9.52
CA ALA B 44 39.80 14.31 -8.47
C ALA B 44 40.34 15.63 -9.02
N HIS B 45 40.02 15.94 -10.27
CA HIS B 45 40.36 17.24 -10.87
C HIS B 45 39.91 18.38 -9.95
N PRO B 46 40.80 19.36 -9.73
CA PRO B 46 40.57 20.48 -8.81
C PRO B 46 39.45 21.44 -9.21
N ASP B 47 38.95 21.31 -10.44
CA ASP B 47 37.85 22.16 -10.91
C ASP B 47 36.65 22.10 -9.95
N THR B 48 36.38 20.93 -9.40
CA THR B 48 35.20 20.72 -8.54
C THR B 48 35.27 21.62 -7.31
N LYS B 49 36.41 21.61 -6.63
CA LYS B 49 36.60 22.45 -5.45
C LYS B 49 36.73 23.91 -5.84
N ARG B 50 37.37 24.20 -6.98
CA ARG B 50 37.39 25.56 -7.47
C ARG B 50 35.98 26.09 -7.73
N ARG B 51 35.10 25.25 -8.26
CA ARG B 51 33.72 25.63 -8.53
C ARG B 51 32.95 26.00 -7.26
N PHE B 52 33.27 25.29 -6.18
CA PHE B 52 32.73 25.56 -4.85
C PHE B 52 33.21 26.95 -4.42
N HIS B 53 34.50 27.23 -4.56
CA HIS B 53 35.01 28.57 -4.22
C HIS B 53 34.29 29.66 -5.03
N GLU B 54 34.21 29.45 -6.34
CA GLU B 54 33.57 30.40 -7.21
C GLU B 54 32.11 30.63 -6.85
N LEU B 55 31.42 29.57 -6.46
CA LEU B 55 30.04 29.72 -5.99
C LEU B 55 29.97 30.51 -4.68
N VAL B 56 30.89 30.24 -3.74
CA VAL B 56 30.95 31.00 -2.47
C VAL B 56 31.05 32.50 -2.80
N CYS B 57 31.90 32.82 -3.78
CA CYS B 57 32.05 34.21 -4.24
C CYS B 57 30.84 34.71 -5.03
N ALA B 58 30.46 33.98 -6.08
CA ALA B 58 29.42 34.46 -6.99
C ALA B 58 28.03 34.56 -6.32
N SER B 59 27.80 33.70 -5.31
CA SER B 59 26.56 33.71 -4.56
C SER B 59 26.44 34.93 -3.63
N GLY B 60 27.56 35.59 -3.38
CA GLY B 60 27.63 36.70 -2.44
C GLY B 60 27.90 36.24 -1.01
N GLN B 61 28.03 34.92 -0.83
CA GLN B 61 28.32 34.36 0.47
C GLN B 61 29.67 34.86 1.00
N ILE B 62 30.62 35.09 0.08
CA ILE B 62 31.93 35.66 0.44
C ILE B 62 31.83 36.99 1.22
N GLU B 63 30.78 37.77 0.97
CA GLU B 63 30.60 39.02 1.70
C GLU B 63 30.41 38.79 3.19
N HIS B 64 29.98 37.59 3.55
CA HIS B 64 29.72 37.28 4.96
C HIS B 64 30.83 36.45 5.60
N LEU B 65 31.90 36.26 4.85
CA LEU B 65 33.03 35.51 5.34
C LEU B 65 34.20 36.42 5.58
N THR B 66 35.11 35.97 6.44
CA THR B 66 36.36 36.67 6.68
C THR B 66 37.43 35.82 6.01
N PRO B 67 37.94 36.28 4.83
CA PRO B 67 39.01 35.55 4.16
C PRO B 67 40.27 35.45 5.01
N ILE B 68 40.79 34.24 5.11
CA ILE B 68 41.96 33.93 5.90
C ILE B 68 43.01 33.36 4.95
N ALA B 69 44.18 33.98 4.92
CA ALA B 69 45.25 33.48 4.07
C ALA B 69 45.82 32.17 4.61
N ALA B 70 45.98 31.19 3.71
CA ALA B 70 46.68 29.96 4.09
C ALA B 70 48.12 30.31 4.45
N VAL B 71 48.67 29.64 5.44
CA VAL B 71 50.09 29.80 5.75
C VAL B 71 50.69 28.40 5.62
N ALA B 72 51.72 28.25 4.80
CA ALA B 72 52.31 26.94 4.53
C ALA B 72 52.60 26.22 5.85
N ALA B 73 52.13 24.99 5.97
CA ALA B 73 52.44 24.18 7.14
C ALA B 73 53.96 23.96 7.16
N THR B 74 54.56 24.21 8.32
CA THR B 74 55.99 23.99 8.51
C THR B 74 56.26 22.51 8.72
N ASP B 75 57.54 22.13 8.62
CA ASP B 75 57.95 20.77 8.97
C ASP B 75 57.44 20.40 10.36
N ALA B 76 57.55 21.32 11.31
CA ALA B 76 57.09 21.07 12.66
C ALA B 76 55.57 20.84 12.69
N ASP B 77 54.82 21.59 11.88
CA ASP B 77 53.37 21.36 11.84
C ASP B 77 53.05 19.93 11.39
N ILE B 78 53.68 19.54 10.28
CA ILE B 78 53.45 18.27 9.60
C ILE B 78 53.81 17.07 10.49
N LEU B 79 54.95 17.18 11.15
CA LEU B 79 55.43 16.19 12.08
C LEU B 79 54.53 15.93 13.30
N ARG B 80 53.60 16.83 13.60
CA ARG B 80 52.63 16.59 14.67
C ARG B 80 51.61 15.53 14.25
N ALA B 81 51.58 15.22 12.96
CA ALA B 81 50.59 14.28 12.46
C ALA B 81 51.29 13.13 11.72
N HIS B 82 52.51 13.38 11.23
CA HIS B 82 53.19 12.48 10.32
C HIS B 82 54.60 12.16 10.76
N SER B 83 55.12 11.07 10.23
CA SER B 83 56.49 10.66 10.54
C SER B 83 57.47 11.55 9.81
N ALA B 84 58.68 11.67 10.36
CA ALA B 84 59.78 12.33 9.66
C ALA B 84 60.01 11.68 8.30
N ALA B 85 59.91 10.36 8.25
CA ALA B 85 60.11 9.62 7.01
C ALA B 85 59.10 10.00 5.92
N HIS B 86 57.84 10.21 6.31
CA HIS B 86 56.82 10.62 5.34
C HIS B 86 57.12 12.04 4.83
N LEU B 87 57.42 12.95 5.75
CA LEU B 87 57.75 14.31 5.36
C LEU B 87 58.89 14.29 4.35
N GLU B 88 59.98 13.61 4.72
CA GLU B 88 61.15 13.52 3.85
C GLU B 88 60.84 12.87 2.50
N ASN B 89 59.96 11.88 2.50
CA ASN B 89 59.51 11.22 1.26
C ASN B 89 58.78 12.20 0.36
N MET B 90 57.93 13.03 0.95
CA MET B 90 57.16 14.00 0.19
C MET B 90 58.07 15.08 -0.37
N LYS B 91 59.03 15.54 0.43
CA LYS B 91 60.09 16.44 -0.06
C LYS B 91 60.80 15.81 -1.25
N ARG B 92 61.20 14.53 -1.09
CA ARG B 92 61.86 13.75 -2.14
C ARG B 92 61.07 13.75 -3.44
N VAL B 93 59.81 13.30 -3.39
CA VAL B 93 58.95 13.19 -4.57
C VAL B 93 58.67 14.53 -5.25
N SER B 94 58.46 15.57 -4.44
CA SER B 94 58.23 16.92 -4.95
C SER B 94 59.44 17.52 -5.71
N ASN B 95 60.54 16.76 -5.83
CA ASN B 95 61.84 17.30 -6.27
C ASN B 95 62.50 16.98 -7.63
N LEU B 96 61.77 16.79 -8.74
CA LEU B 96 62.44 16.63 -10.07
C LEU B 96 61.50 16.46 -11.29
N PRO B 97 61.26 17.55 -12.05
CA PRO B 97 60.05 17.71 -12.81
C PRO B 97 59.08 16.51 -12.75
N THR B 98 58.68 15.96 -13.89
CA THR B 98 57.61 14.94 -13.98
C THR B 98 56.62 14.96 -12.80
N GLY B 99 57.12 14.53 -11.64
CA GLY B 99 56.35 14.29 -10.44
C GLY B 99 57.22 13.47 -9.49
N GLY B 100 56.67 12.41 -8.89
CA GLY B 100 55.34 11.92 -9.20
C GLY B 100 54.75 11.04 -8.10
N ASP B 101 55.01 9.74 -8.18
CA ASP B 101 54.37 8.74 -7.31
C ASP B 101 54.79 8.91 -5.86
N THR B 102 53.81 9.22 -5.00
CA THR B 102 54.07 9.38 -3.56
C THR B 102 54.19 8.04 -2.83
N GLY B 103 53.74 6.96 -3.49
CA GLY B 103 53.96 5.61 -2.99
C GLY B 103 52.87 4.59 -3.27
N ASP B 104 51.66 5.05 -3.55
CA ASP B 104 50.51 4.16 -3.75
C ASP B 104 50.16 3.92 -5.23
N GLY B 105 51.02 4.42 -6.12
CA GLY B 105 50.82 4.27 -7.56
C GLY B 105 49.62 5.06 -8.09
N ILE B 106 49.06 5.93 -7.25
CA ILE B 106 47.90 6.73 -7.67
C ILE B 106 47.96 8.21 -7.22
N THR B 107 48.50 8.44 -6.03
CA THR B 107 48.58 9.78 -5.50
C THR B 107 49.90 10.37 -6.00
N MET B 108 49.76 11.35 -6.88
CA MET B 108 50.90 11.95 -7.57
C MET B 108 51.17 13.33 -7.02
N MET B 109 52.43 13.76 -7.14
CA MET B 109 52.81 15.10 -6.79
C MET B 109 53.71 15.60 -7.92
N GLY B 110 53.36 16.74 -8.49
CA GLY B 110 54.21 17.40 -9.47
C GLY B 110 55.44 17.95 -8.78
N ASN B 111 56.38 18.46 -9.57
CA ASN B 111 57.56 19.09 -8.99
C ASN B 111 57.12 20.34 -8.21
N GLY B 112 57.57 20.43 -6.96
CA GLY B 112 57.16 21.56 -6.11
C GLY B 112 55.74 21.42 -5.58
N GLY B 113 55.07 20.32 -5.94
CA GLY B 113 53.72 20.04 -5.43
C GLY B 113 53.64 20.03 -3.90
N LEU B 114 54.78 19.85 -3.23
CA LEU B 114 54.82 19.99 -1.76
C LEU B 114 54.32 21.35 -1.28
N GLU B 115 54.60 22.39 -2.07
CA GLU B 115 54.16 23.72 -1.73
C GLU B 115 52.64 23.73 -1.53
N ILE B 116 51.90 23.06 -2.41
CA ILE B 116 50.44 23.07 -2.29
C ILE B 116 49.97 22.21 -1.13
N ALA B 117 50.59 21.03 -0.95
CA ALA B 117 50.33 20.21 0.21
C ALA B 117 50.54 20.95 1.54
N ARG B 118 51.61 21.74 1.65
CA ARG B 118 51.84 22.59 2.82
C ARG B 118 50.75 23.65 3.03
N LEU B 119 50.35 24.29 1.94
CA LEU B 119 49.38 25.36 2.01
C LEU B 119 47.98 24.84 2.38
N SER B 120 47.73 23.60 1.96
CA SER B 120 46.47 22.92 2.26
C SER B 120 46.39 22.59 3.75
N ALA B 121 47.41 21.90 4.26
CA ALA B 121 47.50 21.62 5.68
C ALA B 121 47.60 22.94 6.48
N GLY B 122 48.41 23.88 5.99
CA GLY B 122 48.55 25.20 6.66
C GLY B 122 47.28 26.05 6.62
N GLY B 123 46.43 25.83 5.60
CA GLY B 123 45.13 26.52 5.56
C GLY B 123 44.26 26.08 6.72
N ALA B 124 44.21 24.77 6.93
CA ALA B 124 43.49 24.18 8.07
C ALA B 124 44.09 24.62 9.40
N VAL B 125 45.41 24.64 9.48
CA VAL B 125 46.08 25.10 10.68
C VAL B 125 45.77 26.58 11.01
N GLU B 126 45.96 27.48 10.05
CA GLU B 126 45.68 28.91 10.24
C GLU B 126 44.25 29.17 10.67
N LEU B 127 43.32 28.47 10.02
CA LEU B 127 41.94 28.65 10.34
C LEU B 127 41.69 28.21 11.78
N THR B 128 42.28 27.08 12.15
CA THR B 128 42.17 26.55 13.50
C THR B 128 42.76 27.52 14.52
N ARG B 129 43.94 28.06 14.22
CA ARG B 129 44.57 29.04 15.12
C ARG B 129 43.62 30.22 15.38
N ARG B 130 43.07 30.79 14.31
CA ARG B 130 42.22 31.97 14.47
C ARG B 130 40.87 31.71 15.13
N VAL B 131 40.30 30.53 14.90
CA VAL B 131 39.11 30.09 15.65
C VAL B 131 39.45 29.93 17.15
N ALA B 132 40.61 29.37 17.44
CA ALA B 132 41.07 29.16 18.82
C ALA B 132 41.41 30.44 19.59
N THR B 133 42.00 31.42 18.90
CA THR B 133 42.33 32.67 19.56
C THR B 133 41.05 33.41 19.93
N GLY B 134 39.94 33.02 19.29
CA GLY B 134 38.67 33.71 19.45
C GLY B 134 38.49 34.84 18.45
N GLU B 135 39.47 35.03 17.55
CA GLU B 135 39.32 36.00 16.46
C GLU B 135 38.12 35.62 15.58
N LEU B 136 38.01 34.33 15.27
CA LEU B 136 36.91 33.83 14.49
C LEU B 136 36.10 32.86 15.32
N SER B 137 34.79 32.84 15.12
CA SER B 137 33.95 31.87 15.84
C SER B 137 34.08 30.48 15.19
N ALA B 138 34.31 30.46 13.88
CA ALA B 138 34.33 29.18 13.15
C ALA B 138 34.85 29.42 11.75
N GLY B 139 34.95 28.39 10.93
CA GLY B 139 35.35 28.64 9.56
C GLY B 139 35.29 27.41 8.68
N TYR B 140 35.58 27.65 7.41
CA TYR B 140 35.64 26.60 6.42
C TYR B 140 36.93 26.78 5.65
N ALA B 141 37.80 25.79 5.67
CA ALA B 141 39.03 25.84 4.89
C ALA B 141 38.81 24.96 3.67
N LEU B 142 38.65 25.60 2.52
CA LEU B 142 38.35 24.91 1.26
C LEU B 142 39.69 24.53 0.63
N VAL B 143 40.35 23.56 1.27
CA VAL B 143 41.71 23.17 0.94
C VAL B 143 41.72 22.07 -0.12
N ASN B 144 42.89 21.92 -0.74
CA ASN B 144 43.15 20.89 -1.72
C ASN B 144 44.67 20.87 -1.84
N PRO B 145 45.30 19.68 -1.80
CA PRO B 145 44.73 18.33 -1.78
C PRO B 145 44.10 17.94 -0.44
N PRO B 146 43.24 16.89 -0.44
CA PRO B 146 42.53 16.43 0.76
C PRO B 146 43.50 15.74 1.69
N GLY B 147 43.02 15.32 2.84
CA GLY B 147 43.91 14.87 3.87
C GLY B 147 43.59 13.51 4.43
N HIS B 148 42.31 13.13 4.43
CA HIS B 148 41.86 12.11 5.38
C HIS B 148 42.38 10.69 5.20
N HIS B 149 42.84 10.34 4.00
CA HIS B 149 43.47 9.02 3.80
C HIS B 149 44.93 8.90 4.21
N ALA B 150 45.62 10.03 4.41
CA ALA B 150 47.05 9.97 4.68
C ALA B 150 47.26 9.57 6.12
N PRO B 151 47.81 8.37 6.37
CA PRO B 151 48.09 7.92 7.75
C PRO B 151 49.38 8.56 8.24
N HIS B 152 49.85 8.14 9.40
CA HIS B 152 51.05 8.73 9.99
C HIS B 152 52.22 8.69 8.99
N ASN B 153 52.38 7.56 8.31
CA ASN B 153 53.59 7.28 7.56
C ASN B 153 53.45 7.15 6.04
N ALA B 154 52.43 7.79 5.44
CA ALA B 154 52.20 7.64 4.00
C ALA B 154 51.25 8.68 3.42
N ALA B 155 51.35 8.85 2.10
CA ALA B 155 50.34 9.55 1.33
C ALA B 155 49.44 8.46 0.75
N MET B 156 48.19 8.79 0.51
CA MET B 156 47.23 7.80 0.09
C MET B 156 45.96 8.46 -0.37
N GLY B 157 45.35 7.90 -1.42
CA GLY B 157 44.03 8.26 -1.87
C GLY B 157 43.88 9.75 -2.14
N PHE B 158 44.89 10.32 -2.81
CA PHE B 158 44.98 11.74 -3.24
C PHE B 158 45.44 12.66 -2.14
N CYS B 159 45.71 12.07 -0.96
CA CYS B 159 46.05 12.83 0.23
C CYS B 159 47.54 12.77 0.49
N ILE B 160 48.17 13.92 0.61
CA ILE B 160 49.61 14.00 0.86
C ILE B 160 49.86 14.11 2.36
N PHE B 161 49.18 15.07 2.98
CA PHE B 161 49.21 15.24 4.43
C PHE B 161 47.80 15.26 4.96
N ASN B 162 47.67 14.76 6.18
CA ASN B 162 46.39 14.70 6.80
C ASN B 162 46.07 16.06 7.41
N ASN B 163 45.43 16.90 6.59
CA ASN B 163 45.14 18.29 6.96
C ASN B 163 44.49 18.48 8.32
N THR B 164 43.47 17.68 8.61
CA THR B 164 42.71 17.85 9.83
C THR B 164 43.53 17.41 11.04
N SER B 165 44.34 16.39 10.84
CA SER B 165 45.24 15.90 11.88
C SER B 165 46.37 16.90 12.10
N VAL B 166 46.89 17.50 11.04
CA VAL B 166 47.93 18.52 11.24
C VAL B 166 47.33 19.67 12.07
N ALA B 167 46.10 20.07 11.73
CA ALA B 167 45.34 21.05 12.51
C ALA B 167 45.09 20.61 13.95
N ALA B 168 44.65 19.35 14.14
CA ALA B 168 44.36 18.85 15.49
C ALA B 168 45.67 18.81 16.30
N GLY B 169 46.74 18.31 15.72
CA GLY B 169 48.06 18.31 16.36
C GLY B 169 48.55 19.70 16.78
N TYR B 170 48.28 20.69 15.94
CA TYR B 170 48.54 22.08 16.28
C TYR B 170 47.69 22.55 17.47
N ALA B 171 46.37 22.35 17.40
CA ALA B 171 45.48 22.69 18.50
C ALA B 171 45.95 22.02 19.80
N ARG B 172 46.36 20.77 19.69
CA ARG B 172 46.91 20.04 20.83
C ARG B 172 48.19 20.64 21.37
N ALA B 173 49.23 20.73 20.53
CA ALA B 173 50.56 21.05 21.03
C ALA B 173 50.82 22.55 21.17
N VAL B 174 50.24 23.35 20.29
CA VAL B 174 50.50 24.77 20.28
C VAL B 174 49.41 25.51 21.04
N LEU B 175 48.17 25.15 20.83
CA LEU B 175 47.08 25.83 21.53
C LEU B 175 46.81 25.21 22.90
N GLY B 176 47.47 24.09 23.20
CA GLY B 176 47.28 23.42 24.48
C GLY B 176 45.88 22.91 24.80
N MET B 177 45.10 22.59 23.77
CA MET B 177 43.81 21.90 24.00
C MET B 177 44.08 20.47 24.35
N GLU B 178 43.35 19.95 25.33
CA GLU B 178 43.49 18.57 25.77
C GLU B 178 42.76 17.59 24.86
N ARG B 179 41.66 18.03 24.27
CA ARG B 179 40.84 17.14 23.47
C ARG B 179 40.35 17.86 22.23
N VAL B 180 40.49 17.18 21.11
CA VAL B 180 40.00 17.66 19.83
C VAL B 180 39.23 16.51 19.19
N ALA B 181 38.13 16.81 18.51
CA ALA B 181 37.42 15.79 17.76
C ALA B 181 37.53 16.07 16.28
N ILE B 182 37.69 15.02 15.48
CA ILE B 182 37.64 15.15 14.03
C ILE B 182 36.48 14.32 13.55
N LEU B 183 35.48 15.02 13.02
CA LEU B 183 34.31 14.38 12.44
C LEU B 183 34.48 14.40 10.92
N ASP B 184 34.54 13.22 10.35
CA ASP B 184 34.86 13.07 8.94
C ASP B 184 33.63 12.51 8.23
N TRP B 185 32.92 13.35 7.47
CA TRP B 185 31.74 12.84 6.72
C TRP B 185 31.93 12.78 5.21
N ASP B 186 33.18 12.91 4.79
CA ASP B 186 33.54 12.51 3.45
C ASP B 186 33.07 11.06 3.40
N VAL B 187 32.58 10.63 2.25
CA VAL B 187 31.92 9.32 2.09
C VAL B 187 32.87 8.12 2.23
N HIS B 188 34.17 8.38 2.16
CA HIS B 188 35.18 7.34 2.24
C HIS B 188 35.76 7.32 3.63
N HIS B 189 36.22 6.15 4.04
CA HIS B 189 36.70 5.99 5.40
C HIS B 189 37.94 6.84 5.61
N GLY B 190 37.92 7.66 6.67
CA GLY B 190 39.11 8.44 7.03
C GLY B 190 40.14 7.57 7.71
N ASN B 191 40.67 6.60 6.98
CA ASN B 191 41.71 5.68 7.50
C ASN B 191 42.96 6.40 7.98
N GLY B 192 43.34 7.47 7.29
CA GLY B 192 44.59 8.17 7.64
C GLY B 192 44.46 8.76 9.03
N THR B 193 43.34 9.43 9.27
CA THR B 193 43.05 10.14 10.50
C THR B 193 42.93 9.14 11.65
N GLN B 194 42.24 8.05 11.37
CA GLN B 194 42.12 6.93 12.27
C GLN B 194 43.50 6.39 12.66
N ASP B 195 44.36 6.19 11.66
CA ASP B 195 45.72 5.72 11.92
C ASP B 195 46.51 6.68 12.81
N ILE B 196 46.50 7.96 12.48
CA ILE B 196 47.31 8.96 13.20
C ILE B 196 46.97 9.04 14.70
N TRP B 197 45.69 9.02 15.01
CA TRP B 197 45.26 9.17 16.38
C TRP B 197 44.86 7.83 17.02
N TRP B 198 45.22 6.73 16.36
CA TRP B 198 44.85 5.37 16.79
C TRP B 198 45.08 5.14 18.28
N ASN B 199 46.24 5.54 18.77
CA ASN B 199 46.64 5.23 20.13
C ASN B 199 46.40 6.39 21.08
N ASP B 200 45.72 7.42 20.60
CA ASP B 200 45.69 8.68 21.31
C ASP B 200 44.27 9.11 21.65
N PRO B 201 43.89 9.06 22.94
CA PRO B 201 42.52 9.43 23.34
C PRO B 201 42.27 10.94 23.30
N SER B 202 43.32 11.72 23.05
CA SER B 202 43.24 13.16 23.05
C SER B 202 42.70 13.68 21.73
N VAL B 203 42.58 12.79 20.75
CA VAL B 203 41.85 13.19 19.57
C VAL B 203 40.82 12.12 19.29
N LEU B 204 39.55 12.47 19.31
CA LEU B 204 38.49 11.53 18.96
C LEU B 204 38.31 11.63 17.47
N THR B 205 38.37 10.50 16.79
CA THR B 205 38.20 10.51 15.33
C THR B 205 36.92 9.75 15.01
N ILE B 206 36.03 10.39 14.27
CA ILE B 206 34.77 9.77 13.90
C ILE B 206 34.74 9.82 12.38
N SER B 207 34.42 8.68 11.77
CA SER B 207 34.23 8.63 10.34
C SER B 207 32.87 8.05 9.99
N LEU B 208 32.06 8.81 9.25
CA LEU B 208 30.86 8.25 8.62
C LEU B 208 31.32 7.92 7.23
N HIS B 209 30.98 6.74 6.71
CA HIS B 209 31.37 6.42 5.34
C HIS B 209 30.54 5.31 4.76
N GLN B 210 30.53 5.23 3.45
CA GLN B 210 29.96 4.07 2.77
C GLN B 210 30.91 2.92 3.08
N HIS B 211 30.34 1.82 3.59
CA HIS B 211 31.11 0.67 4.05
C HIS B 211 31.93 0.10 2.90
N LEU B 212 33.25 0.03 3.12
CA LEU B 212 34.20 -0.56 2.16
C LEU B 212 34.25 0.13 0.81
N CYS B 213 33.84 1.39 0.76
CA CYS B 213 33.91 2.15 -0.50
C CYS B 213 35.38 2.45 -0.81
N PHE B 214 36.03 3.20 0.07
CA PHE B 214 37.48 3.37 0.01
C PHE B 214 38.04 3.88 1.35
N PRO B 215 39.16 3.29 1.84
CA PRO B 215 39.96 2.21 1.24
C PRO B 215 39.30 0.84 1.35
N PRO B 216 39.80 -0.16 0.60
CA PRO B 216 39.21 -1.48 0.76
C PRO B 216 39.48 -2.03 2.15
N ASP B 217 38.63 -2.92 2.64
CA ASP B 217 38.91 -3.64 3.89
C ASP B 217 39.31 -2.68 5.04
N SER B 218 38.55 -1.60 5.20
CA SER B 218 38.90 -0.55 6.13
C SER B 218 37.60 0.09 6.59
N GLY B 219 37.57 0.61 7.82
CA GLY B 219 36.41 1.34 8.29
C GLY B 219 35.35 0.55 8.99
N TYR B 220 35.69 -0.67 9.37
CA TYR B 220 34.78 -1.47 10.16
C TYR B 220 34.60 -0.83 11.53
N SER B 221 33.42 -1.03 12.12
CA SER B 221 33.10 -0.52 13.47
C SER B 221 33.95 -1.11 14.59
N THR B 222 34.57 -2.25 14.33
CA THR B 222 35.48 -2.88 15.31
C THR B 222 36.83 -2.16 15.37
N GLU B 223 37.07 -1.21 14.45
CA GLU B 223 38.29 -0.42 14.52
C GLU B 223 38.05 0.75 15.48
N ARG B 224 38.57 0.61 16.70
CA ARG B 224 38.14 1.49 17.77
C ARG B 224 39.30 2.21 18.42
N GLY B 225 40.47 2.12 17.80
CA GLY B 225 41.66 2.66 18.40
C GLY B 225 42.29 1.57 19.25
N ALA B 226 43.43 1.90 19.85
CA ALA B 226 44.14 0.91 20.64
C ALA B 226 44.82 1.62 21.79
N GLY B 227 45.10 0.85 22.83
CA GLY B 227 45.83 1.38 23.96
C GLY B 227 45.01 2.40 24.68
N ASN B 228 45.65 3.47 25.15
CA ASN B 228 44.92 4.59 25.74
CA ASN B 228 44.82 4.50 25.78
C ASN B 228 43.91 5.18 24.76
N GLY B 229 44.20 4.97 23.48
CA GLY B 229 43.33 5.42 22.40
C GLY B 229 42.12 4.53 22.18
N HIS B 230 42.06 3.37 22.83
CA HIS B 230 40.90 2.48 22.60
C HIS B 230 39.58 3.11 23.03
N GLY B 231 38.57 3.10 22.15
CA GLY B 231 37.30 3.76 22.42
C GLY B 231 37.23 5.15 21.81
N TYR B 232 38.32 5.61 21.21
CA TYR B 232 38.36 6.99 20.75
C TYR B 232 38.48 7.08 19.24
N ASN B 233 38.13 5.98 18.59
CA ASN B 233 37.90 5.98 17.15
C ASN B 233 36.54 5.37 16.92
N ILE B 234 35.68 6.08 16.18
CA ILE B 234 34.32 5.62 15.89
C ILE B 234 34.11 5.63 14.40
N ASN B 235 33.99 4.45 13.82
CA ASN B 235 33.58 4.29 12.43
C ASN B 235 32.10 3.99 12.36
N VAL B 236 31.42 4.66 11.44
CA VAL B 236 30.02 4.40 11.19
C VAL B 236 29.91 4.05 9.71
N PRO B 237 30.25 2.79 9.34
CA PRO B 237 30.09 2.35 7.98
C PRO B 237 28.59 2.18 7.69
N LEU B 238 28.15 2.79 6.59
CA LEU B 238 26.75 2.80 6.21
C LEU B 238 26.63 2.14 4.88
N PRO B 239 25.48 1.49 4.62
CA PRO B 239 25.30 0.81 3.34
C PRO B 239 25.22 1.75 2.16
N PRO B 240 25.68 1.27 0.98
CA PRO B 240 25.43 2.03 -0.24
C PRO B 240 23.95 2.39 -0.36
N GLY B 241 23.66 3.55 -0.95
CA GLY B 241 22.28 4.00 -1.02
C GLY B 241 21.78 4.79 0.17
N SER B 242 22.54 4.83 1.27
CA SER B 242 22.17 5.66 2.43
C SER B 242 22.06 7.13 2.04
N GLY B 243 21.01 7.78 2.51
CA GLY B 243 20.80 9.19 2.18
C GLY B 243 20.62 10.02 3.43
N ASN B 244 19.80 11.04 3.31
CA ASN B 244 19.65 12.05 4.36
C ASN B 244 19.19 11.47 5.66
N ALA B 245 18.28 10.49 5.58
CA ALA B 245 17.69 9.92 6.79
C ALA B 245 18.75 9.13 7.55
N ALA B 246 19.52 8.29 6.85
CA ALA B 246 20.57 7.49 7.47
C ALA B 246 21.63 8.41 8.10
N TYR B 247 22.09 9.38 7.34
CA TYR B 247 23.09 10.31 7.82
C TYR B 247 22.62 11.11 9.04
N LEU B 248 21.39 11.61 8.99
CA LEU B 248 20.89 12.42 10.11
C LEU B 248 20.60 11.58 11.35
N HIS B 249 20.11 10.37 11.16
CA HIS B 249 19.98 9.39 12.23
C HIS B 249 21.35 9.10 12.85
N ALA B 250 22.36 8.93 11.99
CA ALA B 250 23.73 8.71 12.45
C ALA B 250 24.17 9.92 13.25
N MET B 251 23.79 11.12 12.79
CA MET B 251 24.17 12.33 13.53
C MET B 251 23.58 12.35 14.94
N ASP B 252 22.27 12.14 15.04
CA ASP B 252 21.56 12.24 16.31
C ASP B 252 21.93 11.10 17.24
N GLN B 253 22.08 9.91 16.68
CA GLN B 253 22.19 8.70 17.48
C GLN B 253 23.62 8.34 17.83
N VAL B 254 24.59 8.83 17.05
CA VAL B 254 25.98 8.42 17.26
C VAL B 254 26.94 9.61 17.37
N VAL B 255 26.91 10.50 16.37
CA VAL B 255 27.89 11.57 16.28
C VAL B 255 27.74 12.59 17.38
N LEU B 256 26.54 13.14 17.54
CA LEU B 256 26.29 14.14 18.56
C LEU B 256 26.50 13.55 19.96
N PRO B 257 25.93 12.35 20.23
CA PRO B 257 26.20 11.75 21.54
C PRO B 257 27.68 11.53 21.79
N ALA B 258 28.41 11.09 20.75
CA ALA B 258 29.86 10.85 20.89
C ALA B 258 30.60 12.14 21.26
N LEU B 259 30.30 13.21 20.52
CA LEU B 259 30.93 14.52 20.76
C LEU B 259 30.61 15.06 22.17
N ARG B 260 29.35 14.94 22.56
CA ARG B 260 28.92 15.43 23.88
C ARG B 260 29.56 14.62 25.00
N ALA B 261 29.77 13.33 24.77
CA ALA B 261 30.44 12.44 25.74
C ALA B 261 31.91 12.81 25.86
N TYR B 262 32.53 13.09 24.71
CA TYR B 262 33.95 13.38 24.64
C TYR B 262 34.33 14.78 25.15
N ARG B 263 33.46 15.75 24.94
CA ARG B 263 33.75 17.14 25.29
C ARG B 263 35.08 17.62 24.71
N PRO B 264 35.17 17.68 23.37
CA PRO B 264 36.36 18.23 22.76
C PRO B 264 36.35 19.75 22.95
N GLN B 265 37.51 20.37 22.91
CA GLN B 265 37.59 21.82 23.02
CA GLN B 265 37.66 21.82 23.00
C GLN B 265 37.51 22.47 21.63
N LEU B 266 37.53 21.63 20.61
CA LEU B 266 37.43 22.06 19.23
C LEU B 266 36.91 20.89 18.43
N ILE B 267 36.00 21.18 17.49
CA ILE B 267 35.56 20.14 16.57
C ILE B 267 36.08 20.52 15.19
N ILE B 268 36.76 19.56 14.57
CA ILE B 268 37.26 19.74 13.21
C ILE B 268 36.43 18.80 12.36
N VAL B 269 35.83 19.33 11.29
CA VAL B 269 35.04 18.52 10.40
C VAL B 269 35.80 18.30 9.10
N GLY B 270 36.08 17.03 8.81
CA GLY B 270 36.62 16.63 7.51
C GLY B 270 35.43 16.61 6.59
N SER B 271 35.23 17.72 5.90
CA SER B 271 33.99 17.95 5.19
C SER B 271 34.17 17.55 3.72
N GLY B 272 33.79 16.32 3.39
CA GLY B 272 33.75 15.92 2.00
C GLY B 272 32.30 15.99 1.57
N PHE B 273 32.07 16.09 0.27
CA PHE B 273 30.71 16.04 -0.26
C PHE B 273 30.49 14.90 -1.23
N ASP B 274 31.32 13.85 -1.12
CA ASP B 274 31.22 12.71 -2.04
C ASP B 274 30.16 11.69 -1.62
N ALA B 275 29.46 11.98 -0.52
CA ALA B 275 28.26 11.26 -0.17
C ALA B 275 27.04 11.83 -0.91
N SER B 276 27.25 12.81 -1.79
CA SER B 276 26.14 13.43 -2.48
C SER B 276 25.49 12.47 -3.46
N MET B 277 24.20 12.69 -3.65
CA MET B 277 23.36 11.97 -4.60
C MET B 277 23.98 11.82 -6.00
N LEU B 278 24.81 12.78 -6.38
CA LEU B 278 25.35 12.86 -7.76
C LEU B 278 26.82 12.51 -7.83
N ASP B 279 27.40 12.01 -6.74
CA ASP B 279 28.83 11.74 -6.76
C ASP B 279 29.15 10.42 -7.48
N PRO B 280 30.12 10.44 -8.41
CA PRO B 280 30.55 9.19 -9.00
C PRO B 280 31.34 8.25 -8.06
N LEU B 281 31.98 8.78 -7.01
CA LEU B 281 32.91 7.96 -6.22
C LEU B 281 32.29 7.31 -4.99
N ALA B 282 30.98 7.39 -4.89
CA ALA B 282 30.24 6.59 -3.91
C ALA B 282 28.78 6.47 -4.34
N ARG B 283 28.02 5.74 -3.55
CA ARG B 283 26.64 5.35 -3.91
C ARG B 283 25.65 5.90 -2.89
N MET B 284 25.97 7.04 -2.31
CA MET B 284 25.12 7.64 -1.28
C MET B 284 24.21 8.71 -1.86
N MET B 285 23.22 9.11 -1.06
CA MET B 285 22.12 9.89 -1.60
C MET B 285 21.92 11.18 -0.82
N VAL B 286 22.99 11.66 -0.20
CA VAL B 286 22.89 12.91 0.57
C VAL B 286 22.67 14.07 -0.39
N THR B 287 21.73 14.95 -0.06
CA THR B 287 21.51 16.15 -0.84
C THR B 287 22.15 17.35 -0.13
N ALA B 288 22.13 18.50 -0.80
CA ALA B 288 22.64 19.74 -0.21
C ALA B 288 21.91 19.97 1.11
N ASP B 289 20.62 19.65 1.17
CA ASP B 289 19.93 19.80 2.43
C ASP B 289 20.44 18.83 3.49
N GLY B 290 20.73 17.59 3.12
CA GLY B 290 21.32 16.66 4.07
C GLY B 290 22.60 17.21 4.68
N PHE B 291 23.52 17.69 3.85
CA PHE B 291 24.74 18.35 4.32
C PHE B 291 24.45 19.57 5.18
N ARG B 292 23.46 20.37 4.78
CA ARG B 292 23.04 21.52 5.57
C ARG B 292 22.64 21.10 6.99
N GLN B 293 21.81 20.08 7.10
CA GLN B 293 21.31 19.61 8.39
C GLN B 293 22.40 18.96 9.21
N MET B 294 23.30 18.23 8.56
CA MET B 294 24.45 17.67 9.23
C MET B 294 25.33 18.79 9.81
N ALA B 295 25.61 19.81 8.99
CA ALA B 295 26.42 20.96 9.44
C ALA B 295 25.70 21.70 10.57
N ARG B 296 24.40 21.93 10.38
CA ARG B 296 23.59 22.60 11.41
C ARG B 296 23.72 21.90 12.77
N ARG B 297 23.49 20.59 12.77
CA ARG B 297 23.59 19.77 13.99
C ARG B 297 24.96 19.79 14.63
N THR B 298 26.03 19.76 13.82
CA THR B 298 27.41 19.78 14.32
C THR B 298 27.82 21.17 14.86
N ILE B 299 27.45 22.22 14.14
CA ILE B 299 27.74 23.58 14.58
C ILE B 299 26.99 23.86 15.89
N ASP B 300 25.73 23.46 15.93
CA ASP B 300 24.97 23.60 17.18
C ASP B 300 25.58 22.84 18.32
N CYS B 301 26.06 21.64 18.04
CA CYS B 301 26.76 20.84 19.02
C CYS B 301 28.03 21.54 19.54
N ALA B 302 28.82 22.07 18.60
CA ALA B 302 30.01 22.87 18.93
C ALA B 302 29.63 24.07 19.81
N ALA B 303 28.57 24.79 19.43
CA ALA B 303 28.05 25.90 20.23
C ALA B 303 27.75 25.47 21.66
N ASP B 304 27.13 24.31 21.83
CA ASP B 304 26.84 23.79 23.17
C ASP B 304 28.05 23.37 23.97
N ILE B 305 28.98 22.68 23.31
CA ILE B 305 30.01 21.97 24.06
C ILE B 305 31.42 22.55 24.00
N CYS B 306 31.75 23.29 22.94
CA CYS B 306 33.06 23.91 22.84
C CYS B 306 32.98 25.34 22.36
N ASP B 307 31.97 26.05 22.87
CA ASP B 307 31.79 27.48 22.64
C ASP B 307 31.79 27.86 21.16
N GLY B 308 31.29 26.95 20.31
CA GLY B 308 31.18 27.22 18.88
C GLY B 308 32.43 26.98 18.06
N ARG B 309 33.48 26.45 18.67
CA ARG B 309 34.75 26.35 17.98
C ARG B 309 34.67 25.15 17.05
N ILE B 310 34.44 25.45 15.76
CA ILE B 310 34.31 24.40 14.77
C ILE B 310 34.98 24.84 13.49
N VAL B 311 35.77 23.95 12.92
CA VAL B 311 36.59 24.26 11.77
C VAL B 311 36.34 23.17 10.74
N PHE B 312 35.75 23.56 9.62
CA PHE B 312 35.48 22.64 8.54
C PHE B 312 36.65 22.68 7.59
N VAL B 313 37.10 21.50 7.17
CA VAL B 313 38.23 21.37 6.27
C VAL B 313 37.78 20.44 5.15
N GLN B 314 37.95 20.94 3.92
CA GLN B 314 37.46 20.26 2.74
C GLN B 314 38.18 18.93 2.56
N GLU B 315 37.40 17.88 2.35
CA GLU B 315 37.93 16.59 1.90
C GLU B 315 37.47 16.35 0.44
N GLY B 316 36.86 15.20 0.15
CA GLY B 316 36.55 14.82 -1.23
C GLY B 316 35.21 15.37 -1.72
N GLY B 317 34.80 14.91 -2.89
CA GLY B 317 33.60 15.43 -3.54
C GLY B 317 33.96 15.61 -5.00
N TYR B 318 33.18 14.99 -5.88
CA TYR B 318 33.57 14.86 -7.29
C TYR B 318 32.48 15.19 -8.27
N SER B 319 31.45 15.86 -7.78
CA SER B 319 30.41 16.32 -8.65
C SER B 319 30.62 17.81 -8.88
N PRO B 320 31.17 18.16 -10.05
CA PRO B 320 31.39 19.59 -10.30
C PRO B 320 30.04 20.30 -10.37
N HIS B 321 28.98 19.57 -10.74
CA HIS B 321 27.65 20.17 -10.82
C HIS B 321 27.11 20.43 -9.40
N TYR B 322 27.17 19.42 -8.57
CA TYR B 322 26.43 19.43 -7.32
C TYR B 322 27.24 19.79 -6.10
N LEU B 323 28.53 19.47 -6.10
CA LEU B 323 29.37 19.78 -4.95
C LEU B 323 29.31 21.25 -4.51
N PRO B 324 29.44 22.20 -5.46
CA PRO B 324 29.36 23.58 -4.99
C PRO B 324 28.11 23.90 -4.14
N PHE B 325 26.95 23.36 -4.49
CA PHE B 325 25.71 23.64 -3.72
C PHE B 325 25.68 22.92 -2.40
N CYS B 326 26.31 21.75 -2.34
CA CYS B 326 26.44 21.04 -1.08
C CYS B 326 27.37 21.81 -0.15
N GLY B 327 28.49 22.24 -0.71
CA GLY B 327 29.45 23.06 0.00
C GLY B 327 28.87 24.39 0.47
N LEU B 328 28.16 25.07 -0.42
CA LEU B 328 27.57 26.37 -0.09
C LEU B 328 26.60 26.21 1.09
N ALA B 329 25.79 25.16 1.06
CA ALA B 329 24.87 24.87 2.17
C ALA B 329 25.58 24.89 3.53
N VAL B 330 26.71 24.19 3.63
CA VAL B 330 27.50 24.16 4.87
C VAL B 330 27.99 25.58 5.25
N ILE B 331 28.52 26.32 4.29
CA ILE B 331 29.03 27.66 4.61
C ILE B 331 27.89 28.59 5.04
N GLU B 332 26.72 28.41 4.43
CA GLU B 332 25.55 29.19 4.77
C GLU B 332 25.13 28.92 6.20
N GLU B 333 25.32 27.68 6.66
CA GLU B 333 25.02 27.32 8.05
C GLU B 333 25.99 27.91 9.05
N LEU B 334 27.24 28.12 8.60
CA LEU B 334 28.24 28.81 9.39
C LEU B 334 27.93 30.30 9.51
N THR B 335 27.63 30.95 8.38
CA THR B 335 27.33 32.39 8.40
C THR B 335 25.93 32.70 8.90
N GLY B 336 25.01 31.73 8.78
CA GLY B 336 23.60 31.99 9.06
C GLY B 336 22.96 32.85 7.98
N VAL B 337 23.64 33.01 6.85
CA VAL B 337 23.11 33.83 5.77
C VAL B 337 22.84 32.95 4.56
N ARG B 338 21.57 32.84 4.18
CA ARG B 338 21.21 32.08 2.97
C ARG B 338 21.44 32.91 1.74
N SER B 339 22.25 32.39 0.82
CA SER B 339 22.41 33.05 -0.46
C SER B 339 21.54 32.45 -1.56
N LEU B 340 21.43 31.13 -1.61
CA LEU B 340 20.80 30.46 -2.73
C LEU B 340 20.07 29.20 -2.34
N PRO B 341 19.00 28.83 -3.09
CA PRO B 341 18.44 27.50 -2.95
C PRO B 341 19.35 26.51 -3.70
N ASP B 342 19.17 25.23 -3.42
CA ASP B 342 19.73 24.16 -4.22
C ASP B 342 18.88 23.96 -5.48
N PRO B 343 19.41 24.38 -6.65
CA PRO B 343 18.61 24.34 -7.86
C PRO B 343 18.38 22.90 -8.35
N TYR B 344 19.09 21.93 -7.76
CA TYR B 344 18.90 20.52 -8.07
C TYR B 344 17.93 19.88 -7.11
N HIS B 345 17.45 20.62 -6.12
CA HIS B 345 16.60 19.99 -5.11
C HIS B 345 15.39 19.24 -5.68
N GLU B 346 14.58 19.91 -6.50
CA GLU B 346 13.40 19.26 -7.09
C GLU B 346 13.75 18.01 -7.88
N PHE B 347 14.82 18.07 -8.68
CA PHE B 347 15.30 16.92 -9.47
C PHE B 347 15.65 15.71 -8.60
N LEU B 348 16.25 15.97 -7.43
CA LEU B 348 16.74 14.90 -6.55
C LEU B 348 15.73 14.44 -5.52
N ALA B 349 14.69 15.25 -5.32
CA ALA B 349 13.79 15.12 -4.19
C ALA B 349 13.00 13.82 -4.18
N GLY B 350 12.65 13.32 -5.36
CA GLY B 350 11.85 12.09 -5.44
C GLY B 350 12.71 10.83 -5.46
N MET B 351 14.03 10.99 -5.52
CA MET B 351 14.89 9.83 -5.72
C MET B 351 15.00 8.99 -4.48
N GLY B 352 14.68 9.56 -3.32
CA GLY B 352 14.74 8.81 -2.08
C GLY B 352 15.99 9.12 -1.25
N GLY B 353 16.27 8.24 -0.30
CA GLY B 353 17.32 8.47 0.66
C GLY B 353 16.78 9.11 1.92
N ASN B 354 15.52 9.55 1.88
CA ASN B 354 14.92 10.33 2.96
C ASN B 354 14.16 9.49 3.97
N THR B 355 14.27 8.17 3.81
CA THR B 355 13.64 7.18 4.69
C THR B 355 14.73 6.37 5.31
N LEU B 356 14.73 6.24 6.63
CA LEU B 356 15.70 5.38 7.30
C LEU B 356 15.33 3.94 6.98
N LEU B 357 16.15 3.26 6.20
CA LEU B 357 15.88 1.90 5.86
C LEU B 357 16.37 1.02 6.99
N ASP B 358 15.78 -0.17 7.12
CA ASP B 358 16.13 -1.09 8.21
C ASP B 358 17.62 -1.42 8.28
N ALA B 359 18.24 -1.65 7.13
CA ALA B 359 19.68 -1.96 7.09
C ALA B 359 20.52 -0.74 7.49
N GLU B 360 20.05 0.46 7.16
CA GLU B 360 20.73 1.68 7.56
C GLU B 360 20.62 1.84 9.07
N ARG B 361 19.43 1.63 9.60
CA ARG B 361 19.21 1.69 11.04
C ARG B 361 20.12 0.70 11.78
N ALA B 362 20.14 -0.53 11.29
CA ALA B 362 20.94 -1.61 11.88
C ALA B 362 22.42 -1.21 11.89
N ALA B 363 22.91 -0.68 10.78
CA ALA B 363 24.31 -0.24 10.71
C ALA B 363 24.63 0.81 11.75
N ILE B 364 23.69 1.72 11.99
CA ILE B 364 23.88 2.79 12.96
C ILE B 364 23.76 2.24 14.39
N GLU B 365 22.79 1.35 14.61
CA GLU B 365 22.57 0.74 15.91
C GLU B 365 23.79 -0.03 16.41
N GLU B 366 24.55 -0.61 15.48
CA GLU B 366 25.82 -1.29 15.81
C GLU B 366 26.84 -0.39 16.56
N ILE B 367 26.76 0.91 16.35
CA ILE B 367 27.75 1.84 16.88
C ILE B 367 27.32 2.40 18.23
N VAL B 368 26.01 2.40 18.49
CA VAL B 368 25.47 3.01 19.70
C VAL B 368 26.11 2.47 21.00
N PRO B 369 26.29 1.13 21.13
CA PRO B 369 27.02 0.64 22.31
C PRO B 369 28.40 1.26 22.53
N LEU B 370 29.06 1.69 21.46
CA LEU B 370 30.44 2.23 21.55
C LEU B 370 30.49 3.53 22.34
N LEU B 371 29.37 4.24 22.34
CA LEU B 371 29.27 5.51 23.02
C LEU B 371 29.60 5.41 24.49
N ALA B 372 29.23 4.29 25.09
CA ALA B 372 29.41 4.05 26.52
C ALA B 372 30.87 4.18 26.94
N ASP B 373 31.78 3.91 26.02
CA ASP B 373 33.21 3.86 26.36
C ASP B 373 33.95 5.18 26.20
N ILE B 374 33.25 6.20 25.72
CA ILE B 374 33.86 7.53 25.53
C ILE B 374 33.91 8.23 26.90
N ARG B 375 35.12 8.35 27.45
CA ARG B 375 35.37 8.73 28.86
C ARG B 375 35.19 7.56 29.81
N ALA C 8 28.74 -13.59 -36.97
CA ALA C 8 28.95 -12.21 -37.49
C ALA C 8 28.24 -11.22 -36.57
N ILE C 9 29.01 -10.34 -35.92
CA ILE C 9 28.41 -9.39 -34.98
C ILE C 9 28.52 -8.00 -35.56
N GLY C 10 27.36 -7.40 -35.80
CA GLY C 10 27.33 -6.06 -36.32
C GLY C 10 27.68 -5.02 -35.28
N TYR C 11 28.27 -3.93 -35.74
CA TYR C 11 28.64 -2.85 -34.85
C TYR C 11 28.34 -1.54 -35.49
N VAL C 12 27.58 -0.69 -34.80
CA VAL C 12 27.21 0.60 -35.40
C VAL C 12 27.83 1.72 -34.59
N TRP C 13 28.70 2.49 -35.25
CA TRP C 13 29.13 3.75 -34.69
C TRP C 13 29.20 4.71 -35.86
N ASN C 14 28.53 5.84 -35.70
CA ASN C 14 28.63 6.91 -36.65
C ASN C 14 29.30 8.07 -35.93
N THR C 15 30.31 8.66 -36.56
CA THR C 15 30.99 9.87 -36.04
C THR C 15 30.07 10.94 -35.42
N LEU C 16 28.93 11.21 -36.06
CA LEU C 16 28.01 12.21 -35.56
C LEU C 16 27.40 11.87 -34.20
N TYR C 17 27.36 10.59 -33.85
CA TYR C 17 26.96 10.20 -32.48
C TYR C 17 27.79 10.91 -31.41
N GLY C 18 29.08 11.11 -31.70
CA GLY C 18 29.98 11.84 -30.82
C GLY C 18 29.92 13.35 -30.92
N TRP C 19 29.07 13.87 -31.80
CA TRP C 19 28.97 15.30 -32.07
C TRP C 19 27.66 15.91 -31.57
N VAL C 20 26.88 15.13 -30.82
CA VAL C 20 25.63 15.65 -30.27
C VAL C 20 26.00 16.80 -29.33
N ASP C 21 25.46 17.98 -29.62
CA ASP C 21 25.76 19.19 -28.86
C ASP C 21 24.97 19.17 -27.55
N THR C 22 25.71 19.07 -26.46
CA THR C 22 25.14 18.96 -25.13
C THR C 22 25.09 20.29 -24.36
N GLY C 23 25.53 21.38 -25.00
CA GLY C 23 25.45 22.73 -24.40
C GLY C 23 26.55 23.03 -23.40
N THR C 24 26.27 23.92 -22.44
CA THR C 24 27.24 24.32 -21.42
C THR C 24 26.65 24.29 -19.99
N GLY C 25 25.50 23.66 -19.86
CA GLY C 25 24.94 23.33 -18.54
C GLY C 25 25.48 21.99 -18.07
N SER C 26 25.11 21.61 -16.85
CA SER C 26 25.47 20.29 -16.32
C SER C 26 24.42 19.24 -16.70
N LEU C 27 23.16 19.57 -16.40
CA LEU C 27 22.00 18.72 -16.60
C LEU C 27 20.98 19.61 -17.31
N ALA C 28 20.40 20.52 -16.53
CA ALA C 28 19.70 21.67 -17.07
C ALA C 28 20.74 22.72 -17.46
N ALA C 29 20.30 23.81 -18.08
CA ALA C 29 21.24 24.83 -18.54
C ALA C 29 22.00 25.45 -17.37
N ALA C 30 23.21 25.95 -17.66
CA ALA C 30 23.92 26.82 -16.73
C ALA C 30 23.00 28.02 -16.59
N ASN C 31 22.74 28.40 -15.34
CA ASN C 31 21.70 29.35 -14.99
C ASN C 31 22.34 30.36 -14.08
N LEU C 32 22.54 31.55 -14.61
CA LEU C 32 23.29 32.56 -13.90
C LEU C 32 22.61 33.02 -12.62
N THR C 33 21.29 33.19 -12.67
CA THR C 33 20.51 33.65 -11.50
C THR C 33 20.62 32.62 -10.37
N ALA C 34 20.56 31.34 -10.73
CA ALA C 34 20.77 30.24 -9.78
C ALA C 34 22.25 30.05 -9.39
N ARG C 35 23.12 30.73 -10.13
CA ARG C 35 24.58 30.62 -9.96
C ARG C 35 25.06 29.18 -10.20
N MET C 36 24.49 28.59 -11.25
CA MET C 36 24.95 27.32 -11.79
C MET C 36 26.02 27.64 -12.82
N GLN C 37 27.28 27.50 -12.41
CA GLN C 37 28.40 27.90 -13.24
C GLN C 37 28.39 27.07 -14.53
N PRO C 38 28.67 27.73 -15.68
CA PRO C 38 28.82 26.93 -16.88
C PRO C 38 29.88 25.85 -16.70
N ILE C 39 29.70 24.72 -17.37
CA ILE C 39 30.74 23.68 -17.36
C ILE C 39 31.04 23.19 -18.76
N SER C 40 32.30 22.85 -19.04
CA SER C 40 32.70 22.42 -20.39
C SER C 40 32.13 21.05 -20.72
N HIS C 41 32.11 20.15 -19.75
CA HIS C 41 31.56 18.81 -19.96
C HIS C 41 30.24 18.52 -19.25
N HIS C 42 29.16 18.70 -20.02
CA HIS C 42 27.81 18.32 -19.63
C HIS C 42 27.81 16.87 -19.20
N LEU C 43 26.91 16.53 -18.28
CA LEU C 43 26.79 15.14 -17.86
C LEU C 43 26.65 14.19 -19.01
N ALA C 44 25.81 14.56 -20.00
CA ALA C 44 25.51 13.72 -21.15
C ALA C 44 26.41 13.98 -22.36
N HIS C 45 27.56 14.63 -22.13
CA HIS C 45 28.54 14.88 -23.18
C HIS C 45 28.81 13.60 -23.97
N PRO C 46 28.84 13.69 -25.32
CA PRO C 46 28.99 12.46 -26.12
C PRO C 46 30.34 11.77 -26.00
N ASP C 47 31.30 12.40 -25.28
CA ASP C 47 32.64 11.81 -25.08
C ASP C 47 32.61 10.44 -24.43
N THR C 48 31.68 10.25 -23.50
CA THR C 48 31.61 8.98 -22.77
C THR C 48 31.35 7.85 -23.75
N LYS C 49 30.37 8.05 -24.62
CA LYS C 49 30.07 7.04 -25.63
C LYS C 49 31.17 6.95 -26.69
N ARG C 50 31.78 8.07 -27.05
CA ARG C 50 32.89 8.02 -27.99
CA ARG C 50 32.90 8.05 -27.98
C ARG C 50 34.06 7.22 -27.41
N ARG C 51 34.32 7.38 -26.12
CA ARG C 51 35.35 6.61 -25.44
C ARG C 51 35.05 5.11 -25.47
N PHE C 52 33.76 4.74 -25.38
CA PHE C 52 33.36 3.34 -25.55
C PHE C 52 33.75 2.88 -26.98
N HIS C 53 33.31 3.63 -27.98
CA HIS C 53 33.73 3.35 -29.35
C HIS C 53 35.25 3.21 -29.50
N GLU C 54 35.99 4.15 -28.93
CA GLU C 54 37.45 4.11 -29.09
C GLU C 54 38.09 2.91 -28.42
N LEU C 55 37.55 2.51 -27.28
CA LEU C 55 38.01 1.30 -26.64
C LEU C 55 37.67 0.07 -27.50
N VAL C 56 36.47 0.03 -28.07
CA VAL C 56 36.10 -1.07 -28.99
C VAL C 56 37.19 -1.20 -30.07
N CYS C 57 37.61 -0.07 -30.63
CA CYS C 57 38.72 -0.07 -31.60
C CYS C 57 40.10 -0.38 -30.99
N ALA C 58 40.53 0.41 -30.00
CA ALA C 58 41.88 0.25 -29.41
C ALA C 58 42.14 -1.12 -28.80
N SER C 59 41.08 -1.77 -28.30
CA SER C 59 41.20 -3.08 -27.67
C SER C 59 41.35 -4.17 -28.73
N GLY C 60 41.06 -3.83 -29.98
CA GLY C 60 41.07 -4.83 -31.04
C GLY C 60 39.72 -5.51 -31.26
N GLN C 61 38.72 -5.18 -30.43
CA GLN C 61 37.41 -5.79 -30.62
C GLN C 61 36.84 -5.49 -31.99
N ILE C 62 37.08 -4.28 -32.50
CA ILE C 62 36.62 -3.88 -33.83
C ILE C 62 36.98 -4.93 -34.91
N GLU C 63 38.15 -5.56 -34.79
CA GLU C 63 38.57 -6.57 -35.76
C GLU C 63 37.61 -7.77 -35.80
N HIS C 64 36.81 -7.94 -34.75
CA HIS C 64 35.91 -9.08 -34.63
C HIS C 64 34.46 -8.67 -34.87
N LEU C 65 34.28 -7.41 -35.23
CA LEU C 65 32.95 -6.89 -35.46
C LEU C 65 32.81 -6.59 -36.93
N THR C 66 31.58 -6.66 -37.40
CA THR C 66 31.28 -6.23 -38.74
C THR C 66 30.67 -4.85 -38.62
N PRO C 67 31.44 -3.81 -39.00
CA PRO C 67 30.95 -2.44 -38.93
C PRO C 67 29.78 -2.31 -39.89
N ILE C 68 28.67 -1.82 -39.37
CA ILE C 68 27.45 -1.62 -40.11
C ILE C 68 27.20 -0.12 -40.12
N ALA C 69 27.11 0.48 -41.32
CA ALA C 69 26.82 1.91 -41.42
C ALA C 69 25.41 2.19 -40.93
N ALA C 70 25.27 3.24 -40.12
CA ALA C 70 23.95 3.76 -39.78
C ALA C 70 23.24 4.22 -41.06
N VAL C 71 21.94 3.93 -41.16
CA VAL C 71 21.11 4.58 -42.19
C VAL C 71 20.21 5.56 -41.43
N ALA C 72 19.93 6.73 -42.00
CA ALA C 72 19.03 7.66 -41.32
C ALA C 72 17.62 7.07 -41.30
N ALA C 73 17.04 6.93 -40.12
CA ALA C 73 15.66 6.46 -40.01
C ALA C 73 14.83 7.45 -40.80
N THR C 74 13.91 6.95 -41.60
CA THR C 74 13.04 7.80 -42.38
C THR C 74 11.88 8.26 -41.52
N ASP C 75 11.17 9.26 -42.01
CA ASP C 75 9.89 9.65 -41.41
C ASP C 75 8.99 8.44 -41.15
N ALA C 76 8.82 7.59 -42.16
CA ALA C 76 7.97 6.41 -42.03
C ALA C 76 8.51 5.45 -40.97
N ASP C 77 9.84 5.34 -40.85
CA ASP C 77 10.40 4.50 -39.78
C ASP C 77 10.02 5.08 -38.42
N ILE C 78 10.22 6.39 -38.27
CA ILE C 78 9.90 7.07 -37.01
C ILE C 78 8.42 6.96 -36.64
N LEU C 79 7.57 6.96 -37.67
CA LEU C 79 6.14 6.93 -37.44
C LEU C 79 5.61 5.57 -36.96
N ARG C 80 6.45 4.53 -37.07
CA ARG C 80 6.09 3.26 -36.48
C ARG C 80 6.15 3.28 -34.96
N ALA C 81 6.82 4.28 -34.39
CA ALA C 81 6.98 4.37 -32.94
C ALA C 81 6.36 5.65 -32.38
N HIS C 82 6.34 6.69 -33.20
CA HIS C 82 6.00 8.04 -32.78
C HIS C 82 4.89 8.66 -33.59
N SER C 83 4.26 9.66 -32.99
CA SER C 83 3.21 10.45 -33.61
C SER C 83 3.82 11.37 -34.68
N ALA C 84 3.00 11.70 -35.69
CA ALA C 84 3.35 12.70 -36.67
C ALA C 84 3.71 14.02 -35.97
N ALA C 85 2.97 14.38 -34.92
CA ALA C 85 3.17 15.65 -34.22
C ALA C 85 4.56 15.69 -33.60
N HIS C 86 4.98 14.56 -33.02
CA HIS C 86 6.30 14.52 -32.43
C HIS C 86 7.38 14.66 -33.50
N LEU C 87 7.21 13.96 -34.62
CA LEU C 87 8.21 14.02 -35.68
C LEU C 87 8.27 15.46 -36.25
N GLU C 88 7.11 16.06 -36.51
CA GLU C 88 7.10 17.43 -36.99
C GLU C 88 7.73 18.41 -35.98
N ASN C 89 7.43 18.22 -34.70
CA ASN C 89 8.04 19.03 -33.65
C ASN C 89 9.58 18.90 -33.60
N MET C 90 10.09 17.68 -33.78
CA MET C 90 11.54 17.47 -33.83
C MET C 90 12.16 18.15 -35.04
N LYS C 91 11.46 18.12 -36.17
CA LYS C 91 11.89 18.85 -37.36
C LYS C 91 11.86 20.36 -37.11
N ARG C 92 10.78 20.85 -36.50
CA ARG C 92 10.67 22.26 -36.10
C ARG C 92 11.87 22.75 -35.27
N VAL C 93 12.16 22.04 -34.17
CA VAL C 93 13.25 22.41 -33.28
C VAL C 93 14.59 22.37 -34.03
N SER C 94 14.83 21.30 -34.75
CA SER C 94 16.09 21.14 -35.49
C SER C 94 16.31 22.21 -36.58
N ASN C 95 15.22 22.71 -37.17
CA ASN C 95 15.27 23.79 -38.15
C ASN C 95 15.42 25.20 -37.54
N LEU C 96 15.22 25.35 -36.23
CA LEU C 96 15.45 26.63 -35.58
C LEU C 96 16.92 27.06 -35.76
N PRO C 97 17.15 28.38 -35.98
CA PRO C 97 18.47 28.93 -36.29
C PRO C 97 19.60 28.25 -35.54
N THR C 98 19.41 28.08 -34.23
CA THR C 98 20.40 27.39 -33.41
C THR C 98 19.74 26.28 -32.59
N GLY C 99 18.79 25.59 -33.21
CA GLY C 99 18.03 24.54 -32.55
C GLY C 99 17.31 25.08 -31.33
N GLY C 100 17.11 24.21 -30.35
CA GLY C 100 16.38 24.60 -29.17
C GLY C 100 15.94 23.45 -28.32
N ASP C 101 15.07 23.81 -27.38
CA ASP C 101 14.41 22.93 -26.41
C ASP C 101 13.37 22.03 -27.10
N THR C 102 13.43 20.74 -26.84
CA THR C 102 12.53 19.81 -27.49
C THR C 102 11.20 19.67 -26.75
N GLY C 103 11.11 20.28 -25.58
CA GLY C 103 9.85 20.37 -24.85
C GLY C 103 9.97 20.29 -23.34
N ASP C 104 11.03 19.67 -22.84
CA ASP C 104 11.20 19.47 -21.39
C ASP C 104 12.22 20.43 -20.76
N GLY C 105 12.64 21.48 -21.47
CA GLY C 105 13.61 22.43 -20.94
C GLY C 105 15.05 21.93 -20.94
N ILE C 106 15.21 20.62 -21.02
CA ILE C 106 16.50 19.97 -21.24
C ILE C 106 16.25 19.05 -22.42
N THR C 107 17.25 18.36 -22.95
CA THR C 107 17.04 17.66 -24.22
C THR C 107 16.98 18.73 -25.31
N MET C 108 18.16 19.05 -25.81
CA MET C 108 18.32 20.05 -26.83
C MET C 108 18.63 19.37 -28.13
N MET C 109 18.30 20.06 -29.19
CA MET C 109 18.81 19.67 -30.45
C MET C 109 19.40 20.95 -31.00
N GLY C 110 20.66 20.87 -31.44
CA GLY C 110 21.26 21.93 -32.23
C GLY C 110 20.56 22.02 -33.58
N ASN C 111 20.85 23.09 -34.32
CA ASN C 111 20.32 23.20 -35.66
C ASN C 111 20.82 22.01 -36.50
N GLY C 112 19.90 21.31 -37.14
CA GLY C 112 20.26 20.13 -37.90
C GLY C 112 20.54 18.92 -37.03
N GLY C 113 20.35 19.06 -35.72
CA GLY C 113 20.50 17.94 -34.80
C GLY C 113 19.59 16.75 -35.13
N LEU C 114 18.49 17.01 -35.85
CA LEU C 114 17.61 15.90 -36.26
C LEU C 114 18.39 14.87 -37.07
N GLU C 115 19.42 15.32 -37.79
CA GLU C 115 20.20 14.40 -38.59
C GLU C 115 20.78 13.29 -37.71
N ILE C 116 21.27 13.67 -36.54
CA ILE C 116 21.90 12.68 -35.65
C ILE C 116 20.84 11.81 -34.99
N ALA C 117 19.73 12.40 -34.58
CA ALA C 117 18.63 11.60 -34.03
C ALA C 117 18.14 10.55 -35.04
N ARG C 118 18.11 10.90 -36.34
CA ARG C 118 17.72 9.93 -37.40
C ARG C 118 18.72 8.79 -37.55
N LEU C 119 20.00 9.13 -37.47
CA LEU C 119 21.10 8.18 -37.62
C LEU C 119 21.18 7.27 -36.41
N SER C 120 20.83 7.82 -35.24
CA SER C 120 20.79 7.04 -34.02
C SER C 120 19.69 5.97 -34.12
N ALA C 121 18.45 6.39 -34.39
CA ALA C 121 17.34 5.43 -34.58
C ALA C 121 17.62 4.49 -35.77
N GLY C 122 18.16 5.04 -36.84
CA GLY C 122 18.45 4.27 -38.07
C GLY C 122 19.56 3.26 -37.88
N GLY C 123 20.50 3.59 -37.00
CA GLY C 123 21.56 2.64 -36.62
C GLY C 123 20.93 1.38 -36.02
N ALA C 124 19.98 1.59 -35.12
CA ALA C 124 19.29 0.51 -34.46
C ALA C 124 18.46 -0.29 -35.47
N VAL C 125 17.75 0.41 -36.35
CA VAL C 125 16.94 -0.24 -37.37
C VAL C 125 17.83 -1.03 -38.31
N GLU C 126 18.90 -0.40 -38.80
CA GLU C 126 19.76 -1.04 -39.79
C GLU C 126 20.45 -2.31 -39.23
N LEU C 127 20.91 -2.21 -37.99
CA LEU C 127 21.46 -3.38 -37.32
C LEU C 127 20.40 -4.51 -37.18
N THR C 128 19.20 -4.16 -36.73
CA THR C 128 18.10 -5.11 -36.57
C THR C 128 17.75 -5.81 -37.89
N ARG C 129 17.67 -5.04 -38.98
CA ARG C 129 17.46 -5.58 -40.35
C ARG C 129 18.47 -6.66 -40.66
N ARG C 130 19.74 -6.34 -40.44
CA ARG C 130 20.81 -7.24 -40.86
C ARG C 130 20.96 -8.43 -39.93
N VAL C 131 20.58 -8.29 -38.67
CA VAL C 131 20.48 -9.42 -37.76
C VAL C 131 19.31 -10.31 -38.22
N ALA C 132 18.17 -9.70 -38.57
CA ALA C 132 16.95 -10.45 -38.96
C ALA C 132 17.12 -11.27 -40.25
N THR C 133 17.87 -10.73 -41.22
CA THR C 133 18.15 -11.45 -42.48
C THR C 133 19.03 -12.66 -42.27
N GLY C 134 19.66 -12.74 -41.10
CA GLY C 134 20.67 -13.75 -40.84
C GLY C 134 22.04 -13.34 -41.36
N GLU C 135 22.14 -12.18 -42.00
CA GLU C 135 23.46 -11.65 -42.36
C GLU C 135 24.36 -11.61 -41.13
N LEU C 136 23.79 -11.16 -40.02
CA LEU C 136 24.52 -11.07 -38.76
C LEU C 136 23.78 -11.91 -37.76
N SER C 137 24.46 -12.36 -36.71
CA SER C 137 23.78 -13.14 -35.69
C SER C 137 23.24 -12.24 -34.59
N ALA C 138 23.86 -11.07 -34.44
CA ALA C 138 23.60 -10.18 -33.34
C ALA C 138 24.41 -8.92 -33.58
N GLY C 139 24.25 -7.94 -32.72
CA GLY C 139 25.05 -6.75 -32.83
C GLY C 139 24.86 -5.77 -31.72
N TYR C 140 25.71 -4.75 -31.74
CA TYR C 140 25.63 -3.65 -30.80
C TYR C 140 25.62 -2.35 -31.60
N ALA C 141 24.55 -1.56 -31.43
CA ALA C 141 24.43 -0.28 -32.08
C ALA C 141 24.78 0.76 -31.02
N LEU C 142 25.98 1.34 -31.16
CA LEU C 142 26.46 2.29 -30.17
C LEU C 142 25.98 3.70 -30.55
N VAL C 143 24.67 3.91 -30.40
CA VAL C 143 24.02 5.08 -30.95
C VAL C 143 24.03 6.21 -29.93
N ASN C 144 23.77 7.43 -30.40
CA ASN C 144 23.57 8.58 -29.56
C ASN C 144 22.94 9.61 -30.49
N PRO C 145 21.88 10.34 -30.06
CA PRO C 145 21.24 10.37 -28.74
C PRO C 145 20.52 9.06 -28.36
N PRO C 146 20.30 8.85 -27.05
CA PRO C 146 19.57 7.69 -26.51
C PRO C 146 18.08 7.79 -26.79
N GLY C 147 17.33 6.79 -26.38
CA GLY C 147 15.98 6.67 -26.87
C GLY C 147 14.90 6.40 -25.86
N HIS C 148 15.23 5.73 -24.77
CA HIS C 148 14.17 5.03 -24.00
C HIS C 148 13.19 5.92 -23.24
N HIS C 149 13.52 7.19 -23.01
CA HIS C 149 12.57 8.12 -22.38
C HIS C 149 11.55 8.73 -23.32
N ALA C 150 11.81 8.64 -24.63
CA ALA C 150 10.94 9.27 -25.62
C ALA C 150 9.66 8.44 -25.76
N PRO C 151 8.52 8.98 -25.30
CA PRO C 151 7.27 8.24 -25.45
C PRO C 151 6.73 8.44 -26.86
N HIS C 152 5.51 7.97 -27.12
CA HIS C 152 4.99 8.06 -28.48
C HIS C 152 4.98 9.51 -28.99
N ASN C 153 4.66 10.45 -28.11
CA ASN C 153 4.41 11.80 -28.54
C ASN C 153 5.33 12.86 -27.95
N ALA C 154 6.54 12.47 -27.53
CA ALA C 154 7.45 13.51 -27.01
C ALA C 154 8.90 13.10 -27.05
N ALA C 155 9.76 14.11 -26.92
CA ALA C 155 11.18 13.91 -26.64
C ALA C 155 11.31 14.06 -25.13
N MET C 156 12.28 13.38 -24.54
CA MET C 156 12.43 13.48 -23.08
C MET C 156 13.75 12.93 -22.62
N GLY C 157 14.30 13.52 -21.57
CA GLY C 157 15.48 12.99 -20.90
C GLY C 157 16.59 12.60 -21.88
N PHE C 158 16.97 13.56 -22.73
CA PHE C 158 18.04 13.42 -23.74
C PHE C 158 17.63 12.59 -24.96
N CYS C 159 16.39 12.09 -24.97
CA CYS C 159 15.95 11.20 -26.03
C CYS C 159 15.05 11.91 -27.01
N ILE C 160 15.43 11.93 -28.28
CA ILE C 160 14.62 12.54 -29.31
C ILE C 160 13.64 11.51 -29.87
N PHE C 161 14.17 10.37 -30.28
CA PHE C 161 13.33 9.28 -30.75
C PHE C 161 13.64 8.04 -29.94
N ASN C 162 12.65 7.15 -29.81
CA ASN C 162 12.84 5.93 -29.08
C ASN C 162 13.48 4.92 -30.01
N ASN C 163 14.80 4.88 -30.01
CA ASN C 163 15.56 4.05 -30.95
C ASN C 163 15.16 2.59 -30.97
N THR C 164 15.01 2.02 -29.79
CA THR C 164 14.73 0.59 -29.71
C THR C 164 13.29 0.30 -30.16
N SER C 165 12.38 1.24 -29.92
CA SER C 165 10.98 1.13 -30.36
C SER C 165 10.85 1.33 -31.88
N VAL C 166 11.66 2.21 -32.44
CA VAL C 166 11.71 2.37 -33.89
C VAL C 166 12.22 1.07 -34.52
N ALA C 167 13.28 0.53 -33.94
CA ALA C 167 13.80 -0.76 -34.38
C ALA C 167 12.78 -1.88 -34.17
N ALA C 168 12.15 -1.93 -32.98
CA ALA C 168 11.07 -2.89 -32.71
C ALA C 168 9.92 -2.75 -33.72
N GLY C 169 9.51 -1.51 -33.98
CA GLY C 169 8.46 -1.23 -34.96
C GLY C 169 8.81 -1.83 -36.31
N TYR C 170 10.04 -1.59 -36.73
CA TYR C 170 10.55 -2.10 -38.00
C TYR C 170 10.54 -3.64 -38.06
N ALA C 171 10.97 -4.29 -36.97
CA ALA C 171 10.98 -5.76 -36.89
C ALA C 171 9.56 -6.31 -36.96
N ARG C 172 8.65 -5.65 -36.26
CA ARG C 172 7.25 -6.06 -36.24
C ARG C 172 6.66 -5.95 -37.65
N ALA C 173 6.89 -4.80 -38.26
CA ALA C 173 6.24 -4.43 -39.52
C ALA C 173 6.97 -5.06 -40.70
N VAL C 174 8.21 -4.68 -40.94
CA VAL C 174 8.89 -5.06 -42.15
C VAL C 174 9.43 -6.50 -42.05
N LEU C 175 10.00 -6.85 -40.90
CA LEU C 175 10.59 -8.19 -40.74
C LEU C 175 9.55 -9.26 -40.40
N GLY C 176 8.31 -8.84 -40.14
CA GLY C 176 7.21 -9.79 -40.01
C GLY C 176 7.19 -10.54 -38.70
N MET C 177 7.89 -10.03 -37.70
CA MET C 177 7.91 -10.65 -36.37
C MET C 177 6.64 -10.35 -35.61
N GLU C 178 6.04 -11.38 -35.03
CA GLU C 178 4.81 -11.17 -34.28
C GLU C 178 5.06 -10.64 -32.88
N ARG C 179 6.23 -10.95 -32.34
CA ARG C 179 6.55 -10.62 -30.97
C ARG C 179 8.00 -10.16 -30.91
N VAL C 180 8.22 -9.02 -30.30
CA VAL C 180 9.57 -8.48 -30.04
C VAL C 180 9.66 -8.16 -28.56
N ALA C 181 10.78 -8.45 -27.91
CA ALA C 181 10.98 -7.96 -26.55
C ALA C 181 12.07 -6.89 -26.52
N ILE C 182 11.84 -5.85 -25.72
CA ILE C 182 12.85 -4.82 -25.48
C ILE C 182 13.20 -4.87 -24.00
N LEU C 183 14.43 -5.29 -23.73
CA LEU C 183 14.93 -5.34 -22.37
C LEU C 183 15.80 -4.10 -22.11
N ASP C 184 15.42 -3.32 -21.14
CA ASP C 184 16.06 -2.05 -20.93
C ASP C 184 16.74 -2.11 -19.55
N TRP C 185 18.07 -2.16 -19.55
CA TRP C 185 18.82 -2.17 -18.30
C TRP C 185 19.62 -0.88 -18.05
N ASP C 186 19.33 0.15 -18.85
CA ASP C 186 19.72 1.49 -18.48
C ASP C 186 19.11 1.64 -17.07
N VAL C 187 19.79 2.34 -16.17
CA VAL C 187 19.42 2.37 -14.76
C VAL C 187 18.14 3.18 -14.53
N HIS C 188 17.78 3.98 -15.51
CA HIS C 188 16.60 4.81 -15.42
C HIS C 188 15.41 4.10 -16.09
N HIS C 189 14.20 4.45 -15.68
CA HIS C 189 13.01 3.78 -16.19
C HIS C 189 12.81 4.11 -17.66
N GLY C 190 12.71 3.09 -18.52
CA GLY C 190 12.31 3.27 -19.92
C GLY C 190 10.82 3.61 -20.07
N ASN C 191 10.41 4.76 -19.52
CA ASN C 191 9.00 5.21 -19.59
C ASN C 191 8.51 5.36 -21.02
N GLY C 192 9.41 5.80 -21.91
CA GLY C 192 9.04 6.09 -23.29
C GLY C 192 8.67 4.83 -24.01
N THR C 193 9.49 3.80 -23.82
CA THR C 193 9.29 2.53 -24.48
C THR C 193 8.02 1.89 -23.92
N GLN C 194 7.84 2.04 -22.61
CA GLN C 194 6.65 1.56 -21.91
C GLN C 194 5.40 2.18 -22.53
N ASP C 195 5.47 3.49 -22.73
CA ASP C 195 4.37 4.23 -23.30
C ASP C 195 4.06 3.75 -24.69
N ILE C 196 5.09 3.56 -25.52
CA ILE C 196 4.86 3.31 -26.95
C ILE C 196 4.10 2.03 -27.12
N TRP C 197 4.48 1.03 -26.32
CA TRP C 197 3.91 -0.30 -26.47
C TRP C 197 2.87 -0.67 -25.40
N TRP C 198 2.42 0.33 -24.65
CA TRP C 198 1.56 0.18 -23.48
C TRP C 198 0.35 -0.74 -23.73
N ASN C 199 -0.31 -0.54 -24.87
CA ASN C 199 -1.53 -1.31 -25.20
C ASN C 199 -1.29 -2.51 -26.09
N ASP C 200 -0.02 -2.86 -26.29
CA ASP C 200 0.34 -3.73 -27.38
C ASP C 200 1.07 -4.98 -26.86
N PRO C 201 0.42 -6.15 -26.92
CA PRO C 201 1.05 -7.38 -26.43
C PRO C 201 2.17 -7.85 -27.34
N SER C 202 2.26 -7.29 -28.53
CA SER C 202 3.25 -7.73 -29.51
C SER C 202 4.67 -7.16 -29.31
N VAL C 203 4.82 -6.27 -28.34
CA VAL C 203 6.13 -5.85 -27.88
C VAL C 203 6.13 -5.94 -26.36
N LEU C 204 6.88 -6.91 -25.84
CA LEU C 204 7.10 -7.01 -24.40
C LEU C 204 8.19 -6.03 -24.00
N THR C 205 7.88 -5.15 -23.06
CA THR C 205 8.84 -4.14 -22.62
C THR C 205 9.23 -4.39 -21.18
N ILE C 206 10.52 -4.56 -20.94
CA ILE C 206 11.00 -4.84 -19.59
C ILE C 206 12.00 -3.75 -19.21
N SER C 207 11.78 -3.15 -18.05
CA SER C 207 12.73 -2.17 -17.59
C SER C 207 13.25 -2.56 -16.21
N LEU C 208 14.57 -2.65 -16.10
CA LEU C 208 15.22 -2.72 -14.78
C LEU C 208 15.66 -1.29 -14.52
N HIS C 209 15.47 -0.78 -13.30
CA HIS C 209 15.87 0.58 -13.01
C HIS C 209 15.92 0.81 -11.52
N GLN C 210 16.71 1.78 -11.13
CA GLN C 210 16.65 2.28 -9.77
C GLN C 210 15.28 2.93 -9.60
N HIS C 211 14.58 2.52 -8.55
CA HIS C 211 13.24 3.00 -8.30
C HIS C 211 13.24 4.51 -8.15
N LEU C 212 12.44 5.17 -8.99
CA LEU C 212 12.23 6.63 -8.98
C LEU C 212 13.50 7.42 -9.18
N CYS C 213 14.46 6.86 -9.92
CA CYS C 213 15.68 7.61 -10.19
C CYS C 213 15.37 8.69 -11.24
N PHE C 214 14.87 8.24 -12.38
CA PHE C 214 14.38 9.14 -13.42
C PHE C 214 13.58 8.29 -14.41
N PRO C 215 12.40 8.78 -14.83
CA PRO C 215 11.75 10.04 -14.45
C PRO C 215 11.10 9.93 -13.09
N PRO C 216 10.72 11.06 -12.52
CA PRO C 216 10.01 10.98 -11.25
C PRO C 216 8.64 10.32 -11.44
N ASP C 217 8.15 9.66 -10.40
CA ASP C 217 6.79 9.09 -10.38
C ASP C 217 6.56 8.12 -11.54
N SER C 218 7.53 7.27 -11.80
CA SER C 218 7.50 6.47 -13.00
C SER C 218 8.21 5.16 -12.72
N GLY C 219 7.68 4.10 -13.31
CA GLY C 219 8.37 2.83 -13.32
C GLY C 219 8.01 1.94 -12.16
N TYR C 220 6.86 2.20 -11.55
CA TYR C 220 6.32 1.29 -10.54
C TYR C 220 6.02 -0.05 -11.17
N SER C 221 6.03 -1.11 -10.37
CA SER C 221 5.75 -2.44 -10.86
C SER C 221 4.27 -2.65 -11.17
N THR C 222 3.43 -1.68 -10.77
CA THR C 222 1.98 -1.72 -11.09
C THR C 222 1.69 -1.23 -12.51
N GLU C 223 2.70 -0.65 -13.17
CA GLU C 223 2.60 -0.21 -14.57
C GLU C 223 2.86 -1.40 -15.48
N ARG C 224 1.77 -1.99 -15.97
CA ARG C 224 1.83 -3.30 -16.56
C ARG C 224 1.26 -3.35 -17.99
N GLY C 225 1.03 -2.19 -18.58
CA GLY C 225 0.38 -2.08 -19.88
C GLY C 225 -1.13 -2.01 -19.74
N ALA C 226 -1.85 -2.02 -20.85
CA ALA C 226 -3.31 -1.88 -20.80
C ALA C 226 -3.97 -2.61 -21.96
N GLY C 227 -5.20 -3.05 -21.72
CA GLY C 227 -5.99 -3.80 -22.70
C GLY C 227 -5.29 -5.07 -23.12
N ASN C 228 -5.17 -5.27 -24.43
CA ASN C 228 -4.47 -6.41 -24.99
C ASN C 228 -3.04 -6.45 -24.49
N GLY C 229 -2.50 -5.28 -24.18
CA GLY C 229 -1.10 -5.17 -23.73
C GLY C 229 -0.91 -5.38 -22.24
N HIS C 230 -2.00 -5.57 -21.49
CA HIS C 230 -1.87 -5.76 -20.06
C HIS C 230 -1.09 -7.04 -19.73
N GLY C 231 -0.01 -6.88 -18.97
CA GLY C 231 0.87 -7.97 -18.63
C GLY C 231 2.09 -8.00 -19.53
N TYR C 232 2.16 -7.04 -20.47
CA TYR C 232 3.26 -7.05 -21.44
C TYR C 232 4.25 -5.90 -21.27
N ASN C 233 4.20 -5.26 -20.11
CA ASN C 233 5.20 -4.31 -19.66
C ASN C 233 5.54 -4.73 -18.25
N ILE C 234 6.84 -4.89 -18.00
CA ILE C 234 7.33 -5.37 -16.72
C ILE C 234 8.39 -4.38 -16.24
N ASN C 235 8.12 -3.70 -15.14
CA ASN C 235 9.09 -2.85 -14.49
C ASN C 235 9.66 -3.60 -13.32
N VAL C 236 10.97 -3.56 -13.18
CA VAL C 236 11.67 -4.11 -12.02
C VAL C 236 12.39 -2.95 -11.32
N PRO C 237 11.64 -2.14 -10.53
CA PRO C 237 12.34 -1.09 -9.80
C PRO C 237 13.16 -1.72 -8.68
N LEU C 238 14.41 -1.28 -8.59
CA LEU C 238 15.34 -1.82 -7.64
C LEU C 238 15.82 -0.71 -6.72
N PRO C 239 16.21 -1.08 -5.49
CA PRO C 239 16.69 -0.02 -4.59
C PRO C 239 18.10 0.48 -4.93
N PRO C 240 18.38 1.75 -4.63
CA PRO C 240 19.74 2.31 -4.69
C PRO C 240 20.70 1.35 -4.00
N GLY C 241 21.90 1.21 -4.54
CA GLY C 241 22.89 0.33 -3.97
C GLY C 241 22.86 -1.08 -4.55
N SER C 242 21.82 -1.43 -5.30
CA SER C 242 21.73 -2.75 -5.97
C SER C 242 22.93 -2.93 -6.89
N GLY C 243 23.59 -4.08 -6.81
CA GLY C 243 24.74 -4.30 -7.66
C GLY C 243 24.55 -5.56 -8.47
N ASN C 244 25.64 -6.27 -8.73
CA ASN C 244 25.62 -7.45 -9.61
C ASN C 244 24.65 -8.51 -9.14
N ALA C 245 24.64 -8.77 -7.84
CA ALA C 245 23.79 -9.83 -7.28
C ALA C 245 22.31 -9.55 -7.54
N ALA C 246 21.86 -8.34 -7.22
CA ALA C 246 20.47 -7.93 -7.46
C ALA C 246 20.12 -7.99 -8.94
N TYR C 247 20.98 -7.42 -9.78
CA TYR C 247 20.70 -7.37 -11.19
C TYR C 247 20.60 -8.80 -11.80
N LEU C 248 21.51 -9.67 -11.39
CA LEU C 248 21.55 -11.03 -11.91
C LEU C 248 20.40 -11.86 -11.35
N HIS C 249 20.03 -11.58 -10.10
CA HIS C 249 18.81 -12.17 -9.52
C HIS C 249 17.55 -11.69 -10.27
N ALA C 250 17.52 -10.41 -10.65
CA ALA C 250 16.41 -9.88 -11.47
C ALA C 250 16.40 -10.60 -12.82
N MET C 251 17.58 -10.81 -13.40
CA MET C 251 17.67 -11.49 -14.70
C MET C 251 17.12 -12.89 -14.57
N ASP C 252 17.54 -13.57 -13.51
CA ASP C 252 17.22 -14.98 -13.35
C ASP C 252 15.80 -15.24 -12.90
N GLN C 253 15.27 -14.36 -12.04
CA GLN C 253 13.96 -14.54 -11.48
C GLN C 253 12.86 -13.90 -12.29
N VAL C 254 13.18 -12.88 -13.09
CA VAL C 254 12.16 -12.13 -13.78
C VAL C 254 12.38 -12.05 -15.27
N VAL C 255 13.52 -11.48 -15.67
CA VAL C 255 13.75 -11.14 -17.05
C VAL C 255 13.77 -12.36 -17.94
N LEU C 256 14.64 -13.30 -17.62
CA LEU C 256 14.79 -14.50 -18.43
C LEU C 256 13.49 -15.35 -18.45
N PRO C 257 12.87 -15.62 -17.28
CA PRO C 257 11.56 -16.28 -17.36
C PRO C 257 10.52 -15.52 -18.20
N ALA C 258 10.50 -14.20 -18.11
CA ALA C 258 9.57 -13.38 -18.90
C ALA C 258 9.82 -13.58 -20.39
N LEU C 259 11.08 -13.55 -20.79
CA LEU C 259 11.45 -13.76 -22.18
C LEU C 259 11.08 -15.16 -22.65
N ARG C 260 11.35 -16.15 -21.81
CA ARG C 260 11.04 -17.52 -22.16
C ARG C 260 9.52 -17.75 -22.25
N ALA C 261 8.75 -17.16 -21.33
CA ALA C 261 7.29 -17.22 -21.40
C ALA C 261 6.75 -16.50 -22.64
N TYR C 262 7.35 -15.35 -22.94
CA TYR C 262 6.86 -14.49 -24.03
C TYR C 262 7.19 -15.01 -25.44
N ARG C 263 8.35 -15.63 -25.58
CA ARG C 263 8.82 -16.14 -26.87
C ARG C 263 8.92 -15.04 -27.94
N PRO C 264 9.74 -14.00 -27.69
CA PRO C 264 9.89 -13.01 -28.75
C PRO C 264 10.71 -13.60 -29.89
N GLN C 265 10.57 -13.06 -31.08
CA GLN C 265 11.35 -13.54 -32.22
C GLN C 265 12.59 -12.69 -32.38
N LEU C 266 12.72 -11.71 -31.48
CA LEU C 266 13.85 -10.82 -31.45
C LEU C 266 13.93 -10.19 -30.08
N ILE C 267 15.13 -10.12 -29.54
CA ILE C 267 15.36 -9.40 -28.31
C ILE C 267 16.19 -8.15 -28.61
N ILE C 268 15.64 -7.01 -28.24
CA ILE C 268 16.37 -5.76 -28.34
C ILE C 268 16.69 -5.32 -26.92
N VAL C 269 17.95 -5.03 -26.69
CA VAL C 269 18.37 -4.62 -25.38
C VAL C 269 18.66 -3.14 -25.43
N GLY C 270 17.91 -2.38 -24.64
CA GLY C 270 18.25 -0.98 -24.34
C GLY C 270 19.41 -0.99 -23.36
N SER C 271 20.61 -0.92 -23.90
CA SER C 271 21.82 -1.16 -23.12
C SER C 271 22.41 0.14 -22.61
N GLY C 272 21.99 0.54 -21.43
CA GLY C 272 22.65 1.64 -20.76
C GLY C 272 23.64 1.08 -19.76
N PHE C 273 24.61 1.89 -19.38
CA PHE C 273 25.59 1.50 -18.38
C PHE C 273 25.62 2.48 -17.22
N ASP C 274 24.52 3.19 -17.03
CA ASP C 274 24.42 4.12 -15.90
C ASP C 274 24.10 3.46 -14.57
N ALA C 275 23.90 2.14 -14.58
CA ALA C 275 23.81 1.39 -13.34
C ALA C 275 25.19 1.00 -12.84
N SER C 276 26.23 1.46 -13.52
CA SER C 276 27.56 1.06 -13.11
C SER C 276 27.94 1.71 -11.78
N MET C 277 28.85 1.02 -11.12
CA MET C 277 29.42 1.43 -9.85
C MET C 277 29.88 2.88 -9.78
N LEU C 278 30.30 3.48 -10.90
CA LEU C 278 30.92 4.78 -10.88
C LEU C 278 30.07 5.84 -11.61
N ASP C 279 28.81 5.55 -11.86
CA ASP C 279 28.00 6.52 -12.57
C ASP C 279 27.43 7.56 -11.62
N PRO C 280 27.52 8.84 -12.01
CA PRO C 280 26.94 9.94 -11.20
C PRO C 280 25.41 10.00 -11.25
N LEU C 281 24.82 9.41 -12.29
CA LEU C 281 23.40 9.60 -12.50
C LEU C 281 22.51 8.50 -11.91
N ALA C 282 23.10 7.59 -11.16
CA ALA C 282 22.33 6.65 -10.32
C ALA C 282 23.22 6.12 -9.21
N ARG C 283 22.66 5.28 -8.36
CA ARG C 283 23.33 4.83 -7.15
C ARG C 283 23.54 3.32 -7.17
N MET C 284 23.69 2.73 -8.36
CA MET C 284 23.82 1.28 -8.45
C MET C 284 25.28 0.85 -8.50
N MET C 285 25.47 -0.46 -8.38
CA MET C 285 26.80 -0.99 -8.10
C MET C 285 27.22 -2.03 -9.12
N VAL C 286 26.65 -1.94 -10.33
CA VAL C 286 26.92 -2.94 -11.36
C VAL C 286 28.34 -2.68 -11.87
N THR C 287 29.12 -3.75 -11.95
CA THR C 287 30.47 -3.65 -12.50
C THR C 287 30.48 -4.16 -13.93
N ALA C 288 31.57 -3.94 -14.64
CA ALA C 288 31.69 -4.44 -16.01
C ALA C 288 31.40 -5.95 -16.05
N ASP C 289 31.85 -6.69 -15.03
CA ASP C 289 31.54 -8.13 -14.97
C ASP C 289 30.04 -8.40 -14.79
N GLY C 290 29.33 -7.52 -14.09
CA GLY C 290 27.87 -7.67 -13.91
C GLY C 290 27.19 -7.52 -15.26
N PHE C 291 27.56 -6.46 -15.97
CA PHE C 291 27.06 -6.20 -17.34
C PHE C 291 27.47 -7.33 -18.28
N ARG C 292 28.70 -7.83 -18.12
CA ARG C 292 29.12 -9.01 -18.89
C ARG C 292 28.14 -10.18 -18.67
N GLN C 293 27.79 -10.44 -17.42
CA GLN C 293 26.95 -11.59 -17.12
C GLN C 293 25.53 -11.34 -17.58
N MET C 294 25.11 -10.09 -17.48
CA MET C 294 23.79 -9.71 -17.96
C MET C 294 23.68 -9.88 -19.47
N ALA C 295 24.72 -9.45 -20.19
CA ALA C 295 24.78 -9.61 -21.63
C ALA C 295 24.78 -11.09 -22.01
N ARG C 296 25.64 -11.85 -21.35
CA ARG C 296 25.79 -13.30 -21.58
C ARG C 296 24.47 -14.04 -21.39
N ARG C 297 23.80 -13.79 -20.27
CA ARG C 297 22.48 -14.36 -20.00
C ARG C 297 21.47 -14.05 -21.10
N THR C 298 21.45 -12.80 -21.55
CA THR C 298 20.43 -12.36 -22.51
C THR C 298 20.73 -12.93 -23.90
N ILE C 299 22.00 -12.93 -24.28
CA ILE C 299 22.44 -13.53 -25.53
C ILE C 299 22.12 -15.03 -25.53
N ASP C 300 22.40 -15.71 -24.42
CA ASP C 300 22.13 -17.13 -24.31
C ASP C 300 20.62 -17.37 -24.42
N CYS C 301 19.83 -16.51 -23.78
CA CYS C 301 18.37 -16.57 -23.91
C CYS C 301 17.91 -16.45 -25.36
N ALA C 302 18.41 -15.43 -26.07
CA ALA C 302 18.12 -15.26 -27.50
C ALA C 302 18.49 -16.52 -28.32
N ALA C 303 19.65 -17.11 -28.02
CA ALA C 303 20.07 -18.36 -28.65
C ALA C 303 19.04 -19.44 -28.46
N ASP C 304 18.54 -19.58 -27.24
CA ASP C 304 17.51 -20.59 -26.94
C ASP C 304 16.16 -20.32 -27.59
N ILE C 305 15.74 -19.07 -27.62
CA ILE C 305 14.33 -18.79 -27.93
C ILE C 305 14.08 -18.08 -29.26
N CYS C 306 15.08 -17.39 -29.80
CA CYS C 306 14.85 -16.70 -31.06
C CYS C 306 16.06 -16.72 -32.01
N ASP C 307 16.65 -17.90 -32.14
CA ASP C 307 17.73 -18.13 -33.11
C ASP C 307 18.89 -17.17 -32.90
N GLY C 308 19.10 -16.76 -31.65
CA GLY C 308 20.17 -15.84 -31.30
C GLY C 308 19.97 -14.40 -31.75
N ARG C 309 18.77 -14.04 -32.22
CA ARG C 309 18.54 -12.67 -32.71
C ARG C 309 18.42 -11.69 -31.55
N ILE C 310 19.51 -10.96 -31.34
CA ILE C 310 19.59 -10.00 -30.25
C ILE C 310 20.36 -8.77 -30.75
N VAL C 311 19.80 -7.59 -30.49
CA VAL C 311 20.35 -6.34 -30.95
C VAL C 311 20.46 -5.44 -29.73
N PHE C 312 21.69 -5.06 -29.41
CA PHE C 312 21.93 -4.17 -28.29
C PHE C 312 21.92 -2.77 -28.84
N VAL C 313 21.25 -1.87 -28.13
CA VAL C 313 21.22 -0.49 -28.54
C VAL C 313 21.56 0.38 -27.34
N GLN C 314 22.58 1.21 -27.54
CA GLN C 314 23.09 2.06 -26.47
C GLN C 314 22.02 2.97 -25.90
N GLU C 315 21.91 2.94 -24.57
CA GLU C 315 21.12 3.92 -23.88
C GLU C 315 22.06 4.87 -23.12
N GLY C 316 21.85 5.09 -21.83
CA GLY C 316 22.59 6.10 -21.10
C GLY C 316 23.86 5.53 -20.46
N GLY C 317 24.50 6.34 -19.62
CA GLY C 317 25.74 5.93 -18.99
C GLY C 317 26.63 7.15 -19.06
N TYR C 318 27.20 7.53 -17.92
CA TYR C 318 27.81 8.86 -17.79
C TYR C 318 29.18 8.86 -17.15
N SER C 319 29.75 7.67 -16.99
CA SER C 319 31.13 7.55 -16.54
C SER C 319 32.10 7.44 -17.72
N PRO C 320 32.77 8.55 -18.08
CA PRO C 320 33.71 8.40 -19.21
C PRO C 320 34.85 7.46 -18.87
N HIS C 321 35.15 7.35 -17.58
CA HIS C 321 36.20 6.44 -17.08
C HIS C 321 35.82 4.98 -17.22
N TYR C 322 34.62 4.65 -16.77
CA TYR C 322 34.25 3.26 -16.58
C TYR C 322 33.30 2.70 -17.61
N LEU C 323 32.41 3.53 -18.14
CA LEU C 323 31.46 3.05 -19.16
C LEU C 323 32.13 2.27 -20.30
N PRO C 324 33.25 2.78 -20.83
CA PRO C 324 33.87 2.05 -21.94
C PRO C 324 34.17 0.58 -21.59
N PHE C 325 34.60 0.32 -20.35
CA PHE C 325 34.87 -1.07 -19.91
C PHE C 325 33.60 -1.90 -19.70
N CYS C 326 32.53 -1.26 -19.25
CA CYS C 326 31.25 -1.95 -19.12
C CYS C 326 30.74 -2.31 -20.51
N GLY C 327 30.82 -1.34 -21.43
CA GLY C 327 30.41 -1.54 -22.82
C GLY C 327 31.23 -2.62 -23.49
N LEU C 328 32.55 -2.53 -23.31
CA LEU C 328 33.46 -3.50 -23.88
C LEU C 328 33.11 -4.92 -23.45
N ALA C 329 32.75 -5.10 -22.17
CA ALA C 329 32.41 -6.44 -21.69
C ALA C 329 31.20 -6.98 -22.46
N VAL C 330 30.24 -6.12 -22.78
CA VAL C 330 29.07 -6.57 -23.53
C VAL C 330 29.47 -6.96 -24.96
N ILE C 331 30.33 -6.14 -25.58
CA ILE C 331 30.84 -6.41 -26.93
C ILE C 331 31.58 -7.77 -26.94
N GLU C 332 32.41 -8.01 -25.93
CA GLU C 332 33.21 -9.25 -25.88
C GLU C 332 32.29 -10.46 -25.77
N GLU C 333 31.18 -10.29 -25.06
CA GLU C 333 30.22 -11.37 -24.90
C GLU C 333 29.52 -11.66 -26.24
N LEU C 334 29.40 -10.64 -27.07
CA LEU C 334 28.87 -10.81 -28.41
C LEU C 334 29.86 -11.49 -29.36
N THR C 335 31.10 -11.02 -29.38
CA THR C 335 32.12 -11.57 -30.30
C THR C 335 32.67 -12.88 -29.79
N GLY C 336 32.58 -13.09 -28.48
CA GLY C 336 33.20 -14.23 -27.82
C GLY C 336 34.72 -14.14 -27.78
N VAL C 337 35.26 -12.93 -27.97
CA VAL C 337 36.70 -12.72 -27.86
C VAL C 337 36.95 -11.81 -26.67
N ARG C 338 37.61 -12.35 -25.65
CA ARG C 338 37.74 -11.64 -24.37
C ARG C 338 39.21 -11.34 -24.15
N SER C 339 39.60 -10.14 -24.51
CA SER C 339 41.03 -9.81 -24.64
C SER C 339 41.53 -8.66 -23.74
N LEU C 340 40.68 -8.15 -22.85
CA LEU C 340 41.13 -7.12 -21.92
C LEU C 340 40.44 -7.30 -20.59
N PRO C 341 41.21 -7.14 -19.50
CA PRO C 341 40.57 -7.15 -18.18
C PRO C 341 39.88 -5.83 -17.95
N ASP C 342 38.96 -5.80 -16.99
CA ASP C 342 38.47 -4.54 -16.50
C ASP C 342 39.51 -4.03 -15.49
N PRO C 343 40.21 -2.92 -15.83
CA PRO C 343 41.35 -2.51 -15.03
C PRO C 343 40.90 -1.89 -13.70
N TYR C 344 39.59 -1.62 -13.59
CA TYR C 344 38.98 -1.16 -12.36
C TYR C 344 38.49 -2.29 -11.46
N HIS C 345 38.55 -3.51 -11.98
CA HIS C 345 37.92 -4.64 -11.30
C HIS C 345 38.33 -4.76 -9.83
N GLU C 346 39.63 -4.68 -9.57
CA GLU C 346 40.07 -4.80 -8.19
C GLU C 346 39.72 -3.56 -7.34
N PHE C 347 39.76 -2.37 -7.94
CA PHE C 347 39.31 -1.18 -7.22
C PHE C 347 37.83 -1.34 -6.75
N LEU C 348 37.00 -1.90 -7.61
CA LEU C 348 35.56 -1.92 -7.39
C LEU C 348 35.07 -3.17 -6.67
N ALA C 349 35.81 -4.26 -6.81
CA ALA C 349 35.34 -5.58 -6.37
C ALA C 349 35.08 -5.72 -4.87
N GLY C 350 35.73 -4.90 -4.05
CA GLY C 350 35.51 -4.98 -2.61
C GLY C 350 34.41 -4.05 -2.12
N MET C 351 33.83 -3.28 -3.03
CA MET C 351 32.87 -2.26 -2.61
C MET C 351 31.51 -2.83 -2.25
N GLY C 352 31.25 -4.06 -2.67
CA GLY C 352 29.95 -4.65 -2.40
C GLY C 352 29.09 -4.62 -3.64
N GLY C 353 27.82 -5.00 -3.47
CA GLY C 353 26.90 -5.14 -4.59
C GLY C 353 26.81 -6.59 -5.03
N ASN C 354 27.76 -7.41 -4.58
CA ASN C 354 27.85 -8.81 -5.04
C ASN C 354 27.13 -9.79 -4.15
N THR C 355 26.44 -9.27 -3.14
CA THR C 355 25.58 -10.10 -2.30
C THR C 355 24.15 -9.64 -2.47
N LEU C 356 23.25 -10.59 -2.72
CA LEU C 356 21.86 -10.26 -2.86
C LEU C 356 21.28 -9.90 -1.50
N LEU C 357 20.93 -8.63 -1.33
CA LEU C 357 20.46 -8.16 -0.04
C LEU C 357 18.98 -8.49 0.07
N ASP C 358 18.48 -8.63 1.30
CA ASP C 358 17.06 -8.94 1.52
C ASP C 358 16.11 -7.96 0.83
N ALA C 359 16.41 -6.66 0.95
CA ALA C 359 15.61 -5.62 0.33
C ALA C 359 15.66 -5.75 -1.18
N GLU C 360 16.81 -6.15 -1.71
CA GLU C 360 16.96 -6.38 -3.16
C GLU C 360 16.15 -7.60 -3.59
N ARG C 361 16.34 -8.72 -2.90
CA ARG C 361 15.56 -9.93 -3.14
C ARG C 361 14.05 -9.65 -3.10
N ALA C 362 13.61 -8.97 -2.06
CA ALA C 362 12.19 -8.62 -1.92
C ALA C 362 11.65 -7.75 -3.07
N ALA C 363 12.44 -6.76 -3.50
CA ALA C 363 12.04 -5.90 -4.61
C ALA C 363 11.71 -6.74 -5.84
N ILE C 364 12.54 -7.75 -6.06
CA ILE C 364 12.47 -8.57 -7.24
C ILE C 364 11.33 -9.58 -7.10
N GLU C 365 11.17 -10.11 -5.89
CA GLU C 365 10.10 -11.05 -5.62
C GLU C 365 8.72 -10.43 -5.90
N GLU C 366 8.60 -9.11 -5.72
CA GLU C 366 7.36 -8.38 -6.02
C GLU C 366 6.93 -8.58 -7.48
N ILE C 367 7.90 -8.88 -8.35
CA ILE C 367 7.64 -8.93 -9.79
C ILE C 367 7.35 -10.35 -10.29
N VAL C 368 7.84 -11.34 -9.56
CA VAL C 368 7.68 -12.74 -9.96
C VAL C 368 6.23 -13.14 -10.27
N PRO C 369 5.25 -12.73 -9.41
CA PRO C 369 3.85 -13.09 -9.72
C PRO C 369 3.36 -12.54 -11.05
N LEU C 370 3.99 -11.47 -11.56
CA LEU C 370 3.58 -10.86 -12.82
C LEU C 370 3.87 -11.76 -14.04
N LEU C 371 4.81 -12.68 -13.89
CA LEU C 371 5.15 -13.64 -14.94
C LEU C 371 3.95 -14.45 -15.40
N ALA C 372 3.07 -14.78 -14.45
CA ALA C 372 1.91 -15.63 -14.70
C ALA C 372 1.00 -15.08 -15.81
N ASP C 373 1.01 -13.76 -15.99
CA ASP C 373 0.13 -13.11 -16.94
C ASP C 373 0.71 -13.04 -18.35
N ILE C 374 1.94 -13.52 -18.53
CA ILE C 374 2.52 -13.52 -19.86
C ILE C 374 2.05 -14.75 -20.63
N ARG C 375 1.35 -14.49 -21.73
CA ARG C 375 0.87 -15.47 -22.73
C ARG C 375 -0.59 -15.86 -22.51
N MET D 1 2.14 7.61 -9.22
CA MET D 1 1.63 6.67 -10.26
C MET D 1 0.78 7.39 -11.30
N HIS D 2 1.25 7.44 -12.55
CA HIS D 2 0.50 8.14 -13.60
C HIS D 2 0.40 7.43 -14.96
N HIS D 3 0.67 6.13 -14.97
CA HIS D 3 0.40 5.31 -16.15
C HIS D 3 -0.64 4.26 -15.79
N HIS D 4 -1.88 4.50 -16.23
CA HIS D 4 -3.04 3.67 -15.82
C HIS D 4 -3.41 2.64 -16.87
N HIS D 5 -4.03 1.53 -16.45
CA HIS D 5 -4.44 0.48 -17.39
C HIS D 5 -5.91 0.51 -17.77
N HIS D 6 -6.71 1.29 -17.02
CA HIS D 6 -8.13 1.43 -17.30
C HIS D 6 -8.36 2.71 -18.07
N HIS D 7 -9.51 2.76 -18.76
CA HIS D 7 -10.00 4.01 -19.35
C HIS D 7 -10.51 4.89 -18.20
N ALA D 8 -11.10 6.03 -18.53
CA ALA D 8 -11.64 6.91 -17.50
C ALA D 8 -12.88 6.28 -16.85
N ILE D 9 -12.79 6.09 -15.54
CA ILE D 9 -13.89 5.53 -14.79
C ILE D 9 -14.45 6.65 -13.92
N GLY D 10 -15.70 7.03 -14.19
CA GLY D 10 -16.37 8.09 -13.47
C GLY D 10 -16.68 7.67 -12.04
N TYR D 11 -16.65 8.64 -11.14
CA TYR D 11 -17.00 8.41 -9.76
C TYR D 11 -17.71 9.62 -9.20
N VAL D 12 -18.89 9.40 -8.63
CA VAL D 12 -19.71 10.50 -8.12
C VAL D 12 -19.90 10.28 -6.62
N TRP D 13 -19.47 11.29 -5.89
CA TRP D 13 -19.77 11.40 -4.48
C TRP D 13 -19.93 12.87 -4.22
N ASN D 14 -21.06 13.23 -3.64
CA ASN D 14 -21.26 14.59 -3.23
C ASN D 14 -21.40 14.56 -1.72
N THR D 15 -20.78 15.53 -1.08
CA THR D 15 -20.82 15.64 0.38
C THR D 15 -22.22 15.49 1.00
N LEU D 16 -23.21 16.12 0.38
CA LEU D 16 -24.60 16.06 0.88
C LEU D 16 -25.21 14.67 0.87
N TYR D 17 -24.71 13.79 0.01
CA TYR D 17 -25.18 12.40 0.09
C TYR D 17 -24.99 11.85 1.51
N GLY D 18 -23.92 12.28 2.17
CA GLY D 18 -23.65 11.85 3.54
C GLY D 18 -24.39 12.62 4.61
N TRP D 19 -25.21 13.59 4.20
CA TRP D 19 -25.90 14.48 5.14
C TRP D 19 -27.39 14.25 5.19
N VAL D 20 -27.87 13.26 4.45
CA VAL D 20 -29.29 12.92 4.50
C VAL D 20 -29.69 12.74 5.96
N ASP D 21 -30.66 13.53 6.41
CA ASP D 21 -31.10 13.40 7.80
C ASP D 21 -32.04 12.22 7.92
N THR D 22 -31.55 11.17 8.57
CA THR D 22 -32.34 9.94 8.77
C THR D 22 -33.09 9.91 10.11
N GLY D 23 -32.94 10.97 10.89
CA GLY D 23 -33.73 11.15 12.10
C GLY D 23 -33.23 10.33 13.27
N THR D 24 -34.14 9.98 14.18
CA THR D 24 -33.77 9.35 15.45
C THR D 24 -34.36 7.95 15.65
N GLY D 25 -34.94 7.41 14.58
CA GLY D 25 -35.57 6.10 14.63
C GLY D 25 -34.69 4.98 14.10
N SER D 26 -35.15 3.76 14.30
CA SER D 26 -34.43 2.59 13.83
C SER D 26 -34.70 2.36 12.36
N LEU D 27 -35.99 2.32 12.02
CA LEU D 27 -36.46 1.94 10.70
C LEU D 27 -37.68 2.80 10.40
N ALA D 28 -38.72 2.64 11.20
CA ALA D 28 -39.75 3.67 11.33
C ALA D 28 -39.27 4.65 12.41
N ALA D 29 -40.09 5.65 12.72
CA ALA D 29 -39.74 6.61 13.76
C ALA D 29 -39.63 5.91 15.13
N ALA D 30 -38.77 6.45 15.99
CA ALA D 30 -38.76 6.07 17.38
C ALA D 30 -40.11 6.51 17.90
N ASN D 31 -40.76 5.64 18.66
CA ASN D 31 -42.12 5.88 19.07
C ASN D 31 -42.25 5.49 20.52
N LEU D 32 -42.56 6.49 21.34
CA LEU D 32 -42.51 6.32 22.77
C LEU D 32 -43.59 5.36 23.26
N THR D 33 -44.80 5.48 22.73
CA THR D 33 -45.87 4.60 23.19
C THR D 33 -45.58 3.11 22.90
N ALA D 34 -44.95 2.86 21.75
CA ALA D 34 -44.54 1.51 21.35
C ALA D 34 -43.27 1.11 22.10
N ARG D 35 -42.69 2.06 22.83
CA ARG D 35 -41.42 1.89 23.57
C ARG D 35 -40.26 1.51 22.64
N MET D 36 -40.26 2.14 21.48
CA MET D 36 -39.15 2.10 20.57
C MET D 36 -38.20 3.22 20.94
N GLN D 37 -37.14 2.84 21.65
CA GLN D 37 -36.13 3.76 22.13
C GLN D 37 -35.45 4.47 20.97
N PRO D 38 -35.25 5.81 21.08
CA PRO D 38 -34.52 6.49 20.01
C PRO D 38 -33.13 5.94 19.90
N ILE D 39 -32.54 6.06 18.71
CA ILE D 39 -31.22 5.50 18.45
C ILE D 39 -30.43 6.49 17.59
N SER D 40 -29.11 6.56 17.82
CA SER D 40 -28.23 7.51 17.10
C SER D 40 -28.03 7.13 15.64
N HIS D 41 -27.93 5.84 15.37
CA HIS D 41 -27.80 5.38 14.00
C HIS D 41 -29.00 4.59 13.49
N HIS D 42 -29.89 5.30 12.80
CA HIS D 42 -30.96 4.72 12.00
C HIS D 42 -30.31 3.67 11.12
N LEU D 43 -31.07 2.64 10.77
CA LEU D 43 -30.58 1.59 9.89
C LEU D 43 -29.97 2.19 8.63
N ALA D 44 -30.64 3.21 8.10
CA ALA D 44 -30.31 3.81 6.80
C ALA D 44 -29.51 5.10 6.95
N HIS D 45 -28.91 5.29 8.12
CA HIS D 45 -27.97 6.38 8.36
C HIS D 45 -26.98 6.49 7.20
N PRO D 46 -26.73 7.72 6.73
CA PRO D 46 -25.82 7.92 5.60
C PRO D 46 -24.36 7.47 5.82
N ASP D 47 -23.97 7.17 7.07
CA ASP D 47 -22.57 6.81 7.35
C ASP D 47 -22.13 5.57 6.59
N THR D 48 -23.05 4.64 6.38
CA THR D 48 -22.71 3.41 5.68
C THR D 48 -22.16 3.72 4.28
N LYS D 49 -22.83 4.63 3.56
CA LYS D 49 -22.38 4.99 2.24
C LYS D 49 -21.19 5.93 2.30
N ARG D 50 -21.13 6.79 3.32
CA ARG D 50 -19.97 7.64 3.49
CA ARG D 50 -19.97 7.65 3.50
C ARG D 50 -18.71 6.80 3.70
N ARG D 51 -18.84 5.72 4.48
CA ARG D 51 -17.72 4.83 4.77
C ARG D 51 -17.25 4.13 3.50
N PHE D 52 -18.18 3.91 2.59
CA PHE D 52 -17.85 3.34 1.30
C PHE D 52 -17.02 4.38 0.54
N HIS D 53 -17.48 5.64 0.48
CA HIS D 53 -16.69 6.70 -0.17
C HIS D 53 -15.28 6.82 0.46
N GLU D 54 -15.22 6.88 1.79
CA GLU D 54 -13.93 7.05 2.44
C GLU D 54 -12.99 5.89 2.16
N LEU D 55 -13.54 4.68 2.05
CA LEU D 55 -12.71 3.54 1.66
C LEU D 55 -12.23 3.65 0.19
N VAL D 56 -13.09 4.10 -0.71
CA VAL D 56 -12.67 4.41 -2.08
C VAL D 56 -11.44 5.35 -2.04
N CYS D 57 -11.50 6.36 -1.18
CA CYS D 57 -10.41 7.30 -1.05
C CYS D 57 -9.20 6.69 -0.33
N ALA D 58 -9.43 6.13 0.85
CA ALA D 58 -8.34 5.69 1.70
C ALA D 58 -7.60 4.50 1.10
N SER D 59 -8.30 3.68 0.31
CA SER D 59 -7.69 2.54 -0.40
C SER D 59 -6.78 2.95 -1.57
N GLY D 60 -6.89 4.19 -2.00
CA GLY D 60 -6.20 4.66 -3.21
C GLY D 60 -7.00 4.51 -4.49
N GLN D 61 -8.17 3.86 -4.42
CA GLN D 61 -9.00 3.67 -5.62
C GLN D 61 -9.33 4.97 -6.29
N ILE D 62 -9.55 6.01 -5.47
CA ILE D 62 -9.93 7.33 -5.99
C ILE D 62 -8.90 7.81 -7.02
N GLU D 63 -7.65 7.36 -6.88
CA GLU D 63 -6.57 7.79 -7.80
C GLU D 63 -6.73 7.20 -9.19
N HIS D 64 -7.57 6.18 -9.30
CA HIS D 64 -7.84 5.51 -10.57
C HIS D 64 -9.22 5.86 -11.11
N LEU D 65 -9.89 6.74 -10.38
CA LEU D 65 -11.22 7.19 -10.73
C LEU D 65 -11.14 8.61 -11.25
N THR D 66 -12.12 8.96 -12.06
CA THR D 66 -12.32 10.31 -12.52
C THR D 66 -13.51 10.90 -11.77
N PRO D 67 -13.24 11.76 -10.74
CA PRO D 67 -14.32 12.39 -10.00
C PRO D 67 -15.20 13.22 -10.91
N ILE D 68 -16.50 12.97 -10.82
CA ILE D 68 -17.49 13.66 -11.62
C ILE D 68 -18.44 14.36 -10.68
N ALA D 69 -18.57 15.69 -10.81
CA ALA D 69 -19.50 16.43 -9.97
C ALA D 69 -20.93 16.04 -10.30
N ALA D 70 -21.73 15.79 -9.27
CA ALA D 70 -23.16 15.66 -9.43
C ALA D 70 -23.70 17.03 -9.86
N VAL D 71 -24.71 17.02 -10.70
CA VAL D 71 -25.41 18.24 -11.05
C VAL D 71 -26.83 18.00 -10.55
N ALA D 72 -27.54 19.02 -10.10
CA ALA D 72 -28.90 18.82 -9.60
C ALA D 72 -29.77 18.37 -10.77
N ALA D 73 -30.48 17.25 -10.60
CA ALA D 73 -31.49 16.84 -11.58
C ALA D 73 -32.51 17.97 -11.73
N THR D 74 -32.79 18.39 -12.96
CA THR D 74 -33.82 19.41 -13.21
C THR D 74 -35.22 18.79 -13.11
N ASP D 75 -36.23 19.65 -13.03
CA ASP D 75 -37.61 19.21 -13.09
C ASP D 75 -37.79 18.31 -14.32
N ALA D 76 -37.23 18.73 -15.47
CA ALA D 76 -37.35 17.98 -16.72
C ALA D 76 -36.74 16.58 -16.59
N ASP D 77 -35.57 16.50 -15.95
CA ASP D 77 -34.94 15.20 -15.66
C ASP D 77 -35.85 14.28 -14.86
N ILE D 78 -36.33 14.80 -13.73
CA ILE D 78 -37.16 14.03 -12.80
C ILE D 78 -38.46 13.59 -13.47
N LEU D 79 -39.02 14.50 -14.26
CA LEU D 79 -40.28 14.28 -14.97
C LEU D 79 -40.23 13.18 -16.04
N ARG D 80 -39.04 12.82 -16.50
CA ARG D 80 -38.91 11.69 -17.44
C ARG D 80 -39.19 10.34 -16.75
N ALA D 81 -39.22 10.34 -15.42
CA ALA D 81 -39.39 9.12 -14.64
C ALA D 81 -40.58 9.19 -13.66
N HIS D 82 -40.97 10.41 -13.29
CA HIS D 82 -41.99 10.65 -12.26
C HIS D 82 -43.06 11.61 -12.71
N SER D 83 -44.23 11.51 -12.06
CA SER D 83 -45.35 12.41 -12.34
C SER D 83 -45.08 13.84 -11.91
N ALA D 84 -45.75 14.80 -12.54
CA ALA D 84 -45.69 16.19 -12.09
C ALA D 84 -46.16 16.33 -10.65
N ALA D 85 -47.18 15.54 -10.28
CA ALA D 85 -47.69 15.49 -8.92
C ALA D 85 -46.63 15.05 -7.90
N HIS D 86 -45.83 14.05 -8.27
CA HIS D 86 -44.80 13.62 -7.34
C HIS D 86 -43.74 14.70 -7.14
N LEU D 87 -43.21 15.22 -8.26
CA LEU D 87 -42.27 16.32 -8.22
C LEU D 87 -42.79 17.46 -7.35
N GLU D 88 -44.04 17.88 -7.59
CA GLU D 88 -44.65 18.97 -6.85
C GLU D 88 -44.79 18.64 -5.37
N ASN D 89 -45.16 17.39 -5.06
CA ASN D 89 -45.24 16.95 -3.67
C ASN D 89 -43.88 16.97 -2.96
N MET D 90 -42.82 16.60 -3.66
CA MET D 90 -41.49 16.63 -3.07
C MET D 90 -41.03 18.08 -2.83
N LYS D 91 -41.31 18.95 -3.79
CA LYS D 91 -41.11 20.39 -3.61
C LYS D 91 -41.90 20.89 -2.39
N ARG D 92 -43.17 20.49 -2.30
CA ARG D 92 -44.01 20.87 -1.16
C ARG D 92 -43.43 20.39 0.17
N VAL D 93 -43.10 19.11 0.28
CA VAL D 93 -42.54 18.55 1.51
C VAL D 93 -41.17 19.19 1.87
N SER D 94 -40.31 19.36 0.88
CA SER D 94 -39.01 20.00 1.11
C SER D 94 -39.13 21.48 1.51
N ASN D 95 -40.24 22.13 1.16
CA ASN D 95 -40.45 23.54 1.54
C ASN D 95 -41.04 23.71 2.93
N LEU D 96 -41.59 22.64 3.50
CA LEU D 96 -42.10 22.68 4.86
C LEU D 96 -40.96 23.08 5.80
N PRO D 97 -41.27 23.85 6.87
CA PRO D 97 -40.23 24.43 7.74
C PRO D 97 -39.21 23.40 8.24
N THR D 98 -39.70 22.24 8.63
CA THR D 98 -38.81 21.15 9.04
C THR D 98 -38.99 19.95 8.11
N GLY D 99 -39.48 20.21 6.90
CA GLY D 99 -39.75 19.15 5.94
C GLY D 99 -40.85 18.25 6.46
N GLY D 100 -40.76 16.96 6.16
CA GLY D 100 -41.75 16.04 6.64
C GLY D 100 -41.83 14.71 5.90
N ASP D 101 -42.98 14.08 6.09
CA ASP D 101 -43.35 12.77 5.57
C ASP D 101 -43.60 12.88 4.06
N THR D 102 -42.92 12.04 3.27
CA THR D 102 -43.08 12.11 1.81
C THR D 102 -44.28 11.34 1.31
N GLY D 103 -44.89 10.53 2.20
CA GLY D 103 -46.11 9.84 1.85
C GLY D 103 -46.31 8.52 2.55
N ASP D 104 -45.22 7.80 2.80
CA ASP D 104 -45.31 6.42 3.29
C ASP D 104 -45.16 6.29 4.82
N GLY D 105 -44.92 7.42 5.48
CA GLY D 105 -44.77 7.44 6.93
C GLY D 105 -43.38 7.09 7.43
N ILE D 106 -42.47 6.72 6.53
CA ILE D 106 -41.06 6.44 6.93
C ILE D 106 -40.04 7.26 6.16
N THR D 107 -40.35 7.56 4.90
CA THR D 107 -39.45 8.30 4.02
C THR D 107 -39.59 9.79 4.28
N MET D 108 -38.54 10.38 4.84
CA MET D 108 -38.53 11.76 5.28
C MET D 108 -37.55 12.61 4.48
N MET D 109 -37.97 13.84 4.22
CA MET D 109 -37.06 14.88 3.74
C MET D 109 -37.09 16.03 4.72
N GLY D 110 -35.92 16.47 5.15
CA GLY D 110 -35.83 17.69 5.94
C GLY D 110 -36.16 18.87 5.06
N ASN D 111 -36.21 20.06 5.65
CA ASN D 111 -36.34 21.27 4.86
C ASN D 111 -35.15 21.34 3.91
N GLY D 112 -35.43 21.67 2.65
CA GLY D 112 -34.40 21.67 1.62
C GLY D 112 -33.83 20.31 1.24
N GLY D 113 -34.40 19.23 1.77
CA GLY D 113 -33.99 17.86 1.42
C GLY D 113 -34.07 17.58 -0.07
N LEU D 114 -34.90 18.33 -0.79
CA LEU D 114 -35.02 18.16 -2.24
C LEU D 114 -33.71 18.42 -2.94
N GLU D 115 -32.89 19.31 -2.38
CA GLU D 115 -31.57 19.56 -2.98
C GLU D 115 -30.76 18.27 -3.06
N ILE D 116 -30.79 17.47 -2.00
CA ILE D 116 -30.01 16.24 -2.01
C ILE D 116 -30.61 15.21 -2.99
N ALA D 117 -31.93 15.08 -2.97
CA ALA D 117 -32.64 14.21 -3.90
C ALA D 117 -32.31 14.53 -5.37
N ARG D 118 -32.23 15.82 -5.70
CA ARG D 118 -31.88 16.25 -7.06
C ARG D 118 -30.41 15.90 -7.35
N LEU D 119 -29.56 16.04 -6.33
CA LEU D 119 -28.13 15.73 -6.51
C LEU D 119 -27.88 14.24 -6.68
N SER D 120 -28.68 13.43 -5.99
CA SER D 120 -28.57 11.99 -6.05
C SER D 120 -28.95 11.56 -7.45
N ALA D 121 -30.13 11.96 -7.88
CA ALA D 121 -30.60 11.65 -9.24
C ALA D 121 -29.68 12.23 -10.29
N GLY D 122 -29.27 13.49 -10.07
CA GLY D 122 -28.39 14.20 -10.98
C GLY D 122 -27.01 13.60 -11.06
N GLY D 123 -26.57 12.95 -9.97
CA GLY D 123 -25.29 12.27 -9.98
C GLY D 123 -25.34 11.12 -10.98
N ALA D 124 -26.43 10.36 -10.96
CA ALA D 124 -26.61 9.24 -11.89
C ALA D 124 -26.69 9.73 -13.34
N VAL D 125 -27.43 10.81 -13.54
CA VAL D 125 -27.59 11.44 -14.85
C VAL D 125 -26.24 11.91 -15.40
N GLU D 126 -25.51 12.69 -14.59
CA GLU D 126 -24.20 13.22 -15.00
C GLU D 126 -23.24 12.15 -15.41
N LEU D 127 -23.19 11.09 -14.62
CA LEU D 127 -22.32 9.99 -14.91
C LEU D 127 -22.76 9.33 -16.22
N THR D 128 -24.07 9.11 -16.36
CA THR D 128 -24.65 8.48 -17.55
C THR D 128 -24.28 9.30 -18.80
N ARG D 129 -24.51 10.60 -18.74
CA ARG D 129 -24.16 11.53 -19.82
C ARG D 129 -22.69 11.37 -20.21
N ARG D 130 -21.81 11.32 -19.22
CA ARG D 130 -20.39 11.33 -19.51
C ARG D 130 -19.83 10.00 -19.97
N VAL D 131 -20.49 8.89 -19.61
CA VAL D 131 -20.19 7.61 -20.20
C VAL D 131 -20.64 7.61 -21.65
N ALA D 132 -21.86 8.11 -21.87
CA ALA D 132 -22.48 8.14 -23.20
C ALA D 132 -21.70 8.90 -24.27
N THR D 133 -21.10 10.04 -23.91
CA THR D 133 -20.24 10.81 -24.81
C THR D 133 -18.93 10.09 -25.14
N GLY D 134 -18.61 9.07 -24.35
CA GLY D 134 -17.32 8.39 -24.47
C GLY D 134 -16.22 9.03 -23.64
N GLU D 135 -16.51 10.17 -23.00
CA GLU D 135 -15.54 10.73 -22.06
C GLU D 135 -15.13 9.66 -21.04
N LEU D 136 -16.12 9.00 -20.47
CA LEU D 136 -15.89 7.94 -19.51
C LEU D 136 -16.31 6.64 -20.15
N SER D 137 -15.62 5.55 -19.83
CA SER D 137 -16.04 4.25 -20.31
C SER D 137 -17.12 3.66 -19.41
N ALA D 138 -17.11 4.03 -18.13
CA ALA D 138 -18.01 3.41 -17.12
C ALA D 138 -17.92 4.24 -15.86
N GLY D 139 -18.72 3.89 -14.86
CA GLY D 139 -18.62 4.63 -13.62
C GLY D 139 -19.47 4.10 -12.50
N TYR D 140 -19.24 4.66 -11.32
CA TYR D 140 -20.01 4.36 -10.14
C TYR D 140 -20.47 5.66 -9.51
N ALA D 141 -21.79 5.83 -9.43
CA ALA D 141 -22.34 6.99 -8.78
C ALA D 141 -22.77 6.57 -7.37
N LEU D 142 -22.04 7.08 -6.39
CA LEU D 142 -22.25 6.65 -5.01
C LEU D 142 -23.26 7.59 -4.39
N VAL D 143 -24.49 7.45 -4.84
CA VAL D 143 -25.49 8.44 -4.55
C VAL D 143 -26.25 8.06 -3.28
N ASN D 144 -26.96 9.03 -2.74
CA ASN D 144 -27.85 8.90 -1.59
C ASN D 144 -28.66 10.20 -1.56
N PRO D 145 -29.99 10.12 -1.37
CA PRO D 145 -30.81 8.95 -1.11
C PRO D 145 -30.93 7.96 -2.30
N PRO D 146 -31.31 6.70 -2.02
CA PRO D 146 -31.46 5.65 -3.03
C PRO D 146 -32.70 5.92 -3.87
N GLY D 147 -32.96 5.04 -4.84
CA GLY D 147 -33.96 5.30 -5.86
C GLY D 147 -35.03 4.25 -6.11
N HIS D 148 -34.66 2.98 -5.98
CA HIS D 148 -35.38 1.92 -6.72
C HIS D 148 -36.81 1.65 -6.26
N HIS D 149 -37.15 2.09 -5.05
CA HIS D 149 -38.53 1.96 -4.58
C HIS D 149 -39.49 3.04 -5.05
N ALA D 150 -38.96 4.19 -5.50
CA ALA D 150 -39.80 5.30 -5.89
C ALA D 150 -40.45 5.01 -7.23
N PRO D 151 -41.80 4.84 -7.25
CA PRO D 151 -42.44 4.57 -8.54
C PRO D 151 -42.75 5.89 -9.25
N HIS D 152 -43.52 5.83 -10.32
CA HIS D 152 -43.79 7.01 -11.09
C HIS D 152 -44.33 8.14 -10.21
N ASN D 153 -45.26 7.81 -9.31
CA ASN D 153 -46.06 8.81 -8.64
C ASN D 153 -45.89 8.83 -7.12
N ALA D 154 -44.74 8.42 -6.61
CA ALA D 154 -44.49 8.45 -5.15
C ALA D 154 -43.03 8.36 -4.75
N ALA D 155 -42.75 8.78 -3.52
CA ALA D 155 -41.54 8.42 -2.80
C ALA D 155 -41.89 7.19 -1.97
N MET D 156 -40.90 6.34 -1.73
CA MET D 156 -41.13 5.09 -1.01
C MET D 156 -39.82 4.50 -0.57
N GLY D 157 -39.82 3.86 0.60
CA GLY D 157 -38.69 3.11 1.11
C GLY D 157 -37.36 3.85 1.03
N PHE D 158 -37.37 5.08 1.55
CA PHE D 158 -36.20 5.98 1.62
C PHE D 158 -35.80 6.60 0.29
N CYS D 159 -36.52 6.23 -0.77
CA CYS D 159 -36.25 6.73 -2.12
C CYS D 159 -37.18 7.86 -2.46
N ILE D 160 -36.61 9.02 -2.79
CA ILE D 160 -37.38 10.19 -3.17
C ILE D 160 -37.69 10.17 -4.65
N PHE D 161 -36.65 9.98 -5.45
CA PHE D 161 -36.74 9.85 -6.89
C PHE D 161 -36.03 8.57 -7.28
N ASN D 162 -36.46 7.99 -8.39
CA ASN D 162 -35.87 6.75 -8.83
C ASN D 162 -34.65 7.13 -9.67
N ASN D 163 -33.48 7.15 -9.03
CA ASN D 163 -32.27 7.68 -9.68
C ASN D 163 -31.90 7.01 -10.99
N THR D 164 -31.99 5.70 -11.01
CA THR D 164 -31.58 4.98 -12.21
C THR D 164 -32.60 5.18 -13.33
N SER D 165 -33.87 5.34 -12.97
CA SER D 165 -34.92 5.64 -13.94
C SER D 165 -34.74 7.04 -14.51
N VAL D 166 -34.40 7.98 -13.63
CA VAL D 166 -34.09 9.33 -14.08
C VAL D 166 -32.94 9.27 -15.09
N ALA D 167 -31.87 8.56 -14.74
CA ALA D 167 -30.74 8.35 -15.63
C ALA D 167 -31.17 7.68 -16.96
N ALA D 168 -31.97 6.62 -16.87
CA ALA D 168 -32.42 5.90 -18.06
C ALA D 168 -33.30 6.79 -18.94
N GLY D 169 -34.19 7.56 -18.31
CA GLY D 169 -35.07 8.52 -19.00
C GLY D 169 -34.24 9.53 -19.79
N TYR D 170 -33.16 9.98 -19.15
CA TYR D 170 -32.24 10.91 -19.77
C TYR D 170 -31.53 10.26 -20.95
N ALA D 171 -31.06 9.03 -20.77
CA ALA D 171 -30.41 8.28 -21.85
C ALA D 171 -31.33 8.10 -23.07
N ARG D 172 -32.60 7.86 -22.79
CA ARG D 172 -33.61 7.67 -23.82
C ARG D 172 -33.93 8.96 -24.55
N ALA D 173 -34.33 9.98 -23.78
CA ALA D 173 -34.86 11.23 -24.30
C ALA D 173 -33.78 12.20 -24.78
N VAL D 174 -32.67 12.27 -24.05
CA VAL D 174 -31.64 13.26 -24.36
C VAL D 174 -30.50 12.67 -25.18
N LEU D 175 -30.11 11.44 -24.87
CA LEU D 175 -29.01 10.83 -25.58
C LEU D 175 -29.50 9.98 -26.75
N GLY D 176 -30.81 9.87 -26.88
CA GLY D 176 -31.44 9.12 -27.97
C GLY D 176 -31.13 7.64 -28.02
N MET D 177 -30.80 7.04 -26.88
CA MET D 177 -30.65 5.58 -26.83
C MET D 177 -32.02 4.98 -26.96
N GLU D 178 -32.07 3.88 -27.69
CA GLU D 178 -33.32 3.19 -27.96
C GLU D 178 -33.68 2.25 -26.84
N ARG D 179 -32.67 1.61 -26.27
CA ARG D 179 -32.87 0.62 -25.22
C ARG D 179 -31.88 0.79 -24.11
N VAL D 180 -32.39 0.74 -22.88
CA VAL D 180 -31.56 0.83 -21.67
C VAL D 180 -31.98 -0.33 -20.77
N ALA D 181 -31.02 -0.96 -20.13
CA ALA D 181 -31.32 -1.97 -19.13
C ALA D 181 -30.99 -1.43 -17.76
N ILE D 182 -31.88 -1.70 -16.80
CA ILE D 182 -31.58 -1.42 -15.39
C ILE D 182 -31.56 -2.75 -14.67
N LEU D 183 -30.37 -3.13 -14.22
CA LEU D 183 -30.18 -4.33 -13.44
C LEU D 183 -30.06 -3.94 -11.97
N ASP D 184 -30.99 -4.42 -11.16
CA ASP D 184 -31.08 -3.98 -9.80
C ASP D 184 -30.78 -5.17 -8.90
N TRP D 185 -29.63 -5.13 -8.24
CA TRP D 185 -29.24 -6.21 -7.35
C TRP D 185 -29.19 -5.82 -5.87
N ASP D 186 -29.73 -4.65 -5.56
CA ASP D 186 -30.12 -4.36 -4.18
C ASP D 186 -31.05 -5.53 -3.80
N VAL D 187 -30.94 -5.99 -2.56
CA VAL D 187 -31.61 -7.22 -2.12
C VAL D 187 -33.13 -7.13 -2.08
N HIS D 188 -33.65 -5.91 -2.15
CA HIS D 188 -35.08 -5.62 -2.11
C HIS D 188 -35.62 -5.40 -3.51
N HIS D 189 -36.89 -5.69 -3.70
CA HIS D 189 -37.50 -5.55 -5.01
C HIS D 189 -37.47 -4.10 -5.51
N GLY D 190 -37.02 -3.89 -6.76
CA GLY D 190 -37.08 -2.57 -7.38
C GLY D 190 -38.47 -2.25 -7.92
N ASN D 191 -39.44 -2.18 -7.02
CA ASN D 191 -40.84 -2.00 -7.41
C ASN D 191 -41.07 -0.69 -8.10
N GLY D 192 -40.30 0.33 -7.70
CA GLY D 192 -40.43 1.66 -8.26
C GLY D 192 -40.00 1.68 -9.71
N THR D 193 -38.82 1.13 -9.98
CA THR D 193 -38.27 1.06 -11.33
C THR D 193 -39.18 0.22 -12.21
N GLN D 194 -39.62 -0.89 -11.66
CA GLN D 194 -40.60 -1.76 -12.33
C GLN D 194 -41.85 -0.96 -12.75
N ASP D 195 -42.39 -0.17 -11.82
CA ASP D 195 -43.59 0.63 -12.07
C ASP D 195 -43.40 1.64 -13.20
N ILE D 196 -42.26 2.34 -13.14
CA ILE D 196 -41.96 3.43 -14.06
C ILE D 196 -41.91 2.94 -15.50
N TRP D 197 -41.30 1.77 -15.71
CA TRP D 197 -41.04 1.27 -17.06
C TRP D 197 -41.97 0.11 -17.43
N TRP D 198 -42.99 -0.11 -16.58
CA TRP D 198 -43.97 -1.19 -16.74
C TRP D 198 -44.50 -1.37 -18.14
N ASN D 199 -44.92 -0.27 -18.76
CA ASN D 199 -45.55 -0.34 -20.09
C ASN D 199 -44.58 -0.08 -21.22
N ASP D 200 -43.30 0.00 -20.90
CA ASP D 200 -42.31 0.52 -21.83
C ASP D 200 -41.22 -0.49 -22.17
N PRO D 201 -41.17 -0.98 -23.42
CA PRO D 201 -40.12 -1.96 -23.72
C PRO D 201 -38.72 -1.38 -23.93
N SER D 202 -38.62 -0.06 -24.00
CA SER D 202 -37.37 0.64 -24.27
C SER D 202 -36.45 0.70 -23.04
N VAL D 203 -36.98 0.32 -21.88
CA VAL D 203 -36.14 0.12 -20.70
C VAL D 203 -36.42 -1.27 -20.17
N LEU D 204 -35.42 -2.13 -20.17
CA LEU D 204 -35.57 -3.46 -19.62
C LEU D 204 -35.25 -3.35 -18.12
N THR D 205 -36.19 -3.73 -17.28
CA THR D 205 -35.94 -3.72 -15.83
C THR D 205 -35.80 -5.12 -15.26
N ILE D 206 -34.69 -5.34 -14.57
CA ILE D 206 -34.41 -6.62 -13.94
C ILE D 206 -34.13 -6.41 -12.47
N SER D 207 -34.86 -7.14 -11.64
CA SER D 207 -34.60 -7.10 -10.21
C SER D 207 -34.28 -8.50 -9.64
N LEU D 208 -33.12 -8.62 -8.99
CA LEU D 208 -32.84 -9.78 -8.16
C LEU D 208 -33.15 -9.32 -6.75
N HIS D 209 -33.84 -10.13 -5.97
CA HIS D 209 -34.19 -9.72 -4.61
C HIS D 209 -34.54 -10.92 -3.77
N GLN D 210 -34.38 -10.76 -2.45
CA GLN D 210 -34.97 -11.71 -1.53
C GLN D 210 -36.48 -11.65 -1.68
N HIS D 211 -37.07 -12.81 -1.94
CA HIS D 211 -38.51 -12.90 -2.12
C HIS D 211 -39.28 -12.28 -0.96
N LEU D 212 -40.12 -11.29 -1.28
CA LEU D 212 -41.00 -10.60 -0.31
C LEU D 212 -40.28 -9.98 0.88
N CYS D 213 -39.03 -9.60 0.68
CA CYS D 213 -38.30 -8.96 1.75
C CYS D 213 -38.83 -7.55 1.92
N PHE D 214 -38.73 -6.76 0.85
CA PHE D 214 -39.33 -5.43 0.79
C PHE D 214 -39.40 -4.95 -0.67
N PRO D 215 -40.55 -4.38 -1.07
CA PRO D 215 -41.81 -4.17 -0.33
C PRO D 215 -42.59 -5.46 -0.13
N PRO D 216 -43.57 -5.48 0.79
CA PRO D 216 -44.38 -6.68 0.93
C PRO D 216 -45.15 -6.97 -0.36
N ASP D 217 -45.44 -8.24 -0.62
CA ASP D 217 -46.37 -8.62 -1.71
C ASP D 217 -45.97 -8.04 -3.09
N SER D 218 -44.68 -8.01 -3.34
CA SER D 218 -44.11 -7.35 -4.47
C SER D 218 -42.93 -8.16 -4.97
N GLY D 219 -42.71 -8.16 -6.28
CA GLY D 219 -41.51 -8.75 -6.86
C GLY D 219 -41.64 -10.18 -7.36
N TYR D 220 -42.88 -10.62 -7.56
CA TYR D 220 -43.14 -11.92 -8.18
C TYR D 220 -42.67 -11.98 -9.63
N SER D 221 -42.25 -13.17 -10.06
CA SER D 221 -41.81 -13.42 -11.43
C SER D 221 -42.93 -13.23 -12.46
N THR D 222 -44.19 -13.20 -12.00
CA THR D 222 -45.36 -12.95 -12.85
C THR D 222 -45.54 -11.47 -13.21
N GLU D 223 -44.80 -10.59 -12.53
CA GLU D 223 -44.83 -9.16 -12.81
C GLU D 223 -43.92 -8.90 -14.00
N ARG D 224 -44.51 -8.84 -15.18
CA ARG D 224 -43.70 -8.89 -16.39
C ARG D 224 -43.79 -7.65 -17.28
N GLY D 225 -44.47 -6.62 -16.79
CA GLY D 225 -44.74 -5.44 -17.60
C GLY D 225 -46.09 -5.58 -18.28
N ALA D 226 -46.47 -4.58 -19.06
CA ALA D 226 -47.77 -4.63 -19.73
C ALA D 226 -47.72 -3.94 -21.06
N GLY D 227 -48.66 -4.30 -21.93
CA GLY D 227 -48.71 -3.73 -23.26
C GLY D 227 -47.43 -3.96 -24.02
N ASN D 228 -46.94 -2.92 -24.67
CA ASN D 228 -45.68 -3.05 -25.38
C ASN D 228 -44.51 -3.38 -24.46
N GLY D 229 -44.67 -3.08 -23.18
CA GLY D 229 -43.64 -3.39 -22.18
C GLY D 229 -43.74 -4.80 -21.62
N HIS D 230 -44.74 -5.57 -22.04
CA HIS D 230 -44.89 -6.92 -21.52
C HIS D 230 -43.70 -7.76 -21.96
N GLY D 231 -43.08 -8.44 -20.99
CA GLY D 231 -41.86 -9.19 -21.23
C GLY D 231 -40.59 -8.42 -20.92
N TYR D 232 -40.70 -7.15 -20.54
CA TYR D 232 -39.50 -6.31 -20.34
C TYR D 232 -39.32 -5.85 -18.89
N ASN D 233 -40.05 -6.50 -18.00
CA ASN D 233 -39.71 -6.51 -16.59
C ASN D 233 -39.41 -7.94 -16.16
N ILE D 234 -38.28 -8.14 -15.50
CA ILE D 234 -37.86 -9.47 -15.04
C ILE D 234 -37.51 -9.45 -13.55
N ASN D 235 -38.35 -10.11 -12.75
CA ASN D 235 -38.09 -10.26 -11.33
C ASN D 235 -37.48 -11.62 -11.10
N VAL D 236 -36.42 -11.68 -10.30
CA VAL D 236 -35.82 -12.94 -9.91
C VAL D 236 -35.82 -12.97 -8.38
N PRO D 237 -36.99 -13.29 -7.79
CA PRO D 237 -37.04 -13.50 -6.34
C PRO D 237 -36.28 -14.75 -5.94
N LEU D 238 -35.50 -14.61 -4.87
CA LEU D 238 -34.62 -15.67 -4.39
C LEU D 238 -34.94 -15.94 -2.93
N PRO D 239 -34.74 -17.19 -2.48
CA PRO D 239 -35.01 -17.54 -1.08
C PRO D 239 -34.00 -16.89 -0.11
N PRO D 240 -34.46 -16.53 1.09
CA PRO D 240 -33.54 -16.14 2.15
C PRO D 240 -32.40 -17.16 2.25
N GLY D 241 -31.20 -16.68 2.53
CA GLY D 241 -30.03 -17.56 2.66
C GLY D 241 -29.27 -17.76 1.37
N SER D 242 -29.80 -17.23 0.25
CA SER D 242 -29.14 -17.28 -1.05
C SER D 242 -27.86 -16.48 -0.95
N GLY D 243 -26.77 -17.07 -1.45
CA GLY D 243 -25.45 -16.46 -1.39
C GLY D 243 -24.82 -16.35 -2.77
N ASN D 244 -23.49 -16.31 -2.80
CA ASN D 244 -22.75 -16.16 -4.06
C ASN D 244 -23.21 -17.09 -5.15
N ALA D 245 -23.34 -18.37 -4.81
CA ALA D 245 -23.73 -19.39 -5.79
C ALA D 245 -25.07 -19.12 -6.45
N ALA D 246 -26.09 -18.86 -5.65
CA ALA D 246 -27.41 -18.51 -6.19
C ALA D 246 -27.33 -17.24 -7.03
N TYR D 247 -26.68 -16.21 -6.50
CA TYR D 247 -26.60 -14.92 -7.20
C TYR D 247 -25.88 -15.05 -8.55
N LEU D 248 -24.79 -15.79 -8.56
CA LEU D 248 -24.02 -15.97 -9.78
C LEU D 248 -24.76 -16.88 -10.78
N HIS D 249 -25.49 -17.85 -10.25
CA HIS D 249 -26.38 -18.67 -11.09
C HIS D 249 -27.48 -17.80 -11.68
N ALA D 250 -28.05 -16.94 -10.85
CA ALA D 250 -29.00 -15.93 -11.34
C ALA D 250 -28.40 -15.10 -12.47
N MET D 251 -27.17 -14.61 -12.27
CA MET D 251 -26.46 -13.83 -13.29
C MET D 251 -26.31 -14.63 -14.58
N ASP D 252 -25.78 -15.84 -14.44
CA ASP D 252 -25.44 -16.70 -15.58
C ASP D 252 -26.64 -17.26 -16.33
N GLN D 253 -27.67 -17.66 -15.59
CA GLN D 253 -28.85 -18.29 -16.18
C GLN D 253 -29.91 -17.32 -16.66
N VAL D 254 -30.01 -16.14 -16.03
CA VAL D 254 -31.10 -15.20 -16.32
C VAL D 254 -30.62 -13.80 -16.74
N VAL D 255 -29.82 -13.16 -15.87
CA VAL D 255 -29.46 -11.75 -16.06
C VAL D 255 -28.67 -11.53 -17.35
N LEU D 256 -27.55 -12.21 -17.48
CA LEU D 256 -26.70 -12.00 -18.65
C LEU D 256 -27.40 -12.42 -19.96
N PRO D 257 -28.06 -13.59 -19.98
CA PRO D 257 -28.85 -13.92 -21.17
C PRO D 257 -29.91 -12.86 -21.49
N ALA D 258 -30.56 -12.35 -20.45
CA ALA D 258 -31.57 -11.30 -20.64
C ALA D 258 -30.97 -10.08 -21.30
N LEU D 259 -29.85 -9.61 -20.76
CA LEU D 259 -29.17 -8.46 -21.33
C LEU D 259 -28.72 -8.71 -22.77
N ARG D 260 -28.18 -9.91 -23.03
CA ARG D 260 -27.69 -10.27 -24.36
C ARG D 260 -28.84 -10.31 -25.34
N ALA D 261 -29.99 -10.81 -24.88
CA ALA D 261 -31.16 -10.90 -25.74
C ALA D 261 -31.70 -9.51 -26.05
N TYR D 262 -31.73 -8.65 -25.04
CA TYR D 262 -32.27 -7.31 -25.13
C TYR D 262 -31.38 -6.32 -25.92
N ARG D 263 -30.06 -6.45 -25.80
CA ARG D 263 -29.11 -5.56 -26.46
C ARG D 263 -29.33 -4.07 -26.10
N PRO D 264 -29.20 -3.71 -24.81
CA PRO D 264 -29.33 -2.31 -24.45
C PRO D 264 -28.12 -1.54 -24.98
N GLN D 265 -28.29 -0.24 -25.17
CA GLN D 265 -27.16 0.62 -25.51
C GLN D 265 -26.40 1.05 -24.27
N LEU D 266 -26.97 0.73 -23.11
CA LEU D 266 -26.39 1.14 -21.82
C LEU D 266 -26.98 0.25 -20.73
N ILE D 267 -26.12 -0.21 -19.83
CA ILE D 267 -26.55 -0.94 -18.65
C ILE D 267 -26.34 -0.02 -17.43
N ILE D 268 -27.41 0.15 -16.68
CA ILE D 268 -27.38 0.88 -15.43
C ILE D 268 -27.57 -0.19 -14.39
N VAL D 269 -26.72 -0.20 -13.38
CA VAL D 269 -26.88 -1.15 -12.31
C VAL D 269 -27.36 -0.40 -11.07
N GLY D 270 -28.50 -0.84 -10.54
CA GLY D 270 -28.98 -0.36 -9.25
C GLY D 270 -28.23 -1.19 -8.25
N SER D 271 -27.10 -0.63 -7.77
CA SER D 271 -26.15 -1.42 -7.02
C SER D 271 -26.33 -1.20 -5.52
N GLY D 272 -27.13 -2.06 -4.88
CA GLY D 272 -27.20 -2.09 -3.44
C GLY D 272 -26.27 -3.18 -2.94
N PHE D 273 -25.89 -3.11 -1.67
CA PHE D 273 -25.11 -4.19 -1.06
C PHE D 273 -25.81 -4.80 0.14
N ASP D 274 -27.12 -4.63 0.19
CA ASP D 274 -27.93 -5.23 1.26
C ASP D 274 -28.14 -6.75 1.15
N ALA D 275 -27.61 -7.36 0.09
CA ALA D 275 -27.60 -8.80 -0.02
C ALA D 275 -26.37 -9.39 0.60
N SER D 276 -25.52 -8.54 1.19
CA SER D 276 -24.30 -9.05 1.80
C SER D 276 -24.60 -9.94 3.01
N MET D 277 -23.63 -10.78 3.28
CA MET D 277 -23.64 -11.69 4.39
C MET D 277 -23.94 -11.04 5.74
N LEU D 278 -23.60 -9.76 5.89
CA LEU D 278 -23.69 -9.10 7.21
C LEU D 278 -24.73 -7.99 7.27
N ASP D 279 -25.59 -7.95 6.27
CA ASP D 279 -26.62 -6.91 6.26
C ASP D 279 -27.81 -7.24 7.18
N PRO D 280 -28.25 -6.27 7.98
CA PRO D 280 -29.44 -6.53 8.83
C PRO D 280 -30.77 -6.57 8.06
N LEU D 281 -30.85 -5.91 6.90
CA LEU D 281 -32.13 -5.69 6.22
C LEU D 281 -32.50 -6.76 5.17
N ALA D 282 -31.74 -7.84 5.15
CA ALA D 282 -32.07 -9.04 4.36
C ALA D 282 -31.33 -10.23 4.91
N ARG D 283 -31.58 -11.43 4.37
CA ARG D 283 -30.99 -12.64 4.91
C ARG D 283 -30.11 -13.30 3.85
N MET D 284 -29.46 -12.49 3.02
CA MET D 284 -28.72 -13.04 1.91
C MET D 284 -27.25 -13.17 2.30
N MET D 285 -26.47 -13.91 1.51
CA MET D 285 -25.15 -14.32 1.99
C MET D 285 -24.08 -13.92 0.99
N VAL D 286 -24.35 -12.87 0.22
CA VAL D 286 -23.37 -12.41 -0.77
C VAL D 286 -22.18 -11.80 -0.03
N THR D 287 -20.98 -12.19 -0.42
CA THR D 287 -19.76 -11.60 0.13
C THR D 287 -19.20 -10.57 -0.87
N ALA D 288 -18.15 -9.86 -0.47
CA ALA D 288 -17.50 -8.89 -1.36
C ALA D 288 -17.04 -9.58 -2.65
N ASP D 289 -16.53 -10.80 -2.54
CA ASP D 289 -16.14 -11.59 -3.72
C ASP D 289 -17.33 -11.93 -4.63
N GLY D 290 -18.49 -12.20 -4.03
CA GLY D 290 -19.74 -12.36 -4.80
C GLY D 290 -20.10 -11.12 -5.59
N PHE D 291 -20.11 -9.98 -4.92
CA PHE D 291 -20.35 -8.71 -5.62
C PHE D 291 -19.27 -8.44 -6.67
N ARG D 292 -18.03 -8.75 -6.36
CA ARG D 292 -16.96 -8.62 -7.35
C ARG D 292 -17.30 -9.40 -8.62
N GLN D 293 -17.69 -10.66 -8.45
CA GLN D 293 -17.99 -11.55 -9.57
C GLN D 293 -19.24 -11.09 -10.32
N MET D 294 -20.25 -10.62 -9.59
CA MET D 294 -21.41 -10.05 -10.27
C MET D 294 -21.02 -8.84 -11.11
N ALA D 295 -20.19 -7.96 -10.56
CA ALA D 295 -19.76 -6.75 -11.22
C ALA D 295 -18.93 -7.10 -12.47
N ARG D 296 -17.94 -7.98 -12.27
CA ARG D 296 -17.09 -8.46 -13.34
C ARG D 296 -17.95 -9.01 -14.48
N ARG D 297 -18.86 -9.93 -14.16
CA ARG D 297 -19.78 -10.45 -15.18
C ARG D 297 -20.56 -9.38 -15.92
N THR D 298 -21.05 -8.40 -15.17
CA THR D 298 -21.94 -7.40 -15.75
C THR D 298 -21.16 -6.40 -16.63
N ILE D 299 -19.98 -5.99 -16.13
CA ILE D 299 -19.10 -5.13 -16.91
C ILE D 299 -18.64 -5.86 -18.19
N ASP D 300 -18.23 -7.12 -18.07
CA ASP D 300 -17.86 -7.91 -19.26
C ASP D 300 -19.00 -8.01 -20.24
N CYS D 301 -20.21 -8.17 -19.72
CA CYS D 301 -21.38 -8.20 -20.56
C CYS D 301 -21.55 -6.88 -21.30
N ALA D 302 -21.38 -5.77 -20.58
CA ALA D 302 -21.46 -4.42 -21.17
C ALA D 302 -20.36 -4.23 -22.22
N ALA D 303 -19.18 -4.78 -21.95
CA ALA D 303 -18.06 -4.74 -22.90
C ALA D 303 -18.46 -5.46 -24.18
N ASP D 304 -19.13 -6.60 -24.03
CA ASP D 304 -19.56 -7.40 -25.16
C ASP D 304 -20.68 -6.78 -25.97
N ILE D 305 -21.61 -6.09 -25.32
CA ILE D 305 -22.84 -5.75 -26.02
C ILE D 305 -23.17 -4.27 -26.22
N CYS D 306 -22.60 -3.40 -25.38
CA CYS D 306 -22.88 -1.96 -25.52
C CYS D 306 -21.63 -1.13 -25.28
N ASP D 307 -20.50 -1.60 -25.82
CA ASP D 307 -19.23 -0.83 -25.86
C ASP D 307 -18.74 -0.48 -24.47
N GLY D 308 -19.04 -1.37 -23.53
CA GLY D 308 -18.66 -1.17 -22.15
C GLY D 308 -19.43 -0.11 -21.39
N ARG D 309 -20.48 0.45 -21.98
CA ARG D 309 -21.23 1.52 -21.30
C ARG D 309 -22.04 0.94 -20.14
N ILE D 310 -21.53 1.17 -18.94
CA ILE D 310 -22.18 0.66 -17.73
C ILE D 310 -21.99 1.68 -16.64
N VAL D 311 -23.11 1.98 -15.97
CA VAL D 311 -23.18 3.00 -14.94
C VAL D 311 -23.76 2.35 -13.68
N PHE D 312 -22.96 2.26 -12.62
CA PHE D 312 -23.43 1.73 -11.35
C PHE D 312 -23.96 2.91 -10.55
N VAL D 313 -25.14 2.70 -9.94
CA VAL D 313 -25.78 3.72 -9.15
C VAL D 313 -26.11 3.09 -7.79
N GLN D 314 -25.61 3.70 -6.73
CA GLN D 314 -25.79 3.14 -5.40
C GLN D 314 -27.27 3.01 -5.03
N GLU D 315 -27.63 1.84 -4.50
CA GLU D 315 -28.94 1.66 -3.89
C GLU D 315 -28.75 1.42 -2.39
N GLY D 316 -29.28 0.33 -1.85
CA GLY D 316 -29.25 0.09 -0.41
C GLY D 316 -28.01 -0.60 0.10
N GLY D 317 -28.09 -1.10 1.32
CA GLY D 317 -26.93 -1.69 1.98
C GLY D 317 -26.76 -1.01 3.33
N TYR D 318 -26.66 -1.82 4.39
CA TYR D 318 -26.82 -1.36 5.74
C TYR D 318 -25.74 -1.86 6.69
N SER D 319 -24.73 -2.54 6.16
CA SER D 319 -23.55 -2.87 6.98
C SER D 319 -22.46 -1.78 6.88
N PRO D 320 -22.38 -0.88 7.87
CA PRO D 320 -21.28 0.08 7.85
C PRO D 320 -19.90 -0.61 7.90
N HIS D 321 -19.86 -1.79 8.53
CA HIS D 321 -18.65 -2.60 8.57
C HIS D 321 -18.30 -3.17 7.18
N TYR D 322 -19.28 -3.79 6.54
CA TYR D 322 -18.97 -4.62 5.40
C TYR D 322 -19.29 -4.04 4.03
N LEU D 323 -20.32 -3.20 3.95
CA LEU D 323 -20.68 -2.55 2.69
C LEU D 323 -19.50 -1.88 1.98
N PRO D 324 -18.67 -1.09 2.69
CA PRO D 324 -17.53 -0.45 2.03
C PRO D 324 -16.70 -1.44 1.22
N PHE D 325 -16.50 -2.64 1.74
CA PHE D 325 -15.69 -3.63 1.04
C PHE D 325 -16.40 -4.27 -0.12
N CYS D 326 -17.71 -4.49 0.01
CA CYS D 326 -18.55 -4.87 -1.10
C CYS D 326 -18.51 -3.83 -2.23
N GLY D 327 -18.72 -2.57 -1.85
CA GLY D 327 -18.65 -1.49 -2.81
C GLY D 327 -17.27 -1.32 -3.43
N LEU D 328 -16.25 -1.34 -2.58
CA LEU D 328 -14.87 -1.30 -3.12
C LEU D 328 -14.66 -2.38 -4.18
N ALA D 329 -15.04 -3.63 -3.87
CA ALA D 329 -14.85 -4.72 -4.82
C ALA D 329 -15.44 -4.40 -6.20
N VAL D 330 -16.64 -3.85 -6.22
CA VAL D 330 -17.27 -3.44 -7.49
C VAL D 330 -16.49 -2.38 -8.26
N ILE D 331 -16.07 -1.34 -7.55
CA ILE D 331 -15.30 -0.27 -8.16
C ILE D 331 -13.93 -0.78 -8.66
N GLU D 332 -13.33 -1.71 -7.92
CA GLU D 332 -12.09 -2.35 -8.37
C GLU D 332 -12.28 -3.10 -9.67
N GLU D 333 -13.44 -3.70 -9.86
CA GLU D 333 -13.76 -4.34 -11.14
C GLU D 333 -13.90 -3.36 -12.30
N LEU D 334 -14.27 -2.12 -11.97
CA LEU D 334 -14.30 -1.05 -12.96
C LEU D 334 -12.90 -0.59 -13.37
N THR D 335 -12.03 -0.39 -12.38
CA THR D 335 -10.67 0.13 -12.66
C THR D 335 -9.67 -0.97 -12.98
N GLY D 336 -9.96 -2.19 -12.55
CA GLY D 336 -8.99 -3.28 -12.67
C GLY D 336 -7.87 -3.16 -11.65
N VAL D 337 -8.01 -2.23 -10.71
CA VAL D 337 -7.01 -2.04 -9.69
C VAL D 337 -7.47 -2.78 -8.43
N ARG D 338 -6.88 -3.94 -8.19
CA ARG D 338 -7.35 -4.82 -7.11
C ARG D 338 -6.33 -4.79 -5.99
N SER D 339 -6.41 -3.74 -5.19
CA SER D 339 -5.30 -3.29 -4.35
C SER D 339 -5.55 -3.48 -2.85
N LEU D 340 -6.63 -4.17 -2.50
CA LEU D 340 -7.01 -4.33 -1.12
C LEU D 340 -7.84 -5.60 -0.94
N PRO D 341 -7.44 -6.45 0.00
CA PRO D 341 -8.30 -7.61 0.25
C PRO D 341 -9.55 -7.21 1.00
N ASP D 342 -10.53 -8.10 0.94
CA ASP D 342 -11.64 -8.07 1.87
C ASP D 342 -11.16 -8.67 3.21
N PRO D 343 -11.00 -7.85 4.26
CA PRO D 343 -10.43 -8.32 5.54
C PRO D 343 -11.39 -9.26 6.29
N TYR D 344 -12.63 -9.34 5.82
CA TYR D 344 -13.66 -10.21 6.38
C TYR D 344 -13.73 -11.54 5.64
N HIS D 345 -12.94 -11.69 4.60
CA HIS D 345 -13.12 -12.81 3.68
C HIS D 345 -13.11 -14.14 4.41
N GLU D 346 -12.09 -14.36 5.23
CA GLU D 346 -11.94 -15.65 5.90
C GLU D 346 -13.03 -15.90 6.95
N PHE D 347 -13.37 -14.86 7.71
CA PHE D 347 -14.47 -14.93 8.68
C PHE D 347 -15.78 -15.37 8.03
N LEU D 348 -16.04 -14.87 6.83
CA LEU D 348 -17.32 -15.13 6.16
C LEU D 348 -17.29 -16.33 5.20
N ALA D 349 -16.10 -16.69 4.74
CA ALA D 349 -15.92 -17.72 3.71
C ALA D 349 -16.47 -19.12 4.06
N GLY D 350 -16.44 -19.49 5.35
CA GLY D 350 -16.96 -20.79 5.74
C GLY D 350 -18.43 -20.80 6.13
N MET D 351 -19.07 -19.63 6.09
CA MET D 351 -20.49 -19.50 6.48
C MET D 351 -21.44 -20.13 5.50
N GLY D 352 -20.99 -20.30 4.27
CA GLY D 352 -21.83 -20.89 3.22
C GLY D 352 -22.36 -19.88 2.23
N GLY D 353 -23.38 -20.28 1.47
CA GLY D 353 -23.90 -19.46 0.36
C GLY D 353 -23.21 -19.76 -0.96
N ASN D 354 -22.13 -20.54 -0.90
CA ASN D 354 -21.29 -20.86 -2.07
C ASN D 354 -21.64 -22.16 -2.80
N THR D 355 -22.74 -22.80 -2.38
CA THR D 355 -23.25 -24.01 -3.00
C THR D 355 -24.65 -23.67 -3.43
N LEU D 356 -24.90 -23.81 -4.72
CA LEU D 356 -26.22 -23.60 -5.26
C LEU D 356 -27.18 -24.66 -4.73
N LEU D 357 -28.08 -24.25 -3.85
CA LEU D 357 -29.04 -25.18 -3.25
C LEU D 357 -30.18 -25.44 -4.21
N ASP D 358 -30.84 -26.60 -4.05
CA ASP D 358 -31.94 -26.96 -4.96
C ASP D 358 -33.04 -25.91 -5.02
N ALA D 359 -33.43 -25.37 -3.86
CA ALA D 359 -34.46 -24.33 -3.79
C ALA D 359 -34.04 -23.06 -4.51
N GLU D 360 -32.74 -22.75 -4.43
CA GLU D 360 -32.16 -21.59 -5.12
C GLU D 360 -32.12 -21.83 -6.62
N ARG D 361 -31.55 -22.96 -7.01
CA ARG D 361 -31.58 -23.36 -8.43
C ARG D 361 -33.02 -23.28 -8.97
N ALA D 362 -33.96 -23.85 -8.22
CA ALA D 362 -35.34 -23.94 -8.65
C ALA D 362 -35.99 -22.57 -8.85
N ALA D 363 -35.74 -21.64 -7.94
CA ALA D 363 -36.29 -20.30 -8.03
C ALA D 363 -35.78 -19.56 -9.27
N ILE D 364 -34.50 -19.78 -9.59
CA ILE D 364 -33.88 -19.15 -10.75
C ILE D 364 -34.44 -19.76 -12.05
N GLU D 365 -34.65 -21.07 -12.02
CA GLU D 365 -35.11 -21.82 -13.19
C GLU D 365 -36.51 -21.39 -13.62
N GLU D 366 -37.33 -21.00 -12.64
CA GLU D 366 -38.63 -20.39 -12.88
C GLU D 366 -38.58 -19.21 -13.86
N ILE D 367 -37.44 -18.51 -13.86
CA ILE D 367 -37.34 -17.26 -14.62
C ILE D 367 -36.86 -17.50 -16.05
N VAL D 368 -36.17 -18.62 -16.25
CA VAL D 368 -35.53 -18.93 -17.54
C VAL D 368 -36.50 -18.82 -18.74
N PRO D 369 -37.73 -19.40 -18.63
CA PRO D 369 -38.70 -19.30 -19.75
C PRO D 369 -39.01 -17.87 -20.18
N LEU D 370 -38.86 -16.90 -19.28
CA LEU D 370 -39.20 -15.51 -19.58
C LEU D 370 -38.23 -14.87 -20.58
N LEU D 371 -37.04 -15.46 -20.69
CA LEU D 371 -36.00 -14.95 -21.61
C LEU D 371 -36.46 -15.03 -23.07
N ALA D 372 -37.21 -16.08 -23.39
CA ALA D 372 -37.76 -16.30 -24.73
C ALA D 372 -38.55 -15.12 -25.28
N ASP D 373 -39.13 -14.32 -24.40
CA ASP D 373 -39.94 -13.18 -24.82
C ASP D 373 -39.18 -11.86 -24.95
N ILE D 374 -37.89 -11.89 -24.69
CA ILE D 374 -37.10 -10.67 -24.76
C ILE D 374 -36.67 -10.36 -26.20
N ARG D 375 -37.41 -9.44 -26.81
CA ARG D 375 -37.01 -8.76 -28.04
C ARG D 375 -36.65 -9.68 -29.19
ZN ZN E . -24.38 -15.46 18.89
K K F . -26.57 -22.01 19.82
K K G . -22.42 -33.27 28.49
CD1 S17 H . -11.63 -14.15 11.44
CE1 S17 H . -11.70 -15.33 10.71
CZ S17 H . -12.43 -16.41 11.21
BR1 S17 H . -12.53 -18.00 10.20
CE2 S17 H . -13.08 -16.32 12.45
CD2 S17 H . -12.99 -15.14 13.18
CG S17 H . -12.27 -14.05 12.67
CB S17 H . -12.14 -12.74 13.45
CA S17 H . -13.35 -11.78 13.37
C S17 H . -13.47 -11.17 11.97
O S17 H . -14.58 -10.93 11.47
OAT S17 H . -12.36 -10.85 11.24
CAA S17 H . -12.45 -9.56 10.58
N S17 H . -14.62 -12.43 13.79
CAV S17 H . -14.87 -12.95 15.02
OAC S17 H . -14.08 -12.96 15.96
CAP S17 H . -16.27 -13.54 15.17
CAN S17 H . -16.91 -13.23 16.54
CAL S17 H . -18.38 -12.81 16.35
CAK S17 H . -19.34 -14.00 16.30
CAM S17 H . -19.72 -14.55 17.68
CAO S17 H . -20.69 -13.62 18.39
CAU S17 H . -21.93 -14.34 18.96
OAB S17 H . -23.01 -13.78 19.01
NAR S17 H . -21.75 -15.58 19.39
OAE S17 H . -22.80 -16.24 19.88
ZN ZN I . 36.05 10.88 -0.26
K K J . 34.45 9.54 6.33
K K K . 42.16 8.87 18.93
CD1 S17 L . 45.55 2.32 -7.19
CE1 S17 L . 46.91 2.11 -7.36
CZ S17 L . 47.36 1.31 -8.41
BR1 S17 L . 49.21 1.04 -8.62
CE2 S17 L . 46.46 0.71 -9.29
CD2 S17 L . 45.10 0.92 -9.11
CG S17 L . 44.65 1.73 -8.07
CB S17 L . 43.16 1.96 -7.87
CA S17 L . 42.62 3.06 -8.78
C S17 L . 41.76 2.39 -9.87
O S17 L . 40.56 2.65 -9.97
OAT S17 L . 42.32 1.48 -10.72
CAA S17 L . 42.15 1.84 -12.09
N S17 L . 41.80 4.04 -8.02
CAV S17 L . 41.91 4.36 -6.72
OAC S17 L . 42.72 3.88 -5.93
CAP S17 L . 40.90 5.43 -6.28
CAN S17 L . 40.97 5.78 -4.79
CAL S17 L . 40.61 7.25 -4.55
CAK S17 L . 39.15 7.41 -4.15
CAM S17 L . 39.04 8.18 -2.82
CAO S17 L . 38.92 9.69 -3.02
CAU S17 L . 38.22 10.36 -1.83
OAB S17 L . 37.32 11.19 -1.98
NAR S17 L . 38.62 9.97 -0.64
OAE S17 L . 38.04 10.48 0.47
C1 GOL M . 2.73 2.81 -5.70
O1 GOL M . 2.32 4.00 -6.36
C2 GOL M . 2.06 1.58 -6.34
O2 GOL M . 2.04 1.72 -7.74
C3 GOL M . 2.75 0.28 -5.92
O3 GOL M . 3.91 0.03 -6.68
ZN ZN N . 19.83 6.21 -18.08
K K O . 15.66 0.69 -17.53
K K P . 3.63 -3.91 -24.74
CD1 S17 Q . 14.32 19.46 -12.71
CE1 S17 Q . 13.39 18.87 -11.86
CZ S17 Q . 12.79 17.66 -12.20
BR1 S17 Q . 11.51 16.88 -11.04
CE2 S17 Q . 13.13 17.02 -13.39
CD2 S17 Q . 14.07 17.61 -14.25
CG S17 Q . 14.67 18.82 -13.91
CB S17 Q . 15.69 19.48 -14.84
CA S17 Q . 17.09 18.85 -14.78
C S17 Q . 17.72 19.13 -13.41
O S17 Q . 18.43 18.29 -12.85
OAT S17 Q . 17.51 20.33 -12.78
CAA S17 Q . 18.72 21.05 -12.52
N S17 Q . 16.97 17.41 -15.07
CAV S17 Q . 17.80 16.73 -15.86
OAC S17 Q . 18.79 17.22 -16.42
CAP S17 Q . 17.45 15.26 -16.02
CAN S17 Q . 18.64 14.43 -16.46
CAL S17 Q . 18.18 13.06 -16.94
CAK S17 Q . 19.17 11.99 -16.53
CAM S17 Q . 18.69 10.63 -17.02
CAO S17 Q . 19.20 10.33 -18.43
CAU S17 Q . 19.30 8.82 -18.68
OAB S17 Q . 20.38 8.25 -18.71
NAR S17 Q . 18.14 8.19 -18.84
OAE S17 Q . 18.12 6.84 -19.05
C1 GOL R . -2.46 0.36 -7.25
O1 GOL R . -1.71 -0.52 -6.43
C2 GOL R . -1.64 0.76 -8.47
O2 GOL R . -2.26 0.27 -9.65
C3 GOL R . -1.45 2.27 -8.59
O3 GOL R . -1.29 2.91 -7.35
ZN ZN S . -32.35 -2.51 -0.45
ZN ZN T . -5.22 3.59 -12.55
K K U . -33.43 -5.66 -6.49
K K V . -39.92 -1.91 -19.24
CD1 S17 W . -44.38 -1.24 8.72
CE1 S17 W . -45.07 -2.30 8.15
CZ S17 W . -44.85 -2.66 6.83
BR1 S17 W . -45.82 -4.13 6.10
CE2 S17 W . -43.94 -1.96 6.05
CD2 S17 W . -43.24 -0.88 6.61
CG S17 W . -43.46 -0.53 7.95
CB S17 W . -42.72 0.65 8.60
CA S17 W . -41.27 0.32 8.95
C S17 W . -41.18 -0.71 10.07
O S17 W . -40.40 -1.67 9.96
OAT S17 W . -41.96 -0.60 11.19
CAA S17 W . -41.22 -0.51 12.42
N S17 W . -40.63 -0.21 7.73
CAV S17 W . -39.64 0.39 7.08
OAC S17 W . -39.14 1.46 7.42
CAP S17 W . -39.18 -0.36 5.84
CAN S17 W . -37.92 0.26 5.26
CAL S17 W . -37.54 -0.43 3.95
CAK S17 W . -36.11 -0.89 4.04
CAM S17 W . -35.61 -1.20 2.65
CAO S17 W . -34.69 -0.12 2.13
CAU S17 W . -33.85 -0.70 0.97
OAB S17 W . -32.68 -1.03 1.12
NAR S17 W . -34.50 -0.84 -0.16
OAE S17 W . -33.84 -1.37 -1.23
CL CL X . -4.11 1.68 -13.18
#